data_6S2Z
# 
_entry.id   6S2Z 
# 
_audit_conform.dict_name       mmcif_pdbx.dic 
_audit_conform.dict_version    5.397 
_audit_conform.dict_location   http://mmcif.pdb.org/dictionaries/ascii/mmcif_pdbx.dic 
# 
loop_
_database_2.database_id 
_database_2.database_code 
_database_2.pdbx_database_accession 
_database_2.pdbx_DOI 
PDB   6S2Z         pdb_00006s2z 10.2210/pdb6s2z/pdb 
WWPDB D_1292103054 ?            ?                   
# 
loop_
_pdbx_audit_revision_history.ordinal 
_pdbx_audit_revision_history.data_content_type 
_pdbx_audit_revision_history.major_revision 
_pdbx_audit_revision_history.minor_revision 
_pdbx_audit_revision_history.revision_date 
1 'Structure model' 1 0 2019-12-18 
2 'Structure model' 1 1 2024-01-24 
3 'Structure model' 1 2 2024-10-09 
# 
_pdbx_audit_revision_details.ordinal             1 
_pdbx_audit_revision_details.revision_ordinal    1 
_pdbx_audit_revision_details.data_content_type   'Structure model' 
_pdbx_audit_revision_details.provider            repository 
_pdbx_audit_revision_details.type                'Initial release' 
_pdbx_audit_revision_details.description         ? 
_pdbx_audit_revision_details.details             ? 
# 
loop_
_pdbx_audit_revision_group.ordinal 
_pdbx_audit_revision_group.revision_ordinal 
_pdbx_audit_revision_group.data_content_type 
_pdbx_audit_revision_group.group 
1 2 'Structure model' 'Data collection'        
2 2 'Structure model' 'Database references'    
3 2 'Structure model' 'Refinement description' 
4 3 'Structure model' 'Structure summary'      
# 
loop_
_pdbx_audit_revision_category.ordinal 
_pdbx_audit_revision_category.revision_ordinal 
_pdbx_audit_revision_category.data_content_type 
_pdbx_audit_revision_category.category 
1 2 'Structure model' chem_comp_atom                
2 2 'Structure model' chem_comp_bond                
3 2 'Structure model' database_2                    
4 2 'Structure model' pdbx_initial_refinement_model 
5 3 'Structure model' pdbx_entry_details            
6 3 'Structure model' pdbx_modification_feature     
# 
loop_
_pdbx_audit_revision_item.ordinal 
_pdbx_audit_revision_item.revision_ordinal 
_pdbx_audit_revision_item.data_content_type 
_pdbx_audit_revision_item.item 
1 2 'Structure model' '_database_2.pdbx_DOI'                         
2 2 'Structure model' '_database_2.pdbx_database_accession'          
3 3 'Structure model' '_pdbx_entry_details.has_protein_modification' 
# 
_pdbx_database_status.status_code                     REL 
_pdbx_database_status.status_code_sf                  REL 
_pdbx_database_status.status_code_mr                  ? 
_pdbx_database_status.entry_id                        6S2Z 
_pdbx_database_status.recvd_initial_deposition_date   2019-06-23 
_pdbx_database_status.SG_entry                        N 
_pdbx_database_status.deposit_site                    PDBE 
_pdbx_database_status.process_site                    PDBE 
_pdbx_database_status.status_code_cs                  ? 
_pdbx_database_status.methods_development_category    ? 
_pdbx_database_status.pdb_format_compatible           Y 
_pdbx_database_status.status_code_nmr_data            ? 
# 
loop_
_audit_author.name 
_audit_author.pdbx_ordinal 
_audit_author.identifier_ORCID 
'Agostini, A.'  1 ? 
'Meneghin, E.'  2 ? 
'Gewehr, L.'    3 ? 
'Pedron, D.'    4 ? 
'Palm, D.M.'    5 ? 
'Carbonera, D.' 6 ? 
'Paulsen, H.'   7 ? 
'Jaenicke, E.'  8 ? 
'Collini, E.'   9 ? 
# 
_citation.abstract                  ? 
_citation.abstract_id_CAS           ? 
_citation.book_id_ISBN              ? 
_citation.book_publisher            ? 
_citation.book_publisher_city       ? 
_citation.book_title                ? 
_citation.coordinate_linkage        ? 
_citation.country                   UK 
_citation.database_id_Medline       ? 
_citation.details                   ? 
_citation.id                        primary 
_citation.journal_abbrev            'Sci Rep' 
_citation.journal_id_ASTM           ? 
_citation.journal_id_CSD            ? 
_citation.journal_id_ISSN           2045-2322 
_citation.journal_full              ? 
_citation.journal_issue             ? 
_citation.journal_volume            9 
_citation.language                  ? 
_citation.page_first                18255 
_citation.page_last                 18255 
_citation.title                     
'How water-mediated hydrogen bonds affect chlorophyll a/b selectivity in Water-Soluble Chlorophyll Protein.' 
_citation.year                      2019 
_citation.database_id_CSD           ? 
_citation.pdbx_database_id_DOI      10.1038/s41598-019-54520-4 
_citation.pdbx_database_id_PubMed   31796824 
_citation.unpublished_flag          ? 
# 
loop_
_citation_author.citation_id 
_citation_author.name 
_citation_author.ordinal 
_citation_author.identifier_ORCID 
primary 'Agostini, A.'  1 ? 
primary 'Meneghin, E.'  2 ? 
primary 'Gewehr, L.'    3 ? 
primary 'Pedron, D.'    4 ? 
primary 'Palm, D.M.'    5 ? 
primary 'Carbonera, D.' 6 ? 
primary 'Paulsen, H.'   7 ? 
primary 'Jaenicke, E.'  8 ? 
primary 'Collini, E.'   9 ? 
# 
loop_
_entity.id 
_entity.type 
_entity.src_method 
_entity.pdbx_description 
_entity.formula_weight 
_entity.pdbx_number_of_molecules 
_entity.pdbx_ec 
_entity.pdbx_mutation 
_entity.pdbx_fragment 
_entity.details 
1 polymer     man 'Water-Soluble Chlorophyll Protein' 19171.729 1  ? ? ? ? 
2 non-polymer syn 'CHLOROPHYLL B'                     907.472   1  ? ? ? ? 
3 water       nat water                               18.015    22 ? ? ? ? 
# 
_entity_poly.entity_id                      1 
_entity_poly.type                           'polypeptide(L)' 
_entity_poly.nstd_linkage                   no 
_entity_poly.nstd_monomer                   no 
_entity_poly.pdbx_seq_one_letter_code       
;REQVKDSNGNPVKRGAKYFIQPAKSNGGGLVPAAINILPFCPLGITQTLLPYQPGLPVSFGYEPVIVGTDYIYTSTTINI
EFRSEIWPVCNELSKLWAVDVSSSAAKEPAIIIGGERTAPNSLFKIEEATGAHTYKLTTSSGTVGTIPGPWLGAPQLIAT
NDDAKTLFVKFVKVDDDAT
;
_entity_poly.pdbx_seq_one_letter_code_can   
;REQVKDSNGNPVKRGAKYFIQPAKSNGGGLVPAAINILPFCPLGITQTLLPYQPGLPVSFGYEPVIVGTDYIYTSTTINI
EFRSEIWPVCNELSKLWAVDVSSSAAKEPAIIIGGERTAPNSLFKIEEATGAHTYKLTTSSGTVGTIPGPWLGAPQLIAT
NDDAKTLFVKFVKVDDDAT
;
_entity_poly.pdbx_strand_id                 A 
_entity_poly.pdbx_target_identifier         ? 
# 
loop_
_pdbx_entity_nonpoly.entity_id 
_pdbx_entity_nonpoly.name 
_pdbx_entity_nonpoly.comp_id 
2 'CHLOROPHYLL B' CHL 
3 water           HOH 
# 
loop_
_entity_poly_seq.entity_id 
_entity_poly_seq.num 
_entity_poly_seq.mon_id 
_entity_poly_seq.hetero 
1 1   ARG n 
1 2   GLU n 
1 3   GLN n 
1 4   VAL n 
1 5   LYS n 
1 6   ASP n 
1 7   SER n 
1 8   ASN n 
1 9   GLY n 
1 10  ASN n 
1 11  PRO n 
1 12  VAL n 
1 13  LYS n 
1 14  ARG n 
1 15  GLY n 
1 16  ALA n 
1 17  LYS n 
1 18  TYR n 
1 19  PHE n 
1 20  ILE n 
1 21  GLN n 
1 22  PRO n 
1 23  ALA n 
1 24  LYS n 
1 25  SER n 
1 26  ASN n 
1 27  GLY n 
1 28  GLY n 
1 29  GLY n 
1 30  LEU n 
1 31  VAL n 
1 32  PRO n 
1 33  ALA n 
1 34  ALA n 
1 35  ILE n 
1 36  ASN n 
1 37  ILE n 
1 38  LEU n 
1 39  PRO n 
1 40  PHE n 
1 41  CYS n 
1 42  PRO n 
1 43  LEU n 
1 44  GLY n 
1 45  ILE n 
1 46  THR n 
1 47  GLN n 
1 48  THR n 
1 49  LEU n 
1 50  LEU n 
1 51  PRO n 
1 52  TYR n 
1 53  GLN n 
1 54  PRO n 
1 55  GLY n 
1 56  LEU n 
1 57  PRO n 
1 58  VAL n 
1 59  SER n 
1 60  PHE n 
1 61  GLY n 
1 62  TYR n 
1 63  GLU n 
1 64  PRO n 
1 65  VAL n 
1 66  ILE n 
1 67  VAL n 
1 68  GLY n 
1 69  THR n 
1 70  ASP n 
1 71  TYR n 
1 72  ILE n 
1 73  TYR n 
1 74  THR n 
1 75  SER n 
1 76  THR n 
1 77  THR n 
1 78  ILE n 
1 79  ASN n 
1 80  ILE n 
1 81  GLU n 
1 82  PHE n 
1 83  ARG n 
1 84  SER n 
1 85  GLU n 
1 86  ILE n 
1 87  TRP n 
1 88  PRO n 
1 89  VAL n 
1 90  CYS n 
1 91  ASN n 
1 92  GLU n 
1 93  LEU n 
1 94  SER n 
1 95  LYS n 
1 96  LEU n 
1 97  TRP n 
1 98  ALA n 
1 99  VAL n 
1 100 ASP n 
1 101 VAL n 
1 102 SER n 
1 103 SER n 
1 104 SER n 
1 105 ALA n 
1 106 ALA n 
1 107 LYS n 
1 108 GLU n 
1 109 PRO n 
1 110 ALA n 
1 111 ILE n 
1 112 ILE n 
1 113 ILE n 
1 114 GLY n 
1 115 GLY n 
1 116 GLU n 
1 117 ARG n 
1 118 THR n 
1 119 ALA n 
1 120 PRO n 
1 121 ASN n 
1 122 SER n 
1 123 LEU n 
1 124 PHE n 
1 125 LYS n 
1 126 ILE n 
1 127 GLU n 
1 128 GLU n 
1 129 ALA n 
1 130 THR n 
1 131 GLY n 
1 132 ALA n 
1 133 HIS n 
1 134 THR n 
1 135 TYR n 
1 136 LYS n 
1 137 LEU n 
1 138 THR n 
1 139 THR n 
1 140 SER n 
1 141 SER n 
1 142 GLY n 
1 143 THR n 
1 144 VAL n 
1 145 GLY n 
1 146 THR n 
1 147 ILE n 
1 148 PRO n 
1 149 GLY n 
1 150 PRO n 
1 151 TRP n 
1 152 LEU n 
1 153 GLY n 
1 154 ALA n 
1 155 PRO n 
1 156 GLN n 
1 157 LEU n 
1 158 ILE n 
1 159 ALA n 
1 160 THR n 
1 161 ASN n 
1 162 ASP n 
1 163 ASP n 
1 164 ALA n 
1 165 LYS n 
1 166 THR n 
1 167 LEU n 
1 168 PHE n 
1 169 VAL n 
1 170 LYS n 
1 171 PHE n 
1 172 VAL n 
1 173 LYS n 
1 174 VAL n 
1 175 ASP n 
1 176 ASP n 
1 177 ASP n 
1 178 ALA n 
1 179 THR n 
# 
_entity_src_gen.entity_id                          1 
_entity_src_gen.pdbx_src_id                        1 
_entity_src_gen.pdbx_alt_source_flag               sample 
_entity_src_gen.pdbx_seq_type                      'Biological sequence' 
_entity_src_gen.pdbx_beg_seq_num                   1 
_entity_src_gen.pdbx_end_seq_num                   179 
_entity_src_gen.gene_src_common_name               Cauliflower 
_entity_src_gen.gene_src_genus                     ? 
_entity_src_gen.pdbx_gene_src_gene                 WSCP1 
_entity_src_gen.gene_src_species                   ? 
_entity_src_gen.gene_src_strain                    ? 
_entity_src_gen.gene_src_tissue                    ? 
_entity_src_gen.gene_src_tissue_fraction           ? 
_entity_src_gen.gene_src_details                   ? 
_entity_src_gen.pdbx_gene_src_fragment             ? 
_entity_src_gen.pdbx_gene_src_scientific_name      'Brassica oleracea var. botrytis' 
_entity_src_gen.pdbx_gene_src_ncbi_taxonomy_id     3715 
_entity_src_gen.pdbx_gene_src_variant              'Brassica oleracea var Botrytis' 
_entity_src_gen.pdbx_gene_src_cell_line            ? 
_entity_src_gen.pdbx_gene_src_atcc                 ? 
_entity_src_gen.pdbx_gene_src_organ                ? 
_entity_src_gen.pdbx_gene_src_organelle            ? 
_entity_src_gen.pdbx_gene_src_cell                 ? 
_entity_src_gen.pdbx_gene_src_cellular_location    ? 
_entity_src_gen.host_org_common_name               ? 
_entity_src_gen.pdbx_host_org_scientific_name      'Escherichia coli BL21' 
_entity_src_gen.pdbx_host_org_ncbi_taxonomy_id     511693 
_entity_src_gen.host_org_genus                     ? 
_entity_src_gen.pdbx_host_org_gene                 ? 
_entity_src_gen.pdbx_host_org_organ                ? 
_entity_src_gen.host_org_species                   ? 
_entity_src_gen.pdbx_host_org_tissue               ? 
_entity_src_gen.pdbx_host_org_tissue_fraction      ? 
_entity_src_gen.pdbx_host_org_strain               ? 
_entity_src_gen.pdbx_host_org_variant              ? 
_entity_src_gen.pdbx_host_org_cell_line            ? 
_entity_src_gen.pdbx_host_org_atcc                 ? 
_entity_src_gen.pdbx_host_org_culture_collection   ? 
_entity_src_gen.pdbx_host_org_cell                 ? 
_entity_src_gen.pdbx_host_org_organelle            ? 
_entity_src_gen.pdbx_host_org_cellular_location    ? 
_entity_src_gen.pdbx_host_org_vector_type          ? 
_entity_src_gen.pdbx_host_org_vector               ? 
_entity_src_gen.host_org_details                   ? 
_entity_src_gen.expression_system_id               ? 
_entity_src_gen.plasmid_name                       ? 
_entity_src_gen.plasmid_details                    ? 
_entity_src_gen.pdbx_description                   ? 
# 
loop_
_chem_comp.id 
_chem_comp.type 
_chem_comp.mon_nstd_flag 
_chem_comp.name 
_chem_comp.pdbx_synonyms 
_chem_comp.formula 
_chem_comp.formula_weight 
ALA 'L-peptide linking' y ALANINE         ? 'C3 H7 N O2'         89.093  
ARG 'L-peptide linking' y ARGININE        ? 'C6 H15 N4 O2 1'     175.209 
ASN 'L-peptide linking' y ASPARAGINE      ? 'C4 H8 N2 O3'        132.118 
ASP 'L-peptide linking' y 'ASPARTIC ACID' ? 'C4 H7 N O4'         133.103 
CHL non-polymer         . 'CHLOROPHYLL B' ? 'C55 H70 Mg N4 O6 2' 907.472 
CYS 'L-peptide linking' y CYSTEINE        ? 'C3 H7 N O2 S'       121.158 
GLN 'L-peptide linking' y GLUTAMINE       ? 'C5 H10 N2 O3'       146.144 
GLU 'L-peptide linking' y 'GLUTAMIC ACID' ? 'C5 H9 N O4'         147.129 
GLY 'peptide linking'   y GLYCINE         ? 'C2 H5 N O2'         75.067  
HIS 'L-peptide linking' y HISTIDINE       ? 'C6 H10 N3 O2 1'     156.162 
HOH non-polymer         . WATER           ? 'H2 O'               18.015  
ILE 'L-peptide linking' y ISOLEUCINE      ? 'C6 H13 N O2'        131.173 
LEU 'L-peptide linking' y LEUCINE         ? 'C6 H13 N O2'        131.173 
LYS 'L-peptide linking' y LYSINE          ? 'C6 H15 N2 O2 1'     147.195 
PHE 'L-peptide linking' y PHENYLALANINE   ? 'C9 H11 N O2'        165.189 
PRO 'L-peptide linking' y PROLINE         ? 'C5 H9 N O2'         115.130 
SER 'L-peptide linking' y SERINE          ? 'C3 H7 N O3'         105.093 
THR 'L-peptide linking' y THREONINE       ? 'C4 H9 N O3'         119.119 
TRP 'L-peptide linking' y TRYPTOPHAN      ? 'C11 H12 N2 O2'      204.225 
TYR 'L-peptide linking' y TYROSINE        ? 'C9 H11 N O3'        181.189 
VAL 'L-peptide linking' y VALINE          ? 'C5 H11 N O2'        117.146 
# 
loop_
_pdbx_poly_seq_scheme.asym_id 
_pdbx_poly_seq_scheme.entity_id 
_pdbx_poly_seq_scheme.seq_id 
_pdbx_poly_seq_scheme.mon_id 
_pdbx_poly_seq_scheme.ndb_seq_num 
_pdbx_poly_seq_scheme.pdb_seq_num 
_pdbx_poly_seq_scheme.auth_seq_num 
_pdbx_poly_seq_scheme.pdb_mon_id 
_pdbx_poly_seq_scheme.auth_mon_id 
_pdbx_poly_seq_scheme.pdb_strand_id 
_pdbx_poly_seq_scheme.pdb_ins_code 
_pdbx_poly_seq_scheme.hetero 
A 1 1   ARG 1   1   1   ARG ARG A . n 
A 1 2   GLU 2   2   2   GLU GLU A . n 
A 1 3   GLN 3   3   3   GLN GLN A . n 
A 1 4   VAL 4   4   4   VAL VAL A . n 
A 1 5   LYS 5   5   5   LYS LYS A . n 
A 1 6   ASP 6   6   6   ASP ASP A . n 
A 1 7   SER 7   7   7   SER SER A . n 
A 1 8   ASN 8   8   8   ASN ASN A . n 
A 1 9   GLY 9   9   9   GLY GLY A . n 
A 1 10  ASN 10  10  10  ASN ASN A . n 
A 1 11  PRO 11  11  11  PRO PRO A . n 
A 1 12  VAL 12  12  12  VAL VAL A . n 
A 1 13  LYS 13  13  13  LYS LYS A . n 
A 1 14  ARG 14  14  14  ARG ARG A . n 
A 1 15  GLY 15  15  15  GLY GLY A . n 
A 1 16  ALA 16  16  16  ALA ALA A . n 
A 1 17  LYS 17  17  17  LYS LYS A . n 
A 1 18  TYR 18  18  18  TYR TYR A . n 
A 1 19  PHE 19  19  19  PHE PHE A . n 
A 1 20  ILE 20  20  20  ILE ILE A . n 
A 1 21  GLN 21  21  21  GLN GLN A . n 
A 1 22  PRO 22  22  22  PRO PRO A . n 
A 1 23  ALA 23  23  23  ALA ALA A . n 
A 1 24  LYS 24  24  24  LYS LYS A . n 
A 1 25  SER 25  25  25  SER SER A . n 
A 1 26  ASN 26  26  26  ASN ASN A . n 
A 1 27  GLY 27  27  27  GLY GLY A . n 
A 1 28  GLY 28  28  28  GLY GLY A . n 
A 1 29  GLY 29  29  29  GLY GLY A . n 
A 1 30  LEU 30  30  30  LEU LEU A . n 
A 1 31  VAL 31  31  31  VAL VAL A . n 
A 1 32  PRO 32  32  32  PRO PRO A . n 
A 1 33  ALA 33  33  33  ALA ALA A . n 
A 1 34  ALA 34  34  34  ALA ALA A . n 
A 1 35  ILE 35  35  35  ILE ILE A . n 
A 1 36  ASN 36  36  36  ASN ASN A . n 
A 1 37  ILE 37  37  37  ILE ILE A . n 
A 1 38  LEU 38  38  38  LEU LEU A . n 
A 1 39  PRO 39  39  39  PRO PRO A . n 
A 1 40  PHE 40  40  40  PHE PHE A . n 
A 1 41  CYS 41  41  41  CYS CYS A . n 
A 1 42  PRO 42  42  42  PRO PRO A . n 
A 1 43  LEU 43  43  43  LEU LEU A . n 
A 1 44  GLY 44  44  44  GLY GLY A . n 
A 1 45  ILE 45  45  45  ILE ILE A . n 
A 1 46  THR 46  46  46  THR THR A . n 
A 1 47  GLN 47  47  47  GLN GLN A . n 
A 1 48  THR 48  48  48  THR THR A . n 
A 1 49  LEU 49  49  49  LEU LEU A . n 
A 1 50  LEU 50  50  50  LEU LEU A . n 
A 1 51  PRO 51  51  51  PRO PRO A . n 
A 1 52  TYR 52  52  52  TYR TYR A . n 
A 1 53  GLN 53  53  53  GLN GLN A . n 
A 1 54  PRO 54  54  54  PRO PRO A . n 
A 1 55  GLY 55  55  55  GLY GLY A . n 
A 1 56  LEU 56  56  56  LEU LEU A . n 
A 1 57  PRO 57  57  57  PRO PRO A . n 
A 1 58  VAL 58  58  58  VAL VAL A . n 
A 1 59  SER 59  59  59  SER SER A . n 
A 1 60  PHE 60  60  60  PHE PHE A . n 
A 1 61  GLY 61  61  61  GLY GLY A . n 
A 1 62  TYR 62  62  62  TYR TYR A . n 
A 1 63  GLU 63  63  63  GLU GLU A . n 
A 1 64  PRO 64  64  64  PRO PRO A . n 
A 1 65  VAL 65  65  65  VAL VAL A . n 
A 1 66  ILE 66  66  66  ILE ILE A . n 
A 1 67  VAL 67  67  67  VAL VAL A . n 
A 1 68  GLY 68  68  68  GLY GLY A . n 
A 1 69  THR 69  69  69  THR THR A . n 
A 1 70  ASP 70  70  70  ASP ASP A . n 
A 1 71  TYR 71  71  71  TYR TYR A . n 
A 1 72  ILE 72  72  72  ILE ILE A . n 
A 1 73  TYR 73  73  73  TYR TYR A . n 
A 1 74  THR 74  74  74  THR THR A . n 
A 1 75  SER 75  75  75  SER SER A . n 
A 1 76  THR 76  76  76  THR THR A . n 
A 1 77  THR 77  77  77  THR THR A . n 
A 1 78  ILE 78  78  78  ILE ILE A . n 
A 1 79  ASN 79  79  79  ASN ASN A . n 
A 1 80  ILE 80  80  80  ILE ILE A . n 
A 1 81  GLU 81  81  81  GLU GLU A . n 
A 1 82  PHE 82  82  82  PHE PHE A . n 
A 1 83  ARG 83  83  83  ARG ARG A . n 
A 1 84  SER 84  84  84  SER SER A . n 
A 1 85  GLU 85  85  85  GLU GLU A . n 
A 1 86  ILE 86  86  86  ILE ILE A . n 
A 1 87  TRP 87  87  87  TRP TRP A . n 
A 1 88  PRO 88  88  88  PRO PRO A . n 
A 1 89  VAL 89  89  89  VAL VAL A . n 
A 1 90  CYS 90  90  90  CYS CYS A . n 
A 1 91  ASN 91  91  91  ASN ASN A . n 
A 1 92  GLU 92  92  92  GLU GLU A . n 
A 1 93  LEU 93  93  93  LEU LEU A . n 
A 1 94  SER 94  94  94  SER SER A . n 
A 1 95  LYS 95  95  95  LYS LYS A . n 
A 1 96  LEU 96  96  96  LEU LEU A . n 
A 1 97  TRP 97  97  97  TRP TRP A . n 
A 1 98  ALA 98  98  98  ALA ALA A . n 
A 1 99  VAL 99  99  99  VAL VAL A . n 
A 1 100 ASP 100 100 100 ASP ASP A . n 
A 1 101 VAL 101 101 101 VAL VAL A . n 
A 1 102 SER 102 102 102 SER SER A . n 
A 1 103 SER 103 103 103 SER SER A . n 
A 1 104 SER 104 104 104 SER SER A . n 
A 1 105 ALA 105 105 105 ALA ALA A . n 
A 1 106 ALA 106 106 106 ALA ALA A . n 
A 1 107 LYS 107 107 107 LYS LYS A . n 
A 1 108 GLU 108 108 108 GLU GLU A . n 
A 1 109 PRO 109 109 109 PRO PRO A . n 
A 1 110 ALA 110 110 110 ALA ALA A . n 
A 1 111 ILE 111 111 111 ILE ILE A . n 
A 1 112 ILE 112 112 112 ILE ILE A . n 
A 1 113 ILE 113 113 113 ILE ILE A . n 
A 1 114 GLY 114 114 114 GLY GLY A . n 
A 1 115 GLY 115 115 115 GLY GLY A . n 
A 1 116 GLU 116 116 116 GLU GLU A . n 
A 1 117 ARG 117 117 117 ARG ARG A . n 
A 1 118 THR 118 118 118 THR THR A . n 
A 1 119 ALA 119 119 119 ALA ALA A . n 
A 1 120 PRO 120 120 120 PRO PRO A . n 
A 1 121 ASN 121 121 121 ASN ASN A . n 
A 1 122 SER 122 122 122 SER SER A . n 
A 1 123 LEU 123 123 123 LEU LEU A . n 
A 1 124 PHE 124 124 124 PHE PHE A . n 
A 1 125 LYS 125 125 125 LYS LYS A . n 
A 1 126 ILE 126 126 126 ILE ILE A . n 
A 1 127 GLU 127 127 127 GLU GLU A . n 
A 1 128 GLU 128 128 128 GLU GLU A . n 
A 1 129 ALA 129 129 129 ALA ALA A . n 
A 1 130 THR 130 130 130 THR THR A . n 
A 1 131 GLY 131 131 131 GLY GLY A . n 
A 1 132 ALA 132 132 132 ALA ALA A . n 
A 1 133 HIS 133 133 133 HIS HIS A . n 
A 1 134 THR 134 134 134 THR THR A . n 
A 1 135 TYR 135 135 135 TYR TYR A . n 
A 1 136 LYS 136 136 136 LYS LYS A . n 
A 1 137 LEU 137 137 137 LEU LEU A . n 
A 1 138 THR 138 138 138 THR THR A . n 
A 1 139 THR 139 139 139 THR THR A . n 
A 1 140 SER 140 140 140 SER SER A . n 
A 1 141 SER 141 141 141 SER SER A . n 
A 1 142 GLY 142 142 142 GLY GLY A . n 
A 1 143 THR 143 143 143 THR THR A . n 
A 1 144 VAL 144 144 144 VAL VAL A . n 
A 1 145 GLY 145 145 145 GLY GLY A . n 
A 1 146 THR 146 146 146 THR THR A . n 
A 1 147 ILE 147 147 147 ILE ILE A . n 
A 1 148 PRO 148 148 148 PRO PRO A . n 
A 1 149 GLY 149 149 149 GLY GLY A . n 
A 1 150 PRO 150 150 150 PRO PRO A . n 
A 1 151 TRP 151 151 151 TRP TRP A . n 
A 1 152 LEU 152 152 152 LEU LEU A . n 
A 1 153 GLY 153 153 153 GLY GLY A . n 
A 1 154 ALA 154 154 154 ALA ALA A . n 
A 1 155 PRO 155 155 155 PRO PRO A . n 
A 1 156 GLN 156 156 156 GLN GLN A . n 
A 1 157 LEU 157 157 157 LEU LEU A . n 
A 1 158 ILE 158 158 158 ILE ILE A . n 
A 1 159 ALA 159 159 159 ALA ALA A . n 
A 1 160 THR 160 160 160 THR THR A . n 
A 1 161 ASN 161 161 161 ASN ASN A . n 
A 1 162 ASP 162 162 162 ASP ASP A . n 
A 1 163 ASP 163 163 163 ASP ASP A . n 
A 1 164 ALA 164 164 164 ALA ALA A . n 
A 1 165 LYS 165 165 165 LYS LYS A . n 
A 1 166 THR 166 166 166 THR THR A . n 
A 1 167 LEU 167 167 167 LEU LEU A . n 
A 1 168 PHE 168 168 168 PHE PHE A . n 
A 1 169 VAL 169 169 169 VAL VAL A . n 
A 1 170 LYS 170 170 170 LYS LYS A . n 
A 1 171 PHE 171 171 171 PHE PHE A . n 
A 1 172 VAL 172 172 172 VAL VAL A . n 
A 1 173 LYS 173 173 173 LYS LYS A . n 
A 1 174 VAL 174 174 174 VAL VAL A . n 
A 1 175 ASP 175 175 175 ASP ASP A . n 
A 1 176 ASP 176 176 ?   ?   ?   A . n 
A 1 177 ASP 177 177 ?   ?   ?   A . n 
A 1 178 ALA 178 178 ?   ?   ?   A . n 
A 1 179 THR 179 179 ?   ?   ?   A . n 
# 
loop_
_pdbx_nonpoly_scheme.asym_id 
_pdbx_nonpoly_scheme.entity_id 
_pdbx_nonpoly_scheme.mon_id 
_pdbx_nonpoly_scheme.ndb_seq_num 
_pdbx_nonpoly_scheme.pdb_seq_num 
_pdbx_nonpoly_scheme.auth_seq_num 
_pdbx_nonpoly_scheme.pdb_mon_id 
_pdbx_nonpoly_scheme.auth_mon_id 
_pdbx_nonpoly_scheme.pdb_strand_id 
_pdbx_nonpoly_scheme.pdb_ins_code 
B 2 CHL 1  1001 1001 CHL CHL A . 
C 3 HOH 1  1101 1101 HOH HOH A . 
C 3 HOH 2  1102 1130 HOH HOH A . 
C 3 HOH 3  1103 1134 HOH HOH A . 
C 3 HOH 4  1104 1133 HOH HOH A . 
C 3 HOH 5  1105 1116 HOH HOH A . 
C 3 HOH 6  1106 1128 HOH HOH A . 
C 3 HOH 7  1107 1106 HOH HOH A . 
C 3 HOH 8  1108 1132 HOH HOH A . 
C 3 HOH 9  1109 1127 HOH HOH A . 
C 3 HOH 10 1110 1103 HOH HOH A . 
C 3 HOH 11 1111 1109 HOH HOH A . 
C 3 HOH 12 1112 1131 HOH HOH A . 
C 3 HOH 13 1113 1111 HOH HOH A . 
C 3 HOH 14 1114 1110 HOH HOH A . 
C 3 HOH 15 1115 1129 HOH HOH A . 
C 3 HOH 16 1116 1114 HOH HOH A . 
C 3 HOH 17 1117 1112 HOH HOH A . 
C 3 HOH 18 1118 1115 HOH HOH A . 
C 3 HOH 19 1119 1124 HOH HOH A . 
C 3 HOH 20 1120 1118 HOH HOH A . 
C 3 HOH 21 1121 1135 HOH HOH A . 
C 3 HOH 22 1122 1126 HOH HOH A . 
# 
loop_
_pdbx_unobs_or_zero_occ_atoms.id 
_pdbx_unobs_or_zero_occ_atoms.PDB_model_num 
_pdbx_unobs_or_zero_occ_atoms.polymer_flag 
_pdbx_unobs_or_zero_occ_atoms.occupancy_flag 
_pdbx_unobs_or_zero_occ_atoms.auth_asym_id 
_pdbx_unobs_or_zero_occ_atoms.auth_comp_id 
_pdbx_unobs_or_zero_occ_atoms.auth_seq_id 
_pdbx_unobs_or_zero_occ_atoms.PDB_ins_code 
_pdbx_unobs_or_zero_occ_atoms.auth_atom_id 
_pdbx_unobs_or_zero_occ_atoms.label_alt_id 
_pdbx_unobs_or_zero_occ_atoms.label_asym_id 
_pdbx_unobs_or_zero_occ_atoms.label_comp_id 
_pdbx_unobs_or_zero_occ_atoms.label_seq_id 
_pdbx_unobs_or_zero_occ_atoms.label_atom_id 
1 1 Y 1 A VAL 67 ? CG1 ? A VAL 67 CG1 
2 1 Y 1 A VAL 67 ? CG2 ? A VAL 67 CG2 
# 
loop_
_software.citation_id 
_software.classification 
_software.compiler_name 
_software.compiler_version 
_software.contact_author 
_software.contact_author_email 
_software.date 
_software.description 
_software.dependencies 
_software.hardware 
_software.language 
_software.location 
_software.mods 
_software.name 
_software.os 
_software.os_version 
_software.type 
_software.version 
_software.pdbx_ordinal 
? refinement       ? ? ? ? ? ? ? ? ? ? ? REFMAC ? ? ? 5.8.0253               1 
? 'data reduction' ? ? ? ? ? ? ? ? ? ? ? XDS    ? ? ? 'VERSION Mar 15, 2019' 2 
? 'data scaling'   ? ? ? ? ? ? ? ? ? ? ? XSCALE ? ? ? 'VERSION Mar 15, 2019' 3 
? phasing          ? ? ? ? ? ? ? ? ? ? ? PHASER ? ? ? 2.8.2                  4 
# 
_cell.angle_alpha                  90.000 
_cell.angle_alpha_esd              ? 
_cell.angle_beta                   90.000 
_cell.angle_beta_esd               ? 
_cell.angle_gamma                  90.000 
_cell.angle_gamma_esd              ? 
_cell.entry_id                     6S2Z 
_cell.details                      ? 
_cell.formula_units_Z              ? 
_cell.length_a                     86.360 
_cell.length_a_esd                 ? 
_cell.length_b                     118.330 
_cell.length_b_esd                 ? 
_cell.length_c                     38.550 
_cell.length_c_esd                 ? 
_cell.volume                       ? 
_cell.volume_esd                   ? 
_cell.Z_PDB                        8 
_cell.reciprocal_angle_alpha       ? 
_cell.reciprocal_angle_beta        ? 
_cell.reciprocal_angle_gamma       ? 
_cell.reciprocal_angle_alpha_esd   ? 
_cell.reciprocal_angle_beta_esd    ? 
_cell.reciprocal_angle_gamma_esd   ? 
_cell.reciprocal_length_a          ? 
_cell.reciprocal_length_b          ? 
_cell.reciprocal_length_c          ? 
_cell.reciprocal_length_a_esd      ? 
_cell.reciprocal_length_b_esd      ? 
_cell.reciprocal_length_c_esd      ? 
_cell.pdbx_unique_axis             ? 
# 
_symmetry.entry_id                         6S2Z 
_symmetry.cell_setting                     ? 
_symmetry.Int_Tables_number                21 
_symmetry.space_group_name_Hall            ? 
_symmetry.space_group_name_H-M             'C 2 2 2' 
_symmetry.pdbx_full_space_group_name_H-M   ? 
# 
_exptl.absorpt_coefficient_mu     ? 
_exptl.absorpt_correction_T_max   ? 
_exptl.absorpt_correction_T_min   ? 
_exptl.absorpt_correction_type    ? 
_exptl.absorpt_process_details    ? 
_exptl.entry_id                   6S2Z 
_exptl.crystals_number            1 
_exptl.details                    ? 
_exptl.method                     'X-RAY DIFFRACTION' 
_exptl.method_details             ? 
# 
_exptl_crystal.colour                      ? 
_exptl_crystal.density_diffrn              ? 
_exptl_crystal.density_Matthews            2.36 
_exptl_crystal.density_method              ? 
_exptl_crystal.density_percent_sol         47.39 
_exptl_crystal.description                 ? 
_exptl_crystal.F_000                       ? 
_exptl_crystal.id                          1 
_exptl_crystal.preparation                 ? 
_exptl_crystal.size_max                    ? 
_exptl_crystal.size_mid                    ? 
_exptl_crystal.size_min                    ? 
_exptl_crystal.size_rad                    ? 
_exptl_crystal.colour_lustre               ? 
_exptl_crystal.colour_modifier             ? 
_exptl_crystal.colour_primary              ? 
_exptl_crystal.density_meas                ? 
_exptl_crystal.density_meas_esd            ? 
_exptl_crystal.density_meas_gt             ? 
_exptl_crystal.density_meas_lt             ? 
_exptl_crystal.density_meas_temp           ? 
_exptl_crystal.density_meas_temp_esd       ? 
_exptl_crystal.density_meas_temp_gt        ? 
_exptl_crystal.density_meas_temp_lt        ? 
_exptl_crystal.pdbx_crystal_image_url      ? 
_exptl_crystal.pdbx_crystal_image_format   ? 
_exptl_crystal.pdbx_mosaicity              ? 
_exptl_crystal.pdbx_mosaicity_esd          ? 
# 
_exptl_crystal_grow.apparatus       ? 
_exptl_crystal_grow.atmosphere      ? 
_exptl_crystal_grow.crystal_id      1 
_exptl_crystal_grow.details         ? 
_exptl_crystal_grow.method          'VAPOR DIFFUSION, HANGING DROP' 
_exptl_crystal_grow.method_ref      ? 
_exptl_crystal_grow.pH              4.5 
_exptl_crystal_grow.pressure        ? 
_exptl_crystal_grow.pressure_esd    ? 
_exptl_crystal_grow.seeding         ? 
_exptl_crystal_grow.seeding_ref     ? 
_exptl_crystal_grow.temp            293 
_exptl_crystal_grow.temp_details    ? 
_exptl_crystal_grow.temp_esd        ? 
_exptl_crystal_grow.time            ? 
_exptl_crystal_grow.pdbx_details    '10% PEG 3350, 0.1 M Ammonium dihydrogen phosphate, pH 4.5' 
_exptl_crystal_grow.pdbx_pH_range   ? 
# 
_diffrn.ambient_environment              ? 
_diffrn.ambient_temp                     100 
_diffrn.ambient_temp_details             ? 
_diffrn.ambient_temp_esd                 ? 
_diffrn.crystal_id                       1 
_diffrn.crystal_support                  ? 
_diffrn.crystal_treatment                ? 
_diffrn.details                          ? 
_diffrn.id                               1 
_diffrn.ambient_pressure                 ? 
_diffrn.ambient_pressure_esd             ? 
_diffrn.ambient_pressure_gt              ? 
_diffrn.ambient_pressure_lt              ? 
_diffrn.ambient_temp_gt                  ? 
_diffrn.ambient_temp_lt                  ? 
_diffrn.pdbx_serial_crystal_experiment   N 
# 
_diffrn_detector.details                      Mirrors 
_diffrn_detector.detector                     'IMAGE PLATE' 
_diffrn_detector.diffrn_id                    1 
_diffrn_detector.type                         'MAR scanner 345 mm plate' 
_diffrn_detector.area_resol_mean              ? 
_diffrn_detector.dtime                        ? 
_diffrn_detector.pdbx_frames_total            ? 
_diffrn_detector.pdbx_collection_time_total   ? 
_diffrn_detector.pdbx_collection_date         2018-04-10 
_diffrn_detector.pdbx_frequency               ? 
# 
_diffrn_radiation.collimation                      ? 
_diffrn_radiation.diffrn_id                        1 
_diffrn_radiation.filter_edge                      ? 
_diffrn_radiation.inhomogeneity                    ? 
_diffrn_radiation.monochromator                    Mirrors 
_diffrn_radiation.polarisn_norm                    ? 
_diffrn_radiation.polarisn_ratio                   ? 
_diffrn_radiation.probe                            ? 
_diffrn_radiation.type                             ? 
_diffrn_radiation.xray_symbol                      ? 
_diffrn_radiation.wavelength_id                    1 
_diffrn_radiation.pdbx_monochromatic_or_laue_m_l   M 
_diffrn_radiation.pdbx_wavelength_list             ? 
_diffrn_radiation.pdbx_wavelength                  ? 
_diffrn_radiation.pdbx_diffrn_protocol             'SINGLE WAVELENGTH' 
_diffrn_radiation.pdbx_analyzer                    ? 
_diffrn_radiation.pdbx_scattering_type             x-ray 
# 
_diffrn_radiation_wavelength.id           1 
_diffrn_radiation_wavelength.wavelength   1.54 
_diffrn_radiation_wavelength.wt           1.0 
# 
_diffrn_source.current                     ? 
_diffrn_source.details                     ? 
_diffrn_source.diffrn_id                   1 
_diffrn_source.power                       ? 
_diffrn_source.size                        ? 
_diffrn_source.source                      'ROTATING ANODE' 
_diffrn_source.target                      ? 
_diffrn_source.type                        'BRUKER AXS MICROSTAR-H' 
_diffrn_source.voltage                     ? 
_diffrn_source.take-off_angle              ? 
_diffrn_source.pdbx_wavelength_list        1.54 
_diffrn_source.pdbx_wavelength             ? 
_diffrn_source.pdbx_synchrotron_beamline   ? 
_diffrn_source.pdbx_synchrotron_site       ? 
# 
_reflns.B_iso_Wilson_estimate            ? 
_reflns.entry_id                         6S2Z 
_reflns.data_reduction_details           ? 
_reflns.data_reduction_method            ? 
_reflns.d_resolution_high                2.50 
_reflns.d_resolution_low                 19.72 
_reflns.details                          ? 
_reflns.limit_h_max                      ? 
_reflns.limit_h_min                      ? 
_reflns.limit_k_max                      ? 
_reflns.limit_k_min                      ? 
_reflns.limit_l_max                      ? 
_reflns.limit_l_min                      ? 
_reflns.number_all                       ? 
_reflns.number_obs                       7149 
_reflns.observed_criterion               ? 
_reflns.observed_criterion_F_max         ? 
_reflns.observed_criterion_F_min         ? 
_reflns.observed_criterion_I_max         ? 
_reflns.observed_criterion_I_min         ? 
_reflns.observed_criterion_sigma_F       ? 
_reflns.observed_criterion_sigma_I       ? 
_reflns.percent_possible_obs             99.5 
_reflns.R_free_details                   ? 
_reflns.Rmerge_F_all                     ? 
_reflns.Rmerge_F_obs                     ? 
_reflns.Friedel_coverage                 ? 
_reflns.number_gt                        ? 
_reflns.threshold_expression             ? 
_reflns.pdbx_redundancy                  7.51 
_reflns.pdbx_Rmerge_I_obs                0.180 
_reflns.pdbx_Rmerge_I_all                ? 
_reflns.pdbx_Rsym_value                  ? 
_reflns.pdbx_netI_over_av_sigmaI         ? 
_reflns.pdbx_netI_over_sigmaI            15.82 
_reflns.pdbx_res_netI_over_av_sigmaI_2   ? 
_reflns.pdbx_res_netI_over_sigmaI_2      ? 
_reflns.pdbx_chi_squared                 ? 
_reflns.pdbx_scaling_rejects             ? 
_reflns.pdbx_d_res_high_opt              ? 
_reflns.pdbx_d_res_low_opt               ? 
_reflns.pdbx_d_res_opt_method            ? 
_reflns.phase_calculation_details        ? 
_reflns.pdbx_Rrim_I_all                  ? 
_reflns.pdbx_Rpim_I_all                  ? 
_reflns.pdbx_d_opt                       ? 
_reflns.pdbx_number_measured_all         ? 
_reflns.pdbx_diffrn_id                   1 
_reflns.pdbx_ordinal                     1 
_reflns.pdbx_CC_half                     0.995 
_reflns.pdbx_R_split                     ? 
# 
_reflns_shell.d_res_high                  2.50 
_reflns_shell.d_res_low                   2.57 
_reflns_shell.meanI_over_sigI_all         ? 
_reflns_shell.meanI_over_sigI_obs         3.78 
_reflns_shell.number_measured_all         ? 
_reflns_shell.number_measured_obs         ? 
_reflns_shell.number_possible             ? 
_reflns_shell.number_unique_all           ? 
_reflns_shell.number_unique_obs           526 
_reflns_shell.percent_possible_all        99.6 
_reflns_shell.percent_possible_obs        ? 
_reflns_shell.Rmerge_F_all                ? 
_reflns_shell.Rmerge_F_obs                ? 
_reflns_shell.Rmerge_I_all                ? 
_reflns_shell.Rmerge_I_obs                ? 
_reflns_shell.meanI_over_sigI_gt          ? 
_reflns_shell.meanI_over_uI_all           ? 
_reflns_shell.meanI_over_uI_gt            ? 
_reflns_shell.number_measured_gt          ? 
_reflns_shell.number_unique_gt            ? 
_reflns_shell.percent_possible_gt         ? 
_reflns_shell.Rmerge_F_gt                 ? 
_reflns_shell.Rmerge_I_gt                 ? 
_reflns_shell.pdbx_redundancy             7.51 
_reflns_shell.pdbx_Rsym_value             ? 
_reflns_shell.pdbx_chi_squared            ? 
_reflns_shell.pdbx_netI_over_sigmaI_all   ? 
_reflns_shell.pdbx_netI_over_sigmaI_obs   ? 
_reflns_shell.pdbx_Rrim_I_all             ? 
_reflns_shell.pdbx_Rpim_I_all             ? 
_reflns_shell.pdbx_rejects                ? 
_reflns_shell.pdbx_ordinal                1 
_reflns_shell.pdbx_diffrn_id              1 
_reflns_shell.pdbx_CC_half                ? 
_reflns_shell.pdbx_R_split                ? 
# 
_refine.aniso_B[1][1]                            0.0200 
_refine.aniso_B[1][2]                            0.0000 
_refine.aniso_B[1][3]                            0.0000 
_refine.aniso_B[2][2]                            -0.0200 
_refine.aniso_B[2][3]                            0.0000 
_refine.aniso_B[3][3]                            0.0000 
_refine.B_iso_max                                90.280 
_refine.B_iso_mean                               24.8600 
_refine.B_iso_min                                7.470 
_refine.correlation_coeff_Fo_to_Fc               0.9210 
_refine.correlation_coeff_Fo_to_Fc_free          0.8540 
_refine.details                                  'U VALUES      : REFINED INDIVIDUALLY' 
_refine.diff_density_max                         ? 
_refine.diff_density_max_esd                     ? 
_refine.diff_density_min                         ? 
_refine.diff_density_min_esd                     ? 
_refine.diff_density_rms                         ? 
_refine.diff_density_rms_esd                     ? 
_refine.entry_id                                 6S2Z 
_refine.pdbx_refine_id                           'X-RAY DIFFRACTION' 
_refine.ls_abs_structure_details                 ? 
_refine.ls_abs_structure_Flack                   ? 
_refine.ls_abs_structure_Flack_esd               ? 
_refine.ls_abs_structure_Rogers                  ? 
_refine.ls_abs_structure_Rogers_esd              ? 
_refine.ls_d_res_high                            2.5000 
_refine.ls_d_res_low                             19.7200 
_refine.ls_extinction_coef                       ? 
_refine.ls_extinction_coef_esd                   ? 
_refine.ls_extinction_expression                 ? 
_refine.ls_extinction_method                     ? 
_refine.ls_goodness_of_fit_all                   ? 
_refine.ls_goodness_of_fit_all_esd               ? 
_refine.ls_goodness_of_fit_obs                   ? 
_refine.ls_goodness_of_fit_obs_esd               ? 
_refine.ls_hydrogen_treatment                    ? 
_refine.ls_matrix_type                           ? 
_refine.ls_number_constraints                    ? 
_refine.ls_number_parameters                     ? 
_refine.ls_number_reflns_all                     ? 
_refine.ls_number_reflns_obs                     6790 
_refine.ls_number_reflns_R_free                  358 
_refine.ls_number_reflns_R_work                  ? 
_refine.ls_number_restraints                     ? 
_refine.ls_percent_reflns_obs                    99.4600 
_refine.ls_percent_reflns_R_free                 5.0000 
_refine.ls_R_factor_all                          ? 
_refine.ls_R_factor_obs                          0.2207 
_refine.ls_R_factor_R_free                       0.2836 
_refine.ls_R_factor_R_free_error                 ? 
_refine.ls_R_factor_R_free_error_details         ? 
_refine.ls_R_factor_R_work                       0.2175 
_refine.ls_R_Fsqd_factor_obs                     ? 
_refine.ls_R_I_factor_obs                        ? 
_refine.ls_redundancy_reflns_all                 ? 
_refine.ls_redundancy_reflns_obs                 ? 
_refine.ls_restrained_S_all                      ? 
_refine.ls_restrained_S_obs                      ? 
_refine.ls_shift_over_esd_max                    ? 
_refine.ls_shift_over_esd_mean                   ? 
_refine.ls_structure_factor_coef                 ? 
_refine.ls_weighting_details                     ? 
_refine.ls_weighting_scheme                      ? 
_refine.ls_wR_factor_all                         ? 
_refine.ls_wR_factor_obs                         ? 
_refine.ls_wR_factor_R_free                      ? 
_refine.ls_wR_factor_R_work                      ? 
_refine.occupancy_max                            ? 
_refine.occupancy_min                            ? 
_refine.solvent_model_details                    ? 
_refine.solvent_model_param_bsol                 ? 
_refine.solvent_model_param_ksol                 ? 
_refine.ls_R_factor_gt                           ? 
_refine.ls_goodness_of_fit_gt                    ? 
_refine.ls_goodness_of_fit_ref                   ? 
_refine.ls_shift_over_su_max                     ? 
_refine.ls_shift_over_su_max_lt                  ? 
_refine.ls_shift_over_su_mean                    ? 
_refine.ls_shift_over_su_mean_lt                 ? 
_refine.pdbx_ls_sigma_I                          ? 
_refine.pdbx_ls_sigma_F                          0.000 
_refine.pdbx_ls_sigma_Fsqd                       ? 
_refine.pdbx_data_cutoff_high_absF               ? 
_refine.pdbx_data_cutoff_high_rms_absF           ? 
_refine.pdbx_data_cutoff_low_absF                ? 
_refine.pdbx_isotropic_thermal_model             ? 
_refine.pdbx_ls_cross_valid_method               THROUGHOUT 
_refine.pdbx_method_to_determine_struct          'MOLECULAR REPLACEMENT' 
_refine.pdbx_starting_model                      5HPZ 
_refine.pdbx_stereochemistry_target_values       ? 
_refine.pdbx_R_Free_selection_details            RANDOM 
_refine.pdbx_stereochem_target_val_spec_case     ? 
_refine.pdbx_overall_ESU_R                       0.6150 
_refine.pdbx_overall_ESU_R_Free                  0.3290 
_refine.pdbx_solvent_vdw_probe_radii             1.2000 
_refine.pdbx_solvent_ion_probe_radii             0.8000 
_refine.pdbx_solvent_shrinkage_radii             0.8000 
_refine.pdbx_real_space_R                        ? 
_refine.pdbx_density_correlation                 ? 
_refine.pdbx_pd_number_of_powder_patterns        ? 
_refine.pdbx_pd_number_of_points                 ? 
_refine.pdbx_pd_meas_number_of_points            ? 
_refine.pdbx_pd_proc_ls_prof_R_factor            ? 
_refine.pdbx_pd_proc_ls_prof_wR_factor           ? 
_refine.pdbx_pd_Marquardt_correlation_coeff      ? 
_refine.pdbx_pd_Fsqrd_R_factor                   ? 
_refine.pdbx_pd_ls_matrix_band_width             ? 
_refine.pdbx_overall_phase_error                 ? 
_refine.pdbx_overall_SU_R_free_Cruickshank_DPI   ? 
_refine.pdbx_overall_SU_R_free_Blow_DPI          ? 
_refine.pdbx_overall_SU_R_Blow_DPI               ? 
_refine.pdbx_TLS_residual_ADP_flag               ? 
_refine.pdbx_diffrn_id                           1 
_refine.overall_SU_B                             ? 
_refine.overall_SU_ML                            ? 
_refine.overall_SU_R_Cruickshank_DPI             ? 
_refine.overall_SU_R_free                        ? 
_refine.overall_FOM_free_R_set                   ? 
_refine.overall_FOM_work_R_set                   ? 
_refine.pdbx_average_fsc_overall                 ? 
_refine.pdbx_average_fsc_work                    ? 
_refine.pdbx_average_fsc_free                    ? 
# 
_refine_hist.pdbx_refine_id                   'X-RAY DIFFRACTION' 
_refine_hist.cycle_id                         final 
_refine_hist.details                          ? 
_refine_hist.d_res_high                       2.5000 
_refine_hist.d_res_low                        19.7200 
_refine_hist.number_atoms_solvent             22 
_refine_hist.number_atoms_total               1411 
_refine_hist.number_reflns_all                ? 
_refine_hist.number_reflns_obs                ? 
_refine_hist.number_reflns_R_free             ? 
_refine_hist.number_reflns_R_work             ? 
_refine_hist.R_factor_all                     ? 
_refine_hist.R_factor_obs                     ? 
_refine_hist.R_factor_R_free                  ? 
_refine_hist.R_factor_R_work                  ? 
_refine_hist.pdbx_number_residues_total       175 
_refine_hist.pdbx_B_iso_mean_ligand           17.52 
_refine_hist.pdbx_B_iso_mean_solvent          19.44 
_refine_hist.pdbx_number_atoms_protein        1323 
_refine_hist.pdbx_number_atoms_nucleic_acid   0 
_refine_hist.pdbx_number_atoms_ligand         66 
_refine_hist.pdbx_number_atoms_lipid          ? 
_refine_hist.pdbx_number_atoms_carb           ? 
_refine_hist.pdbx_pseudo_atom_details         ? 
# 
loop_
_refine_ls_restr.pdbx_refine_id 
_refine_ls_restr.criterion 
_refine_ls_restr.dev_ideal 
_refine_ls_restr.dev_ideal_target 
_refine_ls_restr.number 
_refine_ls_restr.rejects 
_refine_ls_restr.type 
_refine_ls_restr.weight 
_refine_ls_restr.pdbx_restraint_function 
'X-RAY DIFFRACTION' ? 0.009  0.012  1432 ? r_bond_refined_d       ? ? 
'X-RAY DIFFRACTION' ? 2.346  1.719  1971 ? r_angle_refined_deg    ? ? 
'X-RAY DIFFRACTION' ? 7.313  5.000  174  ? r_dihedral_angle_1_deg ? ? 
'X-RAY DIFFRACTION' ? 33.435 23.774 53   ? r_dihedral_angle_2_deg ? ? 
'X-RAY DIFFRACTION' ? 14.415 15.000 212  ? r_dihedral_angle_3_deg ? ? 
'X-RAY DIFFRACTION' ? 15.886 15.000 4    ? r_dihedral_angle_4_deg ? ? 
'X-RAY DIFFRACTION' ? 0.093  0.200  195  ? r_chiral_restr         ? ? 
'X-RAY DIFFRACTION' ? 0.007  0.020  1083 ? r_gen_planes_refined   ? ? 
# 
_refine_ls_shell.pdbx_refine_id                   'X-RAY DIFFRACTION' 
_refine_ls_shell.d_res_high                       2.5000 
_refine_ls_shell.d_res_low                        2.5640 
_refine_ls_shell.number_reflns_all                518 
_refine_ls_shell.number_reflns_obs                ? 
_refine_ls_shell.number_reflns_R_free             26 
_refine_ls_shell.number_reflns_R_work             492 
_refine_ls_shell.percent_reflns_obs               99.6200 
_refine_ls_shell.percent_reflns_R_free            ? 
_refine_ls_shell.R_factor_all                     ? 
_refine_ls_shell.R_factor_obs                     ? 
_refine_ls_shell.R_factor_R_free                  0.3870 
_refine_ls_shell.R_factor_R_free_error            0.0000 
_refine_ls_shell.R_factor_R_work                  0.3150 
_refine_ls_shell.redundancy_reflns_all            ? 
_refine_ls_shell.redundancy_reflns_obs            ? 
_refine_ls_shell.wR_factor_all                    ? 
_refine_ls_shell.wR_factor_obs                    ? 
_refine_ls_shell.wR_factor_R_free                 ? 
_refine_ls_shell.wR_factor_R_work                 ? 
_refine_ls_shell.pdbx_total_number_of_bins_used   20 
_refine_ls_shell.pdbx_phase_error                 ? 
_refine_ls_shell.pdbx_fsc_work                    ? 
_refine_ls_shell.pdbx_fsc_free                    ? 
# 
_struct.entry_id                     6S2Z 
_struct.title                        
'Water-soluble Chlorophyll Protein (WSCP) from Brassica oleracea var. Botrytis with Chlorophyll-b' 
_struct.pdbx_model_details           ? 
_struct.pdbx_formula_weight          ? 
_struct.pdbx_formula_weight_method   ? 
_struct.pdbx_model_type_details      ? 
_struct.pdbx_CASP_flag               N 
# 
_struct_keywords.entry_id        6S2Z 
_struct_keywords.text            
;Tetramer, Plant, Brassica oleracea, Chlorophyll, Water-soluble Chlorophyll Protein, Photooxidation, Chlorophyll Carrier, Plant Protein
;
_struct_keywords.pdbx_keywords   'PLANT PROTEIN' 
# 
loop_
_struct_asym.id 
_struct_asym.pdbx_blank_PDB_chainid_flag 
_struct_asym.pdbx_modified 
_struct_asym.entity_id 
_struct_asym.details 
A N N 1 ? 
B N N 2 ? 
C N N 3 ? 
# 
_struct_ref.id                         1 
_struct_ref.db_name                    UNP 
_struct_ref.db_code                    Q7GDB3_BRAOB 
_struct_ref.pdbx_db_accession          Q7GDB3 
_struct_ref.pdbx_db_isoform            ? 
_struct_ref.entity_id                  1 
_struct_ref.pdbx_seq_one_letter_code   
;REQVKDSNGNPVKRGAKYFIQPAKSNGGGLVPAAINILPFCPLGITQTLLPYQPGLPVSFGYEPVIVGTDYIYTSTTINI
EFRSEIWPVCNELSKLWAVDVSSSAAKEPAIIIGGERTAPNSLFKIEEATGAHTYKLTTSSGTVGTIPGPWLGAPQLIAT
NDDAKTLFVKFVKVDDDAT
;
_struct_ref.pdbx_align_begin           20 
# 
_struct_ref_seq.align_id                      1 
_struct_ref_seq.ref_id                        1 
_struct_ref_seq.pdbx_PDB_id_code              6S2Z 
_struct_ref_seq.pdbx_strand_id                A 
_struct_ref_seq.seq_align_beg                 1 
_struct_ref_seq.pdbx_seq_align_beg_ins_code   ? 
_struct_ref_seq.seq_align_end                 179 
_struct_ref_seq.pdbx_seq_align_end_ins_code   ? 
_struct_ref_seq.pdbx_db_accession             Q7GDB3 
_struct_ref_seq.db_align_beg                  20 
_struct_ref_seq.pdbx_db_align_beg_ins_code    ? 
_struct_ref_seq.db_align_end                  198 
_struct_ref_seq.pdbx_db_align_end_ins_code    ? 
_struct_ref_seq.pdbx_auth_seq_align_beg       1 
_struct_ref_seq.pdbx_auth_seq_align_end       179 
# 
_pdbx_struct_assembly.id                   1 
_pdbx_struct_assembly.details              author_and_software_defined_assembly 
_pdbx_struct_assembly.method_details       PISA 
_pdbx_struct_assembly.oligomeric_details   tetrameric 
_pdbx_struct_assembly.oligomeric_count     4 
# 
loop_
_pdbx_struct_assembly_prop.biol_id 
_pdbx_struct_assembly_prop.type 
_pdbx_struct_assembly_prop.value 
_pdbx_struct_assembly_prop.details 
1 'ABSA (A^2)' 11800 ? 
1 MORE         -102  ? 
1 'SSA (A^2)'  29640 ? 
# 
_pdbx_struct_assembly_gen.assembly_id       1 
_pdbx_struct_assembly_gen.oper_expression   1,2,3,4 
_pdbx_struct_assembly_gen.asym_id_list      A,B,C 
# 
_pdbx_struct_assembly_auth_evidence.id                     1 
_pdbx_struct_assembly_auth_evidence.assembly_id            1 
_pdbx_struct_assembly_auth_evidence.experimental_support   homology 
_pdbx_struct_assembly_auth_evidence.details                
;The structure is homologous to structure 2DRE, which is a tetramer. Due to unknown reasons structure 5HPZ, which is the same structure as our structure only differing in chlorphyll ligand, is annotated as dimer in the database. The tetramer with the chlorophyll ligands in the central cavity can be easily seen in the unit cell by symmetry operation from ASU.
;
# 
loop_
_pdbx_struct_oper_list.id 
_pdbx_struct_oper_list.type 
_pdbx_struct_oper_list.name 
_pdbx_struct_oper_list.symmetry_operation 
_pdbx_struct_oper_list.matrix[1][1] 
_pdbx_struct_oper_list.matrix[1][2] 
_pdbx_struct_oper_list.matrix[1][3] 
_pdbx_struct_oper_list.vector[1] 
_pdbx_struct_oper_list.matrix[2][1] 
_pdbx_struct_oper_list.matrix[2][2] 
_pdbx_struct_oper_list.matrix[2][3] 
_pdbx_struct_oper_list.vector[2] 
_pdbx_struct_oper_list.matrix[3][1] 
_pdbx_struct_oper_list.matrix[3][2] 
_pdbx_struct_oper_list.matrix[3][3] 
_pdbx_struct_oper_list.vector[3] 
1 'identity operation'         1_555 x,y,z     1.0000000000  0.0000000000  0.0000000000  0.0000000000   0.0000000000  1.0000000000  0.0000000000  0.0000000000   0.0000000000  0.0000000000  1.0000000000  0.0000000000   
2 'crystal symmetry operation' 2_555 -x,-y,z   -0.3987818221 -0.9124931873 0.0912646782  -37.9775371466 -0.9124931873 0.3849278805  -0.1385160997 -23.8553847242 0.0912646782  -0.1385160997 -0.9861460585 11.6683657406  
3 'crystal symmetry operation' 3_556 -x,y,-z+1 -0.7254585753 0.1129839286  -0.6789289267 -37.4788355537 0.1129839286  -0.9535029435 -0.2794043102 -4.3127424805  -0.6789289267 -0.2794043102 0.6789615188  -15.8731835923 
4 'crystal symmetry operation' 4_556 x,-y,-z+1 0.1242403973  0.7995092587  0.5876642485  -20.5449716763 0.7995092587  -0.4314249370 0.4179204099  10.8823940464  0.5876642485  0.4179204099  -0.6928154603 24.4985335774 
# 
loop_
_struct_conf.conf_type_id 
_struct_conf.id 
_struct_conf.pdbx_PDB_helix_id 
_struct_conf.beg_label_comp_id 
_struct_conf.beg_label_asym_id 
_struct_conf.beg_label_seq_id 
_struct_conf.pdbx_beg_PDB_ins_code 
_struct_conf.end_label_comp_id 
_struct_conf.end_label_asym_id 
_struct_conf.end_label_seq_id 
_struct_conf.pdbx_end_PDB_ins_code 
_struct_conf.beg_auth_comp_id 
_struct_conf.beg_auth_asym_id 
_struct_conf.beg_auth_seq_id 
_struct_conf.end_auth_comp_id 
_struct_conf.end_auth_asym_id 
_struct_conf.end_auth_seq_id 
_struct_conf.pdbx_PDB_helix_class 
_struct_conf.details 
_struct_conf.pdbx_PDB_helix_length 
HELX_P HELX_P1 AA1 ALA A 119 ? LEU A 123 ? ALA A 119 LEU A 123 5 ? 5 
HELX_P HELX_P2 AA2 ASP A 162 ? THR A 166 ? ASP A 162 THR A 166 5 ? 5 
# 
_struct_conf_type.id          HELX_P 
_struct_conf_type.criteria    ? 
_struct_conf_type.reference   ? 
# 
loop_
_struct_conn.id 
_struct_conn.conn_type_id 
_struct_conn.pdbx_leaving_atom_flag 
_struct_conn.pdbx_PDB_id 
_struct_conn.ptnr1_label_asym_id 
_struct_conn.ptnr1_label_comp_id 
_struct_conn.ptnr1_label_seq_id 
_struct_conn.ptnr1_label_atom_id 
_struct_conn.pdbx_ptnr1_label_alt_id 
_struct_conn.pdbx_ptnr1_PDB_ins_code 
_struct_conn.pdbx_ptnr1_standard_comp_id 
_struct_conn.ptnr1_symmetry 
_struct_conn.ptnr2_label_asym_id 
_struct_conn.ptnr2_label_comp_id 
_struct_conn.ptnr2_label_seq_id 
_struct_conn.ptnr2_label_atom_id 
_struct_conn.pdbx_ptnr2_label_alt_id 
_struct_conn.pdbx_ptnr2_PDB_ins_code 
_struct_conn.ptnr1_auth_asym_id 
_struct_conn.ptnr1_auth_comp_id 
_struct_conn.ptnr1_auth_seq_id 
_struct_conn.ptnr2_auth_asym_id 
_struct_conn.ptnr2_auth_comp_id 
_struct_conn.ptnr2_auth_seq_id 
_struct_conn.ptnr2_symmetry 
_struct_conn.pdbx_ptnr3_label_atom_id 
_struct_conn.pdbx_ptnr3_label_seq_id 
_struct_conn.pdbx_ptnr3_label_comp_id 
_struct_conn.pdbx_ptnr3_label_asym_id 
_struct_conn.pdbx_ptnr3_label_alt_id 
_struct_conn.pdbx_ptnr3_PDB_ins_code 
_struct_conn.details 
_struct_conn.pdbx_dist_value 
_struct_conn.pdbx_value_order 
_struct_conn.pdbx_role 
disulf1 disulf ? ? A CYS 41 SG ? ? ? 1_555 A CYS 90 SG ? ? A CYS 41 A CYS 90   1_555 ? ? ? ? ? ? ? 2.019 ? ? 
metalc1 metalc ? ? A PRO 32 O  ? ? ? 1_555 B CHL .  MG ? ? A PRO 32 A CHL 1001 1_555 ? ? ? ? ? ? ? 2.197 ? ? 
# 
loop_
_struct_conn_type.id 
_struct_conn_type.criteria 
_struct_conn_type.reference 
disulf ? ? 
metalc ? ? 
# 
loop_
_pdbx_struct_conn_angle.id 
_pdbx_struct_conn_angle.ptnr1_label_atom_id 
_pdbx_struct_conn_angle.ptnr1_label_alt_id 
_pdbx_struct_conn_angle.ptnr1_label_asym_id 
_pdbx_struct_conn_angle.ptnr1_label_comp_id 
_pdbx_struct_conn_angle.ptnr1_label_seq_id 
_pdbx_struct_conn_angle.ptnr1_auth_atom_id 
_pdbx_struct_conn_angle.ptnr1_auth_asym_id 
_pdbx_struct_conn_angle.ptnr1_auth_comp_id 
_pdbx_struct_conn_angle.ptnr1_auth_seq_id 
_pdbx_struct_conn_angle.ptnr1_PDB_ins_code 
_pdbx_struct_conn_angle.ptnr1_symmetry 
_pdbx_struct_conn_angle.ptnr2_label_atom_id 
_pdbx_struct_conn_angle.ptnr2_label_alt_id 
_pdbx_struct_conn_angle.ptnr2_label_asym_id 
_pdbx_struct_conn_angle.ptnr2_label_comp_id 
_pdbx_struct_conn_angle.ptnr2_label_seq_id 
_pdbx_struct_conn_angle.ptnr2_auth_atom_id 
_pdbx_struct_conn_angle.ptnr2_auth_asym_id 
_pdbx_struct_conn_angle.ptnr2_auth_comp_id 
_pdbx_struct_conn_angle.ptnr2_auth_seq_id 
_pdbx_struct_conn_angle.ptnr2_PDB_ins_code 
_pdbx_struct_conn_angle.ptnr2_symmetry 
_pdbx_struct_conn_angle.ptnr3_label_atom_id 
_pdbx_struct_conn_angle.ptnr3_label_alt_id 
_pdbx_struct_conn_angle.ptnr3_label_asym_id 
_pdbx_struct_conn_angle.ptnr3_label_comp_id 
_pdbx_struct_conn_angle.ptnr3_label_seq_id 
_pdbx_struct_conn_angle.ptnr3_auth_atom_id 
_pdbx_struct_conn_angle.ptnr3_auth_asym_id 
_pdbx_struct_conn_angle.ptnr3_auth_comp_id 
_pdbx_struct_conn_angle.ptnr3_auth_seq_id 
_pdbx_struct_conn_angle.ptnr3_PDB_ins_code 
_pdbx_struct_conn_angle.ptnr3_symmetry 
_pdbx_struct_conn_angle.value 
_pdbx_struct_conn_angle.value_esd 
1  O  ? A PRO 32 ? A PRO 32   ? 1_555 MG ? B CHL . ? A CHL 1001 ? 1_555 NA ? B CHL . ? A CHL 1001 ? 1_555 93.2  ? 
2  O  ? A PRO 32 ? A PRO 32   ? 1_555 MG ? B CHL . ? A CHL 1001 ? 1_555 NB ? B CHL . ? A CHL 1001 ? 1_555 98.9  ? 
3  NA ? B CHL .  ? A CHL 1001 ? 1_555 MG ? B CHL . ? A CHL 1001 ? 1_555 NB ? B CHL . ? A CHL 1001 ? 1_555 88.9  ? 
4  O  ? A PRO 32 ? A PRO 32   ? 1_555 MG ? B CHL . ? A CHL 1001 ? 1_555 NC ? B CHL . ? A CHL 1001 ? 1_555 98.1  ? 
5  NA ? B CHL .  ? A CHL 1001 ? 1_555 MG ? B CHL . ? A CHL 1001 ? 1_555 NC ? B CHL . ? A CHL 1001 ? 1_555 168.6 ? 
6  NB ? B CHL .  ? A CHL 1001 ? 1_555 MG ? B CHL . ? A CHL 1001 ? 1_555 NC ? B CHL . ? A CHL 1001 ? 1_555 89.9  ? 
7  O  ? A PRO 32 ? A PRO 32   ? 1_555 MG ? B CHL . ? A CHL 1001 ? 1_555 ND ? B CHL . ? A CHL 1001 ? 1_555 97.7  ? 
8  NA ? B CHL .  ? A CHL 1001 ? 1_555 MG ? B CHL . ? A CHL 1001 ? 1_555 ND ? B CHL . ? A CHL 1001 ? 1_555 92.8  ? 
9  NB ? B CHL .  ? A CHL 1001 ? 1_555 MG ? B CHL . ? A CHL 1001 ? 1_555 ND ? B CHL . ? A CHL 1001 ? 1_555 163.2 ? 
10 NC ? B CHL .  ? A CHL 1001 ? 1_555 MG ? B CHL . ? A CHL 1001 ? 1_555 ND ? B CHL . ? A CHL 1001 ? 1_555 85.2  ? 
# 
_pdbx_modification_feature.ordinal                            1 
_pdbx_modification_feature.label_comp_id                      CYS 
_pdbx_modification_feature.label_asym_id                      A 
_pdbx_modification_feature.label_seq_id                       41 
_pdbx_modification_feature.label_alt_id                       ? 
_pdbx_modification_feature.modified_residue_label_comp_id     CYS 
_pdbx_modification_feature.modified_residue_label_asym_id     A 
_pdbx_modification_feature.modified_residue_label_seq_id      90 
_pdbx_modification_feature.modified_residue_label_alt_id      ? 
_pdbx_modification_feature.auth_comp_id                       CYS 
_pdbx_modification_feature.auth_asym_id                       A 
_pdbx_modification_feature.auth_seq_id                        41 
_pdbx_modification_feature.PDB_ins_code                       ? 
_pdbx_modification_feature.symmetry                           1_555 
_pdbx_modification_feature.modified_residue_auth_comp_id      CYS 
_pdbx_modification_feature.modified_residue_auth_asym_id      A 
_pdbx_modification_feature.modified_residue_auth_seq_id       90 
_pdbx_modification_feature.modified_residue_PDB_ins_code      ? 
_pdbx_modification_feature.modified_residue_symmetry          1_555 
_pdbx_modification_feature.comp_id_linking_atom               SG 
_pdbx_modification_feature.modified_residue_id_linking_atom   SG 
_pdbx_modification_feature.modified_residue_id                . 
_pdbx_modification_feature.ref_pcm_id                         . 
_pdbx_modification_feature.ref_comp_id                        . 
_pdbx_modification_feature.type                               None 
_pdbx_modification_feature.category                           'Disulfide bridge' 
# 
loop_
_struct_mon_prot_cis.pdbx_id 
_struct_mon_prot_cis.label_comp_id 
_struct_mon_prot_cis.label_seq_id 
_struct_mon_prot_cis.label_asym_id 
_struct_mon_prot_cis.label_alt_id 
_struct_mon_prot_cis.pdbx_PDB_ins_code 
_struct_mon_prot_cis.auth_comp_id 
_struct_mon_prot_cis.auth_seq_id 
_struct_mon_prot_cis.auth_asym_id 
_struct_mon_prot_cis.pdbx_label_comp_id_2 
_struct_mon_prot_cis.pdbx_label_seq_id_2 
_struct_mon_prot_cis.pdbx_label_asym_id_2 
_struct_mon_prot_cis.pdbx_PDB_ins_code_2 
_struct_mon_prot_cis.pdbx_auth_comp_id_2 
_struct_mon_prot_cis.pdbx_auth_seq_id_2 
_struct_mon_prot_cis.pdbx_auth_asym_id_2 
_struct_mon_prot_cis.pdbx_PDB_model_num 
_struct_mon_prot_cis.pdbx_omega_angle 
1 LEU 38 A . ? LEU 38 A PRO 39 A ? PRO 39 A 1 2.08 
2 CYS 41 A . ? CYS 41 A PRO 42 A ? PRO 42 A 1 0.00 
3 GLU 63 A . ? GLU 63 A PRO 64 A ? PRO 64 A 1 6.82 
# 
loop_
_struct_sheet.id 
_struct_sheet.type 
_struct_sheet.number_strands 
_struct_sheet.details 
AA1 ? 2 ? 
AA2 ? 2 ? 
AA3 ? 2 ? 
AA4 ? 2 ? 
AA5 ? 4 ? 
# 
loop_
_struct_sheet_order.sheet_id 
_struct_sheet_order.range_id_1 
_struct_sheet_order.range_id_2 
_struct_sheet_order.offset 
_struct_sheet_order.sense 
AA1 1 2 ? anti-parallel 
AA2 1 2 ? anti-parallel 
AA3 1 2 ? anti-parallel 
AA4 1 2 ? anti-parallel 
AA5 1 2 ? anti-parallel 
AA5 2 3 ? anti-parallel 
AA5 3 4 ? anti-parallel 
# 
loop_
_struct_sheet_range.sheet_id 
_struct_sheet_range.id 
_struct_sheet_range.beg_label_comp_id 
_struct_sheet_range.beg_label_asym_id 
_struct_sheet_range.beg_label_seq_id 
_struct_sheet_range.pdbx_beg_PDB_ins_code 
_struct_sheet_range.end_label_comp_id 
_struct_sheet_range.end_label_asym_id 
_struct_sheet_range.end_label_seq_id 
_struct_sheet_range.pdbx_end_PDB_ins_code 
_struct_sheet_range.beg_auth_comp_id 
_struct_sheet_range.beg_auth_asym_id 
_struct_sheet_range.beg_auth_seq_id 
_struct_sheet_range.end_auth_comp_id 
_struct_sheet_range.end_auth_asym_id 
_struct_sheet_range.end_auth_seq_id 
AA1 1 TYR A 18  ? PRO A 22  ? TYR A 18  PRO A 22  
AA1 2 VAL A 169 ? LYS A 173 ? VAL A 169 LYS A 173 
AA2 1 LEU A 30  ? ALA A 33  ? LEU A 30  ALA A 33  
AA2 2 GLY A 44  ? GLN A 47  ? GLY A 44  GLN A 47  
AA3 1 VAL A 58  ? TYR A 62  ? VAL A 58  TYR A 62  
AA3 2 ILE A 78  ? PHE A 82  ? ILE A 78  PHE A 82  
AA4 1 TRP A 97  ? VAL A 99  ? TRP A 97  VAL A 99  
AA4 2 ILE A 111 ? ILE A 113 ? ILE A 111 ILE A 113 
AA5 1 LYS A 125 ? GLU A 128 ? LYS A 125 GLU A 128 
AA5 2 TYR A 135 ? THR A 139 ? TYR A 135 THR A 139 
AA5 3 GLY A 142 ? PRO A 148 ? GLY A 142 PRO A 148 
AA5 4 PRO A 155 ? THR A 160 ? PRO A 155 THR A 160 
# 
loop_
_pdbx_struct_sheet_hbond.sheet_id 
_pdbx_struct_sheet_hbond.range_id_1 
_pdbx_struct_sheet_hbond.range_id_2 
_pdbx_struct_sheet_hbond.range_1_label_atom_id 
_pdbx_struct_sheet_hbond.range_1_label_comp_id 
_pdbx_struct_sheet_hbond.range_1_label_asym_id 
_pdbx_struct_sheet_hbond.range_1_label_seq_id 
_pdbx_struct_sheet_hbond.range_1_PDB_ins_code 
_pdbx_struct_sheet_hbond.range_1_auth_atom_id 
_pdbx_struct_sheet_hbond.range_1_auth_comp_id 
_pdbx_struct_sheet_hbond.range_1_auth_asym_id 
_pdbx_struct_sheet_hbond.range_1_auth_seq_id 
_pdbx_struct_sheet_hbond.range_2_label_atom_id 
_pdbx_struct_sheet_hbond.range_2_label_comp_id 
_pdbx_struct_sheet_hbond.range_2_label_asym_id 
_pdbx_struct_sheet_hbond.range_2_label_seq_id 
_pdbx_struct_sheet_hbond.range_2_PDB_ins_code 
_pdbx_struct_sheet_hbond.range_2_auth_atom_id 
_pdbx_struct_sheet_hbond.range_2_auth_comp_id 
_pdbx_struct_sheet_hbond.range_2_auth_asym_id 
_pdbx_struct_sheet_hbond.range_2_auth_seq_id 
AA1 1 2 N GLN A 21  ? N GLN A 21  O LYS A 170 ? O LYS A 170 
AA2 1 2 N VAL A 31  ? N VAL A 31  O THR A 46  ? O THR A 46  
AA3 1 2 N GLY A 61  ? N GLY A 61  O ASN A 79  ? O ASN A 79  
AA4 1 2 N ALA A 98  ? N ALA A 98  O ILE A 112 ? O ILE A 112 
AA5 1 2 N GLU A 127 ? N GLU A 127 O LYS A 136 ? O LYS A 136 
AA5 2 3 N LEU A 137 ? N LEU A 137 O VAL A 144 ? O VAL A 144 
AA5 3 4 N THR A 143 ? N THR A 143 O THR A 160 ? O THR A 160 
# 
_struct_site.id                   AC1 
_struct_site.pdbx_evidence_code   Software 
_struct_site.pdbx_auth_asym_id    A 
_struct_site.pdbx_auth_comp_id    CHL 
_struct_site.pdbx_auth_seq_id     1001 
_struct_site.pdbx_auth_ins_code   ? 
_struct_site.pdbx_num_residues    16 
_struct_site.details              'binding site for residue CHL A 1001' 
# 
loop_
_struct_site_gen.id 
_struct_site_gen.site_id 
_struct_site_gen.pdbx_num_res 
_struct_site_gen.label_comp_id 
_struct_site_gen.label_asym_id 
_struct_site_gen.label_seq_id 
_struct_site_gen.pdbx_auth_ins_code 
_struct_site_gen.auth_comp_id 
_struct_site_gen.auth_asym_id 
_struct_site_gen.auth_seq_id 
_struct_site_gen.label_atom_id 
_struct_site_gen.label_alt_id 
_struct_site_gen.symmetry 
_struct_site_gen.details 
1  AC1 16 VAL A 31  ? VAL A 31   . ? 1_555 ? 
2  AC1 16 PRO A 32  ? PRO A 32   . ? 1_555 ? 
3  AC1 16 ALA A 33  ? ALA A 33   . ? 1_555 ? 
4  AC1 16 LEU A 43  ? LEU A 43   . ? 1_555 ? 
5  AC1 16 THR A 48  ? THR A 48   . ? 1_555 ? 
6  AC1 16 LEU A 49  ? LEU A 49   . ? 1_555 ? 
7  AC1 16 LEU A 50  ? LEU A 50   . ? 4_556 ? 
8  AC1 16 GLN A 53  ? GLN A 53   . ? 4_556 ? 
9  AC1 16 ILE A 86  ? ILE A 86   . ? 1_555 ? 
10 AC1 16 PRO A 88  ? PRO A 88   . ? 1_555 ? 
11 AC1 16 PRO A 88  ? PRO A 88   . ? 4_556 ? 
12 AC1 16 VAL A 89  ? VAL A 89   . ? 1_555 ? 
13 AC1 16 TRP A 151 ? TRP A 151  . ? 1_555 ? 
14 AC1 16 HOH C .   ? HOH A 1103 . ? 4_556 ? 
15 AC1 16 HOH C .   ? HOH A 1103 . ? 1_555 ? 
16 AC1 16 HOH C .   ? HOH A 1112 . ? 4_556 ? 
# 
_pdbx_entry_details.entry_id                   6S2Z 
_pdbx_entry_details.nonpolymer_details         ? 
_pdbx_entry_details.sequence_details           ? 
_pdbx_entry_details.compound_details           ? 
_pdbx_entry_details.source_details             ? 
_pdbx_entry_details.has_ligand_of_interest     N 
_pdbx_entry_details.has_protein_modification   Y 
# 
loop_
_pdbx_validate_torsion.id 
_pdbx_validate_torsion.PDB_model_num 
_pdbx_validate_torsion.auth_comp_id 
_pdbx_validate_torsion.auth_asym_id 
_pdbx_validate_torsion.auth_seq_id 
_pdbx_validate_torsion.PDB_ins_code 
_pdbx_validate_torsion.label_alt_id 
_pdbx_validate_torsion.phi 
_pdbx_validate_torsion.psi 
1 1 TRP A 87  ? ? -155.43 87.22   
2 1 SER A 102 ? ? -69.13  -178.06 
3 1 TRP A 151 ? ? -105.48 78.60   
# 
loop_
_pdbx_validate_chiral.id 
_pdbx_validate_chiral.PDB_model_num 
_pdbx_validate_chiral.auth_atom_id 
_pdbx_validate_chiral.label_alt_id 
_pdbx_validate_chiral.auth_asym_id 
_pdbx_validate_chiral.auth_comp_id 
_pdbx_validate_chiral.auth_seq_id 
_pdbx_validate_chiral.PDB_ins_code 
_pdbx_validate_chiral.details 
_pdbx_validate_chiral.omega 
1 1 NA ? A CHL 1001 ? PLANAR . 
2 1 NC ? A CHL 1001 ? PLANAR . 
3 1 ND ? A CHL 1001 ? PLANAR . 
# 
_pdbx_struct_special_symmetry.id              1 
_pdbx_struct_special_symmetry.PDB_model_num   1 
_pdbx_struct_special_symmetry.auth_asym_id    A 
_pdbx_struct_special_symmetry.auth_comp_id    HOH 
_pdbx_struct_special_symmetry.auth_seq_id     1103 
_pdbx_struct_special_symmetry.PDB_ins_code    ? 
_pdbx_struct_special_symmetry.label_asym_id   C 
_pdbx_struct_special_symmetry.label_comp_id   HOH 
_pdbx_struct_special_symmetry.label_seq_id    . 
# 
loop_
_pdbx_unobs_or_zero_occ_residues.id 
_pdbx_unobs_or_zero_occ_residues.PDB_model_num 
_pdbx_unobs_or_zero_occ_residues.polymer_flag 
_pdbx_unobs_or_zero_occ_residues.occupancy_flag 
_pdbx_unobs_or_zero_occ_residues.auth_asym_id 
_pdbx_unobs_or_zero_occ_residues.auth_comp_id 
_pdbx_unobs_or_zero_occ_residues.auth_seq_id 
_pdbx_unobs_or_zero_occ_residues.PDB_ins_code 
_pdbx_unobs_or_zero_occ_residues.label_asym_id 
_pdbx_unobs_or_zero_occ_residues.label_comp_id 
_pdbx_unobs_or_zero_occ_residues.label_seq_id 
1 1 Y 1 A ASP 176 ? A ASP 176 
2 1 Y 1 A ASP 177 ? A ASP 177 
3 1 Y 1 A ALA 178 ? A ALA 178 
4 1 Y 1 A THR 179 ? A THR 179 
# 
loop_
_chem_comp_atom.comp_id 
_chem_comp_atom.atom_id 
_chem_comp_atom.type_symbol 
_chem_comp_atom.pdbx_aromatic_flag 
_chem_comp_atom.pdbx_stereo_config 
_chem_comp_atom.pdbx_ordinal 
ALA N    N  N N 1   
ALA CA   C  N S 2   
ALA C    C  N N 3   
ALA O    O  N N 4   
ALA CB   C  N N 5   
ALA OXT  O  N N 6   
ALA H    H  N N 7   
ALA H2   H  N N 8   
ALA HA   H  N N 9   
ALA HB1  H  N N 10  
ALA HB2  H  N N 11  
ALA HB3  H  N N 12  
ALA HXT  H  N N 13  
ARG N    N  N N 14  
ARG CA   C  N S 15  
ARG C    C  N N 16  
ARG O    O  N N 17  
ARG CB   C  N N 18  
ARG CG   C  N N 19  
ARG CD   C  N N 20  
ARG NE   N  N N 21  
ARG CZ   C  N N 22  
ARG NH1  N  N N 23  
ARG NH2  N  N N 24  
ARG OXT  O  N N 25  
ARG H    H  N N 26  
ARG H2   H  N N 27  
ARG HA   H  N N 28  
ARG HB2  H  N N 29  
ARG HB3  H  N N 30  
ARG HG2  H  N N 31  
ARG HG3  H  N N 32  
ARG HD2  H  N N 33  
ARG HD3  H  N N 34  
ARG HE   H  N N 35  
ARG HH11 H  N N 36  
ARG HH12 H  N N 37  
ARG HH21 H  N N 38  
ARG HH22 H  N N 39  
ARG HXT  H  N N 40  
ASN N    N  N N 41  
ASN CA   C  N S 42  
ASN C    C  N N 43  
ASN O    O  N N 44  
ASN CB   C  N N 45  
ASN CG   C  N N 46  
ASN OD1  O  N N 47  
ASN ND2  N  N N 48  
ASN OXT  O  N N 49  
ASN H    H  N N 50  
ASN H2   H  N N 51  
ASN HA   H  N N 52  
ASN HB2  H  N N 53  
ASN HB3  H  N N 54  
ASN HD21 H  N N 55  
ASN HD22 H  N N 56  
ASN HXT  H  N N 57  
ASP N    N  N N 58  
ASP CA   C  N S 59  
ASP C    C  N N 60  
ASP O    O  N N 61  
ASP CB   C  N N 62  
ASP CG   C  N N 63  
ASP OD1  O  N N 64  
ASP OD2  O  N N 65  
ASP OXT  O  N N 66  
ASP H    H  N N 67  
ASP H2   H  N N 68  
ASP HA   H  N N 69  
ASP HB2  H  N N 70  
ASP HB3  H  N N 71  
ASP HD2  H  N N 72  
ASP HXT  H  N N 73  
CHL MG   MG N N 74  
CHL CHA  C  N N 75  
CHL CHB  C  N N 76  
CHL CHC  C  N N 77  
CHL CHD  C  N N 78  
CHL NA   N  N R 79  
CHL C1A  C  N N 80  
CHL C2A  C  N S 81  
CHL C3A  C  N R 82  
CHL C4A  C  N N 83  
CHL CMA  C  N N 84  
CHL CAA  C  N N 85  
CHL CBA  C  N N 86  
CHL CGA  C  N N 87  
CHL O1A  O  N N 88  
CHL O2A  O  N N 89  
CHL NB   N  Y N 90  
CHL C1B  C  Y N 91  
CHL C2B  C  Y N 92  
CHL C3B  C  Y N 93  
CHL C4B  C  Y N 94  
CHL CMB  C  N N 95  
CHL CAB  C  N N 96  
CHL CBB  C  N N 97  
CHL NC   N  N R 98  
CHL C1C  C  N N 99  
CHL C2C  C  N N 100 
CHL C3C  C  N N 101 
CHL C4C  C  N N 102 
CHL CMC  C  N N 103 
CHL OMC  O  N N 104 
CHL CAC  C  N N 105 
CHL CBC  C  N N 106 
CHL ND   N  N R 107 
CHL C1D  C  N N 108 
CHL C2D  C  N N 109 
CHL C3D  C  N N 110 
CHL C4D  C  N N 111 
CHL CMD  C  N N 112 
CHL CAD  C  N N 113 
CHL OBD  O  N N 114 
CHL CBD  C  N R 115 
CHL CGD  C  N N 116 
CHL O1D  O  N N 117 
CHL O2D  O  N N 118 
CHL CED  C  N N 119 
CHL C1   C  N N 120 
CHL C2   C  N N 121 
CHL C3   C  N N 122 
CHL C4   C  N N 123 
CHL C5   C  N N 124 
CHL C6   C  N N 125 
CHL C7   C  N N 126 
CHL C8   C  N R 127 
CHL C9   C  N N 128 
CHL C10  C  N N 129 
CHL C11  C  N N 130 
CHL C12  C  N N 131 
CHL C13  C  N R 132 
CHL C14  C  N N 133 
CHL C15  C  N N 134 
CHL C16  C  N N 135 
CHL C17  C  N N 136 
CHL C18  C  N N 137 
CHL C19  C  N N 138 
CHL C20  C  N N 139 
CHL H1   H  N N 140 
CHL H2   H  N N 141 
CHL H3   H  N N 142 
CHL H4   H  N N 143 
CHL H5   H  N N 144 
CHL H6   H  N N 145 
CHL H7   H  N N 146 
CHL H8   H  N N 147 
CHL H9   H  N N 148 
CHL H10  H  N N 149 
CHL H11  H  N N 150 
CHL H12  H  N N 151 
CHL H13  H  N N 152 
CHL H14  H  N N 153 
CHL H15  H  N N 154 
CHL H16  H  N N 155 
CHL H17  H  N N 156 
CHL H18  H  N N 157 
CHL H19  H  N N 158 
CHL H20  H  N N 159 
CHL H21  H  N N 160 
CHL H22  H  N N 161 
CHL H23  H  N N 162 
CHL H24  H  N N 163 
CHL H25  H  N N 164 
CHL H26  H  N N 165 
CHL H27  H  N N 166 
CHL H28  H  N N 167 
CHL H29  H  N N 168 
CHL H30  H  N N 169 
CHL H31  H  N N 170 
CHL H32  H  N N 171 
CHL H33  H  N N 172 
CHL H34  H  N N 173 
CHL H35  H  N N 174 
CHL H36  H  N N 175 
CHL H37  H  N N 176 
CHL H38  H  N N 177 
CHL H39  H  N N 178 
CHL H40  H  N N 179 
CHL H41  H  N N 180 
CHL H42  H  N N 181 
CHL H43  H  N N 182 
CHL H44  H  N N 183 
CHL H45  H  N N 184 
CHL H46  H  N N 185 
CHL H47  H  N N 186 
CHL H48  H  N N 187 
CHL H49  H  N N 188 
CHL H50  H  N N 189 
CHL H51  H  N N 190 
CHL H52  H  N N 191 
CHL H53  H  N N 192 
CHL H54  H  N N 193 
CHL H55  H  N N 194 
CHL H56  H  N N 195 
CHL H57  H  N N 196 
CHL H58  H  N N 197 
CHL H59  H  N N 198 
CHL H60  H  N N 199 
CHL H61  H  N N 200 
CHL H62  H  N N 201 
CHL H63  H  N N 202 
CHL H64  H  N N 203 
CHL H65  H  N N 204 
CHL H66  H  N N 205 
CHL H67  H  N N 206 
CHL H68  H  N N 207 
CHL H69  H  N N 208 
CHL H70  H  N N 209 
CYS N    N  N N 210 
CYS CA   C  N R 211 
CYS C    C  N N 212 
CYS O    O  N N 213 
CYS CB   C  N N 214 
CYS SG   S  N N 215 
CYS OXT  O  N N 216 
CYS H    H  N N 217 
CYS H2   H  N N 218 
CYS HA   H  N N 219 
CYS HB2  H  N N 220 
CYS HB3  H  N N 221 
CYS HG   H  N N 222 
CYS HXT  H  N N 223 
GLN N    N  N N 224 
GLN CA   C  N S 225 
GLN C    C  N N 226 
GLN O    O  N N 227 
GLN CB   C  N N 228 
GLN CG   C  N N 229 
GLN CD   C  N N 230 
GLN OE1  O  N N 231 
GLN NE2  N  N N 232 
GLN OXT  O  N N 233 
GLN H    H  N N 234 
GLN H2   H  N N 235 
GLN HA   H  N N 236 
GLN HB2  H  N N 237 
GLN HB3  H  N N 238 
GLN HG2  H  N N 239 
GLN HG3  H  N N 240 
GLN HE21 H  N N 241 
GLN HE22 H  N N 242 
GLN HXT  H  N N 243 
GLU N    N  N N 244 
GLU CA   C  N S 245 
GLU C    C  N N 246 
GLU O    O  N N 247 
GLU CB   C  N N 248 
GLU CG   C  N N 249 
GLU CD   C  N N 250 
GLU OE1  O  N N 251 
GLU OE2  O  N N 252 
GLU OXT  O  N N 253 
GLU H    H  N N 254 
GLU H2   H  N N 255 
GLU HA   H  N N 256 
GLU HB2  H  N N 257 
GLU HB3  H  N N 258 
GLU HG2  H  N N 259 
GLU HG3  H  N N 260 
GLU HE2  H  N N 261 
GLU HXT  H  N N 262 
GLY N    N  N N 263 
GLY CA   C  N N 264 
GLY C    C  N N 265 
GLY O    O  N N 266 
GLY OXT  O  N N 267 
GLY H    H  N N 268 
GLY H2   H  N N 269 
GLY HA2  H  N N 270 
GLY HA3  H  N N 271 
GLY HXT  H  N N 272 
HIS N    N  N N 273 
HIS CA   C  N S 274 
HIS C    C  N N 275 
HIS O    O  N N 276 
HIS CB   C  N N 277 
HIS CG   C  Y N 278 
HIS ND1  N  Y N 279 
HIS CD2  C  Y N 280 
HIS CE1  C  Y N 281 
HIS NE2  N  Y N 282 
HIS OXT  O  N N 283 
HIS H    H  N N 284 
HIS H2   H  N N 285 
HIS HA   H  N N 286 
HIS HB2  H  N N 287 
HIS HB3  H  N N 288 
HIS HD1  H  N N 289 
HIS HD2  H  N N 290 
HIS HE1  H  N N 291 
HIS HE2  H  N N 292 
HIS HXT  H  N N 293 
HOH O    O  N N 294 
HOH H1   H  N N 295 
HOH H2   H  N N 296 
ILE N    N  N N 297 
ILE CA   C  N S 298 
ILE C    C  N N 299 
ILE O    O  N N 300 
ILE CB   C  N S 301 
ILE CG1  C  N N 302 
ILE CG2  C  N N 303 
ILE CD1  C  N N 304 
ILE OXT  O  N N 305 
ILE H    H  N N 306 
ILE H2   H  N N 307 
ILE HA   H  N N 308 
ILE HB   H  N N 309 
ILE HG12 H  N N 310 
ILE HG13 H  N N 311 
ILE HG21 H  N N 312 
ILE HG22 H  N N 313 
ILE HG23 H  N N 314 
ILE HD11 H  N N 315 
ILE HD12 H  N N 316 
ILE HD13 H  N N 317 
ILE HXT  H  N N 318 
LEU N    N  N N 319 
LEU CA   C  N S 320 
LEU C    C  N N 321 
LEU O    O  N N 322 
LEU CB   C  N N 323 
LEU CG   C  N N 324 
LEU CD1  C  N N 325 
LEU CD2  C  N N 326 
LEU OXT  O  N N 327 
LEU H    H  N N 328 
LEU H2   H  N N 329 
LEU HA   H  N N 330 
LEU HB2  H  N N 331 
LEU HB3  H  N N 332 
LEU HG   H  N N 333 
LEU HD11 H  N N 334 
LEU HD12 H  N N 335 
LEU HD13 H  N N 336 
LEU HD21 H  N N 337 
LEU HD22 H  N N 338 
LEU HD23 H  N N 339 
LEU HXT  H  N N 340 
LYS N    N  N N 341 
LYS CA   C  N S 342 
LYS C    C  N N 343 
LYS O    O  N N 344 
LYS CB   C  N N 345 
LYS CG   C  N N 346 
LYS CD   C  N N 347 
LYS CE   C  N N 348 
LYS NZ   N  N N 349 
LYS OXT  O  N N 350 
LYS H    H  N N 351 
LYS H2   H  N N 352 
LYS HA   H  N N 353 
LYS HB2  H  N N 354 
LYS HB3  H  N N 355 
LYS HG2  H  N N 356 
LYS HG3  H  N N 357 
LYS HD2  H  N N 358 
LYS HD3  H  N N 359 
LYS HE2  H  N N 360 
LYS HE3  H  N N 361 
LYS HZ1  H  N N 362 
LYS HZ2  H  N N 363 
LYS HZ3  H  N N 364 
LYS HXT  H  N N 365 
PHE N    N  N N 366 
PHE CA   C  N S 367 
PHE C    C  N N 368 
PHE O    O  N N 369 
PHE CB   C  N N 370 
PHE CG   C  Y N 371 
PHE CD1  C  Y N 372 
PHE CD2  C  Y N 373 
PHE CE1  C  Y N 374 
PHE CE2  C  Y N 375 
PHE CZ   C  Y N 376 
PHE OXT  O  N N 377 
PHE H    H  N N 378 
PHE H2   H  N N 379 
PHE HA   H  N N 380 
PHE HB2  H  N N 381 
PHE HB3  H  N N 382 
PHE HD1  H  N N 383 
PHE HD2  H  N N 384 
PHE HE1  H  N N 385 
PHE HE2  H  N N 386 
PHE HZ   H  N N 387 
PHE HXT  H  N N 388 
PRO N    N  N N 389 
PRO CA   C  N S 390 
PRO C    C  N N 391 
PRO O    O  N N 392 
PRO CB   C  N N 393 
PRO CG   C  N N 394 
PRO CD   C  N N 395 
PRO OXT  O  N N 396 
PRO H    H  N N 397 
PRO HA   H  N N 398 
PRO HB2  H  N N 399 
PRO HB3  H  N N 400 
PRO HG2  H  N N 401 
PRO HG3  H  N N 402 
PRO HD2  H  N N 403 
PRO HD3  H  N N 404 
PRO HXT  H  N N 405 
SER N    N  N N 406 
SER CA   C  N S 407 
SER C    C  N N 408 
SER O    O  N N 409 
SER CB   C  N N 410 
SER OG   O  N N 411 
SER OXT  O  N N 412 
SER H    H  N N 413 
SER H2   H  N N 414 
SER HA   H  N N 415 
SER HB2  H  N N 416 
SER HB3  H  N N 417 
SER HG   H  N N 418 
SER HXT  H  N N 419 
THR N    N  N N 420 
THR CA   C  N S 421 
THR C    C  N N 422 
THR O    O  N N 423 
THR CB   C  N R 424 
THR OG1  O  N N 425 
THR CG2  C  N N 426 
THR OXT  O  N N 427 
THR H    H  N N 428 
THR H2   H  N N 429 
THR HA   H  N N 430 
THR HB   H  N N 431 
THR HG1  H  N N 432 
THR HG21 H  N N 433 
THR HG22 H  N N 434 
THR HG23 H  N N 435 
THR HXT  H  N N 436 
TRP N    N  N N 437 
TRP CA   C  N S 438 
TRP C    C  N N 439 
TRP O    O  N N 440 
TRP CB   C  N N 441 
TRP CG   C  Y N 442 
TRP CD1  C  Y N 443 
TRP CD2  C  Y N 444 
TRP NE1  N  Y N 445 
TRP CE2  C  Y N 446 
TRP CE3  C  Y N 447 
TRP CZ2  C  Y N 448 
TRP CZ3  C  Y N 449 
TRP CH2  C  Y N 450 
TRP OXT  O  N N 451 
TRP H    H  N N 452 
TRP H2   H  N N 453 
TRP HA   H  N N 454 
TRP HB2  H  N N 455 
TRP HB3  H  N N 456 
TRP HD1  H  N N 457 
TRP HE1  H  N N 458 
TRP HE3  H  N N 459 
TRP HZ2  H  N N 460 
TRP HZ3  H  N N 461 
TRP HH2  H  N N 462 
TRP HXT  H  N N 463 
TYR N    N  N N 464 
TYR CA   C  N S 465 
TYR C    C  N N 466 
TYR O    O  N N 467 
TYR CB   C  N N 468 
TYR CG   C  Y N 469 
TYR CD1  C  Y N 470 
TYR CD2  C  Y N 471 
TYR CE1  C  Y N 472 
TYR CE2  C  Y N 473 
TYR CZ   C  Y N 474 
TYR OH   O  N N 475 
TYR OXT  O  N N 476 
TYR H    H  N N 477 
TYR H2   H  N N 478 
TYR HA   H  N N 479 
TYR HB2  H  N N 480 
TYR HB3  H  N N 481 
TYR HD1  H  N N 482 
TYR HD2  H  N N 483 
TYR HE1  H  N N 484 
TYR HE2  H  N N 485 
TYR HH   H  N N 486 
TYR HXT  H  N N 487 
VAL N    N  N N 488 
VAL CA   C  N S 489 
VAL C    C  N N 490 
VAL O    O  N N 491 
VAL CB   C  N N 492 
VAL CG1  C  N N 493 
VAL CG2  C  N N 494 
VAL OXT  O  N N 495 
VAL H    H  N N 496 
VAL H2   H  N N 497 
VAL HA   H  N N 498 
VAL HB   H  N N 499 
VAL HG11 H  N N 500 
VAL HG12 H  N N 501 
VAL HG13 H  N N 502 
VAL HG21 H  N N 503 
VAL HG22 H  N N 504 
VAL HG23 H  N N 505 
VAL HXT  H  N N 506 
# 
loop_
_chem_comp_bond.comp_id 
_chem_comp_bond.atom_id_1 
_chem_comp_bond.atom_id_2 
_chem_comp_bond.value_order 
_chem_comp_bond.pdbx_aromatic_flag 
_chem_comp_bond.pdbx_stereo_config 
_chem_comp_bond.pdbx_ordinal 
ALA N   CA   sing N N 1   
ALA N   H    sing N N 2   
ALA N   H2   sing N N 3   
ALA CA  C    sing N N 4   
ALA CA  CB   sing N N 5   
ALA CA  HA   sing N N 6   
ALA C   O    doub N N 7   
ALA C   OXT  sing N N 8   
ALA CB  HB1  sing N N 9   
ALA CB  HB2  sing N N 10  
ALA CB  HB3  sing N N 11  
ALA OXT HXT  sing N N 12  
ARG N   CA   sing N N 13  
ARG N   H    sing N N 14  
ARG N   H2   sing N N 15  
ARG CA  C    sing N N 16  
ARG CA  CB   sing N N 17  
ARG CA  HA   sing N N 18  
ARG C   O    doub N N 19  
ARG C   OXT  sing N N 20  
ARG CB  CG   sing N N 21  
ARG CB  HB2  sing N N 22  
ARG CB  HB3  sing N N 23  
ARG CG  CD   sing N N 24  
ARG CG  HG2  sing N N 25  
ARG CG  HG3  sing N N 26  
ARG CD  NE   sing N N 27  
ARG CD  HD2  sing N N 28  
ARG CD  HD3  sing N N 29  
ARG NE  CZ   sing N N 30  
ARG NE  HE   sing N N 31  
ARG CZ  NH1  sing N N 32  
ARG CZ  NH2  doub N N 33  
ARG NH1 HH11 sing N N 34  
ARG NH1 HH12 sing N N 35  
ARG NH2 HH21 sing N N 36  
ARG NH2 HH22 sing N N 37  
ARG OXT HXT  sing N N 38  
ASN N   CA   sing N N 39  
ASN N   H    sing N N 40  
ASN N   H2   sing N N 41  
ASN CA  C    sing N N 42  
ASN CA  CB   sing N N 43  
ASN CA  HA   sing N N 44  
ASN C   O    doub N N 45  
ASN C   OXT  sing N N 46  
ASN CB  CG   sing N N 47  
ASN CB  HB2  sing N N 48  
ASN CB  HB3  sing N N 49  
ASN CG  OD1  doub N N 50  
ASN CG  ND2  sing N N 51  
ASN ND2 HD21 sing N N 52  
ASN ND2 HD22 sing N N 53  
ASN OXT HXT  sing N N 54  
ASP N   CA   sing N N 55  
ASP N   H    sing N N 56  
ASP N   H2   sing N N 57  
ASP CA  C    sing N N 58  
ASP CA  CB   sing N N 59  
ASP CA  HA   sing N N 60  
ASP C   O    doub N N 61  
ASP C   OXT  sing N N 62  
ASP CB  CG   sing N N 63  
ASP CB  HB2  sing N N 64  
ASP CB  HB3  sing N N 65  
ASP CG  OD1  doub N N 66  
ASP CG  OD2  sing N N 67  
ASP OD2 HD2  sing N N 68  
ASP OXT HXT  sing N N 69  
CHL MG  NA   sing N N 70  
CHL MG  NB   sing N N 71  
CHL MG  NC   sing N N 72  
CHL MG  ND   sing N N 73  
CHL CHA C1A  sing N N 74  
CHL CHA C4D  doub N N 75  
CHL CHA CBD  sing N N 76  
CHL CHB C4A  doub N N 77  
CHL CHB C1B  sing N N 78  
CHL CHC C4B  sing N N 79  
CHL CHC C1C  doub N N 80  
CHL CHD C4C  sing N N 81  
CHL CHD C1D  doub N N 82  
CHL NA  C1A  doub N N 83  
CHL NA  C4A  sing N N 84  
CHL C1A C2A  sing N N 85  
CHL C2A C3A  sing N N 86  
CHL C2A CAA  sing N N 87  
CHL C3A C4A  sing N N 88  
CHL C3A CMA  sing N N 89  
CHL CAA CBA  sing N N 90  
CHL CBA CGA  sing N N 91  
CHL CGA O1A  doub N N 92  
CHL CGA O2A  sing N N 93  
CHL O2A C1   sing N N 94  
CHL NB  C1B  sing Y N 95  
CHL NB  C4B  sing Y N 96  
CHL C1B C2B  doub Y N 97  
CHL C2B C3B  sing Y N 98  
CHL C2B CMB  sing N N 99  
CHL C3B C4B  doub Y N 100 
CHL C3B CAB  sing N N 101 
CHL CAB CBB  doub N N 102 
CHL NC  C1C  sing N N 103 
CHL NC  C4C  doub N N 104 
CHL C1C C2C  sing N N 105 
CHL C2C C3C  doub N N 106 
CHL C2C CMC  sing N N 107 
CHL C3C C4C  sing N N 108 
CHL C3C CAC  sing N N 109 
CHL CMC OMC  doub N N 110 
CHL CAC CBC  sing N N 111 
CHL ND  C1D  sing N N 112 
CHL ND  C4D  sing N N 113 
CHL C1D C2D  sing N N 114 
CHL C2D C3D  doub N N 115 
CHL C2D CMD  sing N N 116 
CHL C3D C4D  sing N N 117 
CHL C3D CAD  sing N N 118 
CHL CAD OBD  doub N N 119 
CHL CAD CBD  sing N N 120 
CHL CBD CGD  sing N N 121 
CHL CGD O1D  doub N N 122 
CHL CGD O2D  sing N N 123 
CHL O2D CED  sing N N 124 
CHL C1  C2   sing N N 125 
CHL C2  C3   doub N E 126 
CHL C3  C4   sing N N 127 
CHL C3  C5   sing N N 128 
CHL C5  C6   sing N N 129 
CHL C6  C7   sing N N 130 
CHL C7  C8   sing N N 131 
CHL C8  C9   sing N N 132 
CHL C8  C10  sing N N 133 
CHL C10 C11  sing N N 134 
CHL C11 C12  sing N N 135 
CHL C12 C13  sing N N 136 
CHL C13 C14  sing N N 137 
CHL C13 C15  sing N N 138 
CHL C15 C16  sing N N 139 
CHL C16 C17  sing N N 140 
CHL C17 C18  sing N N 141 
CHL C18 C19  sing N N 142 
CHL C18 C20  sing N N 143 
CHL CHB H1   sing N N 144 
CHL CHC H2   sing N N 145 
CHL CHD H3   sing N N 146 
CHL CMA H4   sing N N 147 
CHL CMA H5   sing N N 148 
CHL CMA H6   sing N N 149 
CHL CAA H7   sing N N 150 
CHL CAA H8   sing N N 151 
CHL CBA H9   sing N N 152 
CHL CBA H10  sing N N 153 
CHL CMB H11  sing N N 154 
CHL CMB H12  sing N N 155 
CHL CMB H13  sing N N 156 
CHL CAB H14  sing N N 157 
CHL CBB H15  sing N N 158 
CHL CBB H16  sing N N 159 
CHL CMC H17  sing N N 160 
CHL CAC H18  sing N N 161 
CHL CAC H19  sing N N 162 
CHL CBC H20  sing N N 163 
CHL CBC H21  sing N N 164 
CHL CBC H22  sing N N 165 
CHL CMD H23  sing N N 166 
CHL CMD H24  sing N N 167 
CHL CMD H25  sing N N 168 
CHL CBD H26  sing N N 169 
CHL CED H27  sing N N 170 
CHL CED H28  sing N N 171 
CHL CED H29  sing N N 172 
CHL C1  H30  sing N N 173 
CHL C1  H31  sing N N 174 
CHL C2  H32  sing N N 175 
CHL C4  H33  sing N N 176 
CHL C4  H34  sing N N 177 
CHL C4  H35  sing N N 178 
CHL C5  H36  sing N N 179 
CHL C5  H37  sing N N 180 
CHL C6  H38  sing N N 181 
CHL C6  H39  sing N N 182 
CHL C7  H40  sing N N 183 
CHL C7  H41  sing N N 184 
CHL C8  H42  sing N N 185 
CHL C9  H43  sing N N 186 
CHL C9  H44  sing N N 187 
CHL C9  H45  sing N N 188 
CHL C10 H46  sing N N 189 
CHL C10 H47  sing N N 190 
CHL C11 H48  sing N N 191 
CHL C11 H49  sing N N 192 
CHL C12 H50  sing N N 193 
CHL C12 H51  sing N N 194 
CHL C13 H52  sing N N 195 
CHL C14 H53  sing N N 196 
CHL C14 H54  sing N N 197 
CHL C14 H55  sing N N 198 
CHL C15 H56  sing N N 199 
CHL C16 H57  sing N N 200 
CHL C17 H58  sing N N 201 
CHL C17 H59  sing N N 202 
CHL C18 H60  sing N N 203 
CHL C19 H61  sing N N 204 
CHL C19 H62  sing N N 205 
CHL C19 H63  sing N N 206 
CHL C20 H64  sing N N 207 
CHL C20 H65  sing N N 208 
CHL C20 H66  sing N N 209 
CHL C2A H67  sing N N 210 
CHL C3A H68  sing N N 211 
CHL C15 H69  sing N N 212 
CHL C16 H70  sing N N 213 
CYS N   CA   sing N N 214 
CYS N   H    sing N N 215 
CYS N   H2   sing N N 216 
CYS CA  C    sing N N 217 
CYS CA  CB   sing N N 218 
CYS CA  HA   sing N N 219 
CYS C   O    doub N N 220 
CYS C   OXT  sing N N 221 
CYS CB  SG   sing N N 222 
CYS CB  HB2  sing N N 223 
CYS CB  HB3  sing N N 224 
CYS SG  HG   sing N N 225 
CYS OXT HXT  sing N N 226 
GLN N   CA   sing N N 227 
GLN N   H    sing N N 228 
GLN N   H2   sing N N 229 
GLN CA  C    sing N N 230 
GLN CA  CB   sing N N 231 
GLN CA  HA   sing N N 232 
GLN C   O    doub N N 233 
GLN C   OXT  sing N N 234 
GLN CB  CG   sing N N 235 
GLN CB  HB2  sing N N 236 
GLN CB  HB3  sing N N 237 
GLN CG  CD   sing N N 238 
GLN CG  HG2  sing N N 239 
GLN CG  HG3  sing N N 240 
GLN CD  OE1  doub N N 241 
GLN CD  NE2  sing N N 242 
GLN NE2 HE21 sing N N 243 
GLN NE2 HE22 sing N N 244 
GLN OXT HXT  sing N N 245 
GLU N   CA   sing N N 246 
GLU N   H    sing N N 247 
GLU N   H2   sing N N 248 
GLU CA  C    sing N N 249 
GLU CA  CB   sing N N 250 
GLU CA  HA   sing N N 251 
GLU C   O    doub N N 252 
GLU C   OXT  sing N N 253 
GLU CB  CG   sing N N 254 
GLU CB  HB2  sing N N 255 
GLU CB  HB3  sing N N 256 
GLU CG  CD   sing N N 257 
GLU CG  HG2  sing N N 258 
GLU CG  HG3  sing N N 259 
GLU CD  OE1  doub N N 260 
GLU CD  OE2  sing N N 261 
GLU OE2 HE2  sing N N 262 
GLU OXT HXT  sing N N 263 
GLY N   CA   sing N N 264 
GLY N   H    sing N N 265 
GLY N   H2   sing N N 266 
GLY CA  C    sing N N 267 
GLY CA  HA2  sing N N 268 
GLY CA  HA3  sing N N 269 
GLY C   O    doub N N 270 
GLY C   OXT  sing N N 271 
GLY OXT HXT  sing N N 272 
HIS N   CA   sing N N 273 
HIS N   H    sing N N 274 
HIS N   H2   sing N N 275 
HIS CA  C    sing N N 276 
HIS CA  CB   sing N N 277 
HIS CA  HA   sing N N 278 
HIS C   O    doub N N 279 
HIS C   OXT  sing N N 280 
HIS CB  CG   sing N N 281 
HIS CB  HB2  sing N N 282 
HIS CB  HB3  sing N N 283 
HIS CG  ND1  sing Y N 284 
HIS CG  CD2  doub Y N 285 
HIS ND1 CE1  doub Y N 286 
HIS ND1 HD1  sing N N 287 
HIS CD2 NE2  sing Y N 288 
HIS CD2 HD2  sing N N 289 
HIS CE1 NE2  sing Y N 290 
HIS CE1 HE1  sing N N 291 
HIS NE2 HE2  sing N N 292 
HIS OXT HXT  sing N N 293 
HOH O   H1   sing N N 294 
HOH O   H2   sing N N 295 
ILE N   CA   sing N N 296 
ILE N   H    sing N N 297 
ILE N   H2   sing N N 298 
ILE CA  C    sing N N 299 
ILE CA  CB   sing N N 300 
ILE CA  HA   sing N N 301 
ILE C   O    doub N N 302 
ILE C   OXT  sing N N 303 
ILE CB  CG1  sing N N 304 
ILE CB  CG2  sing N N 305 
ILE CB  HB   sing N N 306 
ILE CG1 CD1  sing N N 307 
ILE CG1 HG12 sing N N 308 
ILE CG1 HG13 sing N N 309 
ILE CG2 HG21 sing N N 310 
ILE CG2 HG22 sing N N 311 
ILE CG2 HG23 sing N N 312 
ILE CD1 HD11 sing N N 313 
ILE CD1 HD12 sing N N 314 
ILE CD1 HD13 sing N N 315 
ILE OXT HXT  sing N N 316 
LEU N   CA   sing N N 317 
LEU N   H    sing N N 318 
LEU N   H2   sing N N 319 
LEU CA  C    sing N N 320 
LEU CA  CB   sing N N 321 
LEU CA  HA   sing N N 322 
LEU C   O    doub N N 323 
LEU C   OXT  sing N N 324 
LEU CB  CG   sing N N 325 
LEU CB  HB2  sing N N 326 
LEU CB  HB3  sing N N 327 
LEU CG  CD1  sing N N 328 
LEU CG  CD2  sing N N 329 
LEU CG  HG   sing N N 330 
LEU CD1 HD11 sing N N 331 
LEU CD1 HD12 sing N N 332 
LEU CD1 HD13 sing N N 333 
LEU CD2 HD21 sing N N 334 
LEU CD2 HD22 sing N N 335 
LEU CD2 HD23 sing N N 336 
LEU OXT HXT  sing N N 337 
LYS N   CA   sing N N 338 
LYS N   H    sing N N 339 
LYS N   H2   sing N N 340 
LYS CA  C    sing N N 341 
LYS CA  CB   sing N N 342 
LYS CA  HA   sing N N 343 
LYS C   O    doub N N 344 
LYS C   OXT  sing N N 345 
LYS CB  CG   sing N N 346 
LYS CB  HB2  sing N N 347 
LYS CB  HB3  sing N N 348 
LYS CG  CD   sing N N 349 
LYS CG  HG2  sing N N 350 
LYS CG  HG3  sing N N 351 
LYS CD  CE   sing N N 352 
LYS CD  HD2  sing N N 353 
LYS CD  HD3  sing N N 354 
LYS CE  NZ   sing N N 355 
LYS CE  HE2  sing N N 356 
LYS CE  HE3  sing N N 357 
LYS NZ  HZ1  sing N N 358 
LYS NZ  HZ2  sing N N 359 
LYS NZ  HZ3  sing N N 360 
LYS OXT HXT  sing N N 361 
PHE N   CA   sing N N 362 
PHE N   H    sing N N 363 
PHE N   H2   sing N N 364 
PHE CA  C    sing N N 365 
PHE CA  CB   sing N N 366 
PHE CA  HA   sing N N 367 
PHE C   O    doub N N 368 
PHE C   OXT  sing N N 369 
PHE CB  CG   sing N N 370 
PHE CB  HB2  sing N N 371 
PHE CB  HB3  sing N N 372 
PHE CG  CD1  doub Y N 373 
PHE CG  CD2  sing Y N 374 
PHE CD1 CE1  sing Y N 375 
PHE CD1 HD1  sing N N 376 
PHE CD2 CE2  doub Y N 377 
PHE CD2 HD2  sing N N 378 
PHE CE1 CZ   doub Y N 379 
PHE CE1 HE1  sing N N 380 
PHE CE2 CZ   sing Y N 381 
PHE CE2 HE2  sing N N 382 
PHE CZ  HZ   sing N N 383 
PHE OXT HXT  sing N N 384 
PRO N   CA   sing N N 385 
PRO N   CD   sing N N 386 
PRO N   H    sing N N 387 
PRO CA  C    sing N N 388 
PRO CA  CB   sing N N 389 
PRO CA  HA   sing N N 390 
PRO C   O    doub N N 391 
PRO C   OXT  sing N N 392 
PRO CB  CG   sing N N 393 
PRO CB  HB2  sing N N 394 
PRO CB  HB3  sing N N 395 
PRO CG  CD   sing N N 396 
PRO CG  HG2  sing N N 397 
PRO CG  HG3  sing N N 398 
PRO CD  HD2  sing N N 399 
PRO CD  HD3  sing N N 400 
PRO OXT HXT  sing N N 401 
SER N   CA   sing N N 402 
SER N   H    sing N N 403 
SER N   H2   sing N N 404 
SER CA  C    sing N N 405 
SER CA  CB   sing N N 406 
SER CA  HA   sing N N 407 
SER C   O    doub N N 408 
SER C   OXT  sing N N 409 
SER CB  OG   sing N N 410 
SER CB  HB2  sing N N 411 
SER CB  HB3  sing N N 412 
SER OG  HG   sing N N 413 
SER OXT HXT  sing N N 414 
THR N   CA   sing N N 415 
THR N   H    sing N N 416 
THR N   H2   sing N N 417 
THR CA  C    sing N N 418 
THR CA  CB   sing N N 419 
THR CA  HA   sing N N 420 
THR C   O    doub N N 421 
THR C   OXT  sing N N 422 
THR CB  OG1  sing N N 423 
THR CB  CG2  sing N N 424 
THR CB  HB   sing N N 425 
THR OG1 HG1  sing N N 426 
THR CG2 HG21 sing N N 427 
THR CG2 HG22 sing N N 428 
THR CG2 HG23 sing N N 429 
THR OXT HXT  sing N N 430 
TRP N   CA   sing N N 431 
TRP N   H    sing N N 432 
TRP N   H2   sing N N 433 
TRP CA  C    sing N N 434 
TRP CA  CB   sing N N 435 
TRP CA  HA   sing N N 436 
TRP C   O    doub N N 437 
TRP C   OXT  sing N N 438 
TRP CB  CG   sing N N 439 
TRP CB  HB2  sing N N 440 
TRP CB  HB3  sing N N 441 
TRP CG  CD1  doub Y N 442 
TRP CG  CD2  sing Y N 443 
TRP CD1 NE1  sing Y N 444 
TRP CD1 HD1  sing N N 445 
TRP CD2 CE2  doub Y N 446 
TRP CD2 CE3  sing Y N 447 
TRP NE1 CE2  sing Y N 448 
TRP NE1 HE1  sing N N 449 
TRP CE2 CZ2  sing Y N 450 
TRP CE3 CZ3  doub Y N 451 
TRP CE3 HE3  sing N N 452 
TRP CZ2 CH2  doub Y N 453 
TRP CZ2 HZ2  sing N N 454 
TRP CZ3 CH2  sing Y N 455 
TRP CZ3 HZ3  sing N N 456 
TRP CH2 HH2  sing N N 457 
TRP OXT HXT  sing N N 458 
TYR N   CA   sing N N 459 
TYR N   H    sing N N 460 
TYR N   H2   sing N N 461 
TYR CA  C    sing N N 462 
TYR CA  CB   sing N N 463 
TYR CA  HA   sing N N 464 
TYR C   O    doub N N 465 
TYR C   OXT  sing N N 466 
TYR CB  CG   sing N N 467 
TYR CB  HB2  sing N N 468 
TYR CB  HB3  sing N N 469 
TYR CG  CD1  doub Y N 470 
TYR CG  CD2  sing Y N 471 
TYR CD1 CE1  sing Y N 472 
TYR CD1 HD1  sing N N 473 
TYR CD2 CE2  doub Y N 474 
TYR CD2 HD2  sing N N 475 
TYR CE1 CZ   doub Y N 476 
TYR CE1 HE1  sing N N 477 
TYR CE2 CZ   sing Y N 478 
TYR CE2 HE2  sing N N 479 
TYR CZ  OH   sing N N 480 
TYR OH  HH   sing N N 481 
TYR OXT HXT  sing N N 482 
VAL N   CA   sing N N 483 
VAL N   H    sing N N 484 
VAL N   H2   sing N N 485 
VAL CA  C    sing N N 486 
VAL CA  CB   sing N N 487 
VAL CA  HA   sing N N 488 
VAL C   O    doub N N 489 
VAL C   OXT  sing N N 490 
VAL CB  CG1  sing N N 491 
VAL CB  CG2  sing N N 492 
VAL CB  HB   sing N N 493 
VAL CG1 HG11 sing N N 494 
VAL CG1 HG12 sing N N 495 
VAL CG1 HG13 sing N N 496 
VAL CG2 HG21 sing N N 497 
VAL CG2 HG22 sing N N 498 
VAL CG2 HG23 sing N N 499 
VAL OXT HXT  sing N N 500 
# 
loop_
_pdbx_audit_support.funding_organization 
_pdbx_audit_support.country 
_pdbx_audit_support.grant_number 
_pdbx_audit_support.ordinal 
'German Research Foundation'    Germany 'Pa 324/10-1'              1 
'Italian Ministry of Education' Italy   'PRIN 2015 no. 2015XBZ5YA' 2 
# 
_pdbx_initial_refinement_model.id               1 
_pdbx_initial_refinement_model.entity_id_list   ? 
_pdbx_initial_refinement_model.type             'experimental model' 
_pdbx_initial_refinement_model.source_name      PDB 
_pdbx_initial_refinement_model.accession_code   5HPZ 
_pdbx_initial_refinement_model.details          ? 
# 
_atom_sites.entry_id                    6S2Z 
_atom_sites.Cartn_transf_matrix[1][1]   ? 
_atom_sites.Cartn_transf_matrix[1][2]   ? 
_atom_sites.Cartn_transf_matrix[1][3]   ? 
_atom_sites.Cartn_transf_matrix[2][1]   ? 
_atom_sites.Cartn_transf_matrix[2][2]   ? 
_atom_sites.Cartn_transf_matrix[2][3]   ? 
_atom_sites.Cartn_transf_matrix[3][1]   ? 
_atom_sites.Cartn_transf_matrix[3][2]   ? 
_atom_sites.Cartn_transf_matrix[3][3]   ? 
_atom_sites.Cartn_transf_vector[1]      ? 
_atom_sites.Cartn_transf_vector[2]      ? 
_atom_sites.Cartn_transf_vector[3]      ? 
_atom_sites.fract_transf_matrix[1][1]   0.00868132 
_atom_sites.fract_transf_matrix[1][2]   0.00617376 
_atom_sites.fract_transf_matrix[1][3]   0.00453791 
_atom_sites.fract_transf_matrix[2][1]   0.00313110 
_atom_sites.fract_transf_matrix[2][2]   0.00128856 
_atom_sites.fract_transf_matrix[2][3]   -0.00774308 
_atom_sites.fract_transf_matrix[3][1]   -0.01422234 
_atom_sites.fract_transf_matrix[3][2]   0.02158582 
_atom_sites.fract_transf_matrix[3][3]   -0.00215895 
_atom_sites.fract_transf_vector[1]      0.212011 
_atom_sites.fract_transf_vector[2]      0.120000 
_atom_sites.fract_transf_vector[3]      0.262888 
_atom_sites.solution_primary            ? 
_atom_sites.solution_secondary          ? 
_atom_sites.solution_hydrogens          ? 
_atom_sites.special_details             ? 
# 
loop_
_atom_type.symbol 
C  
MG 
N  
O  
S  
# 
loop_
_atom_site.group_PDB 
_atom_site.id 
_atom_site.type_symbol 
_atom_site.label_atom_id 
_atom_site.label_alt_id 
_atom_site.label_comp_id 
_atom_site.label_asym_id 
_atom_site.label_entity_id 
_atom_site.label_seq_id 
_atom_site.pdbx_PDB_ins_code 
_atom_site.Cartn_x 
_atom_site.Cartn_y 
_atom_site.Cartn_z 
_atom_site.occupancy 
_atom_site.B_iso_or_equiv 
_atom_site.pdbx_formal_charge 
_atom_site.auth_seq_id 
_atom_site.auth_comp_id 
_atom_site.auth_asym_id 
_atom_site.auth_atom_id 
_atom_site.pdbx_PDB_model_num 
ATOM   1    N  N   . ARG A 1 1   ? 19.596  4.279   -5.595  1.00 27.41 ? 1    ARG A N   1 
ATOM   2    C  CA  . ARG A 1 1   ? 18.885  3.692   -4.408  1.00 35.53 ? 1    ARG A CA  1 
ATOM   3    C  C   . ARG A 1 1   ? 19.246  4.496   -3.158  1.00 34.46 ? 1    ARG A C   1 
ATOM   4    O  O   . ARG A 1 1   ? 20.417  4.770   -2.911  1.00 35.61 ? 1    ARG A O   1 
ATOM   5    C  CB  . ARG A 1 1   ? 19.245  2.215   -4.192  1.00 36.90 ? 1    ARG A CB  1 
ATOM   6    C  CG  . ARG A 1 1   ? 18.781  1.263   -5.283  1.00 39.59 ? 1    ARG A CG  1 
ATOM   7    C  CD  . ARG A 1 1   ? 18.927  -0.207  -4.925  1.00 43.49 ? 1    ARG A CD  1 
ATOM   8    N  NE  . ARG A 1 1   ? 18.301  -1.023  -5.962  1.00 45.74 ? 1    ARG A NE  1 
ATOM   9    C  CZ  . ARG A 1 1   ? 18.386  -2.348  -6.035  1.00 52.50 ? 1    ARG A CZ  1 
ATOM   10   N  NH1 . ARG A 1 1   ? 19.071  -3.010  -5.115  1.00 53.66 ? 1    ARG A NH1 1 
ATOM   11   N  NH2 . ARG A 1 1   ? 17.795  -3.001  -7.023  1.00 53.90 ? 1    ARG A NH2 1 
ATOM   12   N  N   . GLU A 1 2   ? 18.228  4.884   -2.384  1.00 33.49 ? 2    GLU A N   1 
ATOM   13   C  CA  . GLU A 1 2   ? 18.426  5.638   -1.157  1.00 36.01 ? 2    GLU A CA  1 
ATOM   14   C  C   . GLU A 1 2   ? 17.531  5.060   -0.070  1.00 34.43 ? 2    GLU A C   1 
ATOM   15   O  O   . GLU A 1 2   ? 16.583  4.331   -0.350  1.00 37.70 ? 2    GLU A O   1 
ATOM   16   C  CB  . GLU A 1 2   ? 18.085  7.120   -1.351  1.00 42.89 ? 2    GLU A CB  1 
ATOM   17   C  CG  . GLU A 1 2   ? 19.066  7.877   -2.236  1.00 53.22 ? 2    GLU A CG  1 
ATOM   18   C  CD  . GLU A 1 2   ? 20.472  7.971   -1.664  1.00 60.07 ? 2    GLU A CD  1 
ATOM   19   O  OE1 . GLU A 1 2   ? 20.603  8.391   -0.493  1.00 59.41 ? 2    GLU A OE1 1 
ATOM   20   O  OE2 . GLU A 1 2   ? 21.430  7.617   -2.384  1.00 67.43 ? 2    GLU A OE2 1 
ATOM   21   N  N   . GLN A 1 3   ? 17.841  5.412   1.176   1.00 32.64 ? 3    GLN A N   1 
ATOM   22   C  CA  . GLN A 1 3   ? 16.997  5.052   2.296   1.00 30.20 ? 3    GLN A CA  1 
ATOM   23   C  C   . GLN A 1 3   ? 15.698  5.833   2.162   1.00 29.65 ? 3    GLN A C   1 
ATOM   24   O  O   . GLN A 1 3   ? 15.723  7.048   1.985   1.00 32.17 ? 3    GLN A O   1 
ATOM   25   C  CB  . GLN A 1 3   ? 17.687  5.384   3.620   1.00 27.99 ? 3    GLN A CB  1 
ATOM   26   C  CG  . GLN A 1 3   ? 18.880  4.492   3.947   1.00 28.48 ? 3    GLN A CG  1 
ATOM   27   C  CD  . GLN A 1 3   ? 19.577  4.972   5.198   1.00 30.34 ? 3    GLN A CD  1 
ATOM   28   O  OE1 . GLN A 1 3   ? 19.221  5.997   5.781   1.00 29.65 ? 3    GLN A OE1 1 
ATOM   29   N  NE2 . GLN A 1 3   ? 20.587  4.235   5.625   1.00 31.28 ? 3    GLN A NE2 1 
ATOM   30   N  N   . VAL A 1 4   ? 14.576  5.115   2.261   1.00 26.64 ? 4    VAL A N   1 
ATOM   31   C  CA  . VAL A 1 4   ? 13.253  5.710   2.329   1.00 24.47 ? 4    VAL A CA  1 
ATOM   32   C  C   . VAL A 1 4   ? 13.132  6.382   3.691   1.00 23.55 ? 4    VAL A C   1 
ATOM   33   O  O   . VAL A 1 4   ? 13.508  5.790   4.695   1.00 29.01 ? 4    VAL A O   1 
ATOM   34   C  CB  . VAL A 1 4   ? 12.173  4.635   2.068   1.00 23.78 ? 4    VAL A CB  1 
ATOM   35   C  CG1 . VAL A 1 4   ? 10.759  5.122   2.377   1.00 24.34 ? 4    VAL A CG1 1 
ATOM   36   C  CG2 . VAL A 1 4   ? 12.240  4.123   0.641   1.00 19.43 ? 4    VAL A CG2 1 
ATOM   37   N  N   . LYS A 1 5   ? 12.618  7.616   3.722   1.00 26.04 ? 5    LYS A N   1 
ATOM   38   C  CA  . LYS A 1 5   ? 12.502  8.377   4.960   1.00 27.11 ? 5    LYS A CA  1 
ATOM   39   C  C   . LYS A 1 5   ? 11.031  8.531   5.358   1.00 26.56 ? 5    LYS A C   1 
ATOM   40   O  O   . LYS A 1 5   ? 10.164  8.739   4.521   1.00 28.91 ? 5    LYS A O   1 
ATOM   41   C  CB  . LYS A 1 5   ? 13.199  9.735   4.812   1.00 29.48 ? 5    LYS A CB  1 
ATOM   42   C  CG  . LYS A 1 5   ? 14.696  9.649   4.533   1.00 37.51 ? 5    LYS A CG  1 
ATOM   43   C  CD  . LYS A 1 5   ? 15.451  10.944  4.773   1.00 45.56 ? 5    LYS A CD  1 
ATOM   44   C  CE  . LYS A 1 5   ? 16.900  10.885  4.318   1.00 48.53 ? 5    LYS A CE  1 
ATOM   45   N  NZ  . LYS A 1 5   ? 17.482  12.245  4.190   1.00 51.73 ? 5    LYS A NZ  1 
ATOM   46   N  N   . ASP A 1 6   ? 10.752  8.434   6.654   1.00 25.22 ? 6    ASP A N   1 
ATOM   47   C  CA  . ASP A 1 6   ? 9.415   8.658   7.172   1.00 26.90 ? 6    ASP A CA  1 
ATOM   48   C  C   . ASP A 1 6   ? 9.148   10.160  7.226   1.00 28.77 ? 6    ASP A C   1 
ATOM   49   O  O   . ASP A 1 6   ? 10.019  10.950  6.884   1.00 33.25 ? 6    ASP A O   1 
ATOM   50   C  CB  . ASP A 1 6   ? 9.232   7.970   8.524   1.00 26.54 ? 6    ASP A CB  1 
ATOM   51   C  CG  . ASP A 1 6   ? 10.106  8.521   9.648   1.00 27.06 ? 6    ASP A CG  1 
ATOM   52   O  OD1 . ASP A 1 6   ? 10.468  9.732   9.601   1.00 24.34 ? 6    ASP A OD1 1 
ATOM   53   O  OD2 . ASP A 1 6   ? 10.428  7.726   10.563  1.00 26.11 ? 6    ASP A OD2 1 
ATOM   54   N  N   . SER A 1 7   ? 7.966   10.542  7.717   1.00 28.12 ? 7    SER A N   1 
ATOM   55   C  CA  . SER A 1 7   ? 7.511   11.925  7.669   1.00 30.80 ? 7    SER A CA  1 
ATOM   56   C  C   . SER A 1 7   ? 8.290   12.817  8.639   1.00 32.52 ? 7    SER A C   1 
ATOM   57   O  O   . SER A 1 7   ? 8.107   14.029  8.637   1.00 33.47 ? 7    SER A O   1 
ATOM   58   C  CB  . SER A 1 7   ? 6.027   12.019  7.915   1.00 26.83 ? 7    SER A CB  1 
ATOM   59   O  OG  . SER A 1 7   ? 5.729   11.640  9.251   1.00 29.81 ? 7    SER A OG  1 
ATOM   60   N  N   . ASN A 1 8   ? 9.159   12.220  9.462   1.00 33.84 ? 8    ASN A N   1 
ATOM   61   C  CA  . ASN A 1 8   ? 9.984   12.982  10.392  1.00 34.96 ? 8    ASN A CA  1 
ATOM   62   C  C   . ASN A 1 8   ? 11.434  13.048  9.896   1.00 36.53 ? 8    ASN A C   1 
ATOM   63   O  O   . ASN A 1 8   ? 12.296  13.595  10.586  1.00 36.44 ? 8    ASN A O   1 
ATOM   64   C  CB  . ASN A 1 8   ? 9.982   12.363  11.790  1.00 29.83 ? 8    ASN A CB  1 
ATOM   65   C  CG  . ASN A 1 8   ? 8.674   12.502  12.541  1.00 29.22 ? 8    ASN A CG  1 
ATOM   66   O  OD1 . ASN A 1 8   ? 8.020   13.550  12.493  1.00 28.65 ? 8    ASN A OD1 1 
ATOM   67   N  ND2 . ASN A 1 8   ? 8.332   11.465  13.290  1.00 23.34 ? 8    ASN A ND2 1 
ATOM   68   N  N   . GLY A 1 9   ? 11.704  12.450  8.727   1.00 36.04 ? 9    GLY A N   1 
ATOM   69   C  CA  . GLY A 1 9   ? 13.031  12.452  8.134   1.00 32.32 ? 9    GLY A CA  1 
ATOM   70   C  C   . GLY A 1 9   ? 13.880  11.283  8.616   1.00 32.61 ? 9    GLY A C   1 
ATOM   71   O  O   . GLY A 1 9   ? 15.039  11.158  8.238   1.00 33.75 ? 9    GLY A O   1 
ATOM   72   N  N   . ASN A 1 10  ? 13.292  10.411  9.442   1.00 33.31 ? 10   ASN A N   1 
ATOM   73   C  CA  . ASN A 1 10  ? 14.045  9.276   9.949   1.00 32.63 ? 10   ASN A CA  1 
ATOM   74   C  C   . ASN A 1 10  ? 13.917  8.114   8.970   1.00 30.85 ? 10   ASN A C   1 
ATOM   75   O  O   . ASN A 1 10  ? 12.880  7.957   8.338   1.00 28.49 ? 10   ASN A O   1 
ATOM   76   C  CB  . ASN A 1 10  ? 13.656  8.948   11.386  1.00 33.36 ? 10   ASN A CB  1 
ATOM   77   C  CG  . ASN A 1 10  ? 13.937  10.124  12.290  1.00 36.68 ? 10   ASN A CG  1 
ATOM   78   O  OD1 . ASN A 1 10  ? 13.023  10.682  12.890  1.00 40.06 ? 10   ASN A OD1 1 
ATOM   79   N  ND2 . ASN A 1 10  ? 15.186  10.556  12.332  1.00 34.44 ? 10   ASN A ND2 1 
ATOM   80   N  N   . PRO A 1 11  ? 14.969  7.288   8.781   1.00 32.59 ? 11   PRO A N   1 
ATOM   81   C  CA  . PRO A 1 11  ? 14.888  6.171   7.836   1.00 33.87 ? 11   PRO A CA  1 
ATOM   82   C  C   . PRO A 1 11  ? 13.765  5.214   8.244   1.00 36.98 ? 11   PRO A C   1 
ATOM   83   O  O   . PRO A 1 11  ? 13.400  5.109   9.424   1.00 32.31 ? 11   PRO A O   1 
ATOM   84   C  CB  . PRO A 1 11  ? 16.265  5.496   7.941   1.00 32.82 ? 11   PRO A CB  1 
ATOM   85   C  CG  . PRO A 1 11  ? 17.171  6.562   8.549   1.00 31.45 ? 11   PRO A CG  1 
ATOM   86   C  CD  . PRO A 1 11  ? 16.279  7.385   9.453   1.00 29.23 ? 11   PRO A CD  1 
ATOM   87   N  N   . VAL A 1 12  ? 13.197  4.535   7.242   1.00 36.89 ? 12   VAL A N   1 
ATOM   88   C  CA  . VAL A 1 12  ? 12.170  3.540   7.499   1.00 35.36 ? 12   VAL A CA  1 
ATOM   89   C  C   . VAL A 1 12  ? 12.869  2.221   7.824   1.00 34.63 ? 12   VAL A C   1 
ATOM   90   O  O   . VAL A 1 12  ? 13.724  1.766   7.065   1.00 31.94 ? 12   VAL A O   1 
ATOM   91   C  CB  . VAL A 1 12  ? 11.174  3.441   6.326   1.00 33.56 ? 12   VAL A CB  1 
ATOM   92   C  CG1 . VAL A 1 12  ? 10.327  2.173   6.377   1.00 31.55 ? 12   VAL A CG1 1 
ATOM   93   C  CG2 . VAL A 1 12  ? 10.298  4.685   6.243   1.00 28.63 ? 12   VAL A CG2 1 
ATOM   94   N  N   . LYS A 1 13  ? 12.512  1.643   8.978   1.00 35.52 ? 13   LYS A N   1 
ATOM   95   C  CA  . LYS A 1 13  ? 13.103  0.401   9.453   1.00 37.47 ? 13   LYS A CA  1 
ATOM   96   C  C   . LYS A 1 13  ? 12.215  -0.775  9.053   1.00 36.08 ? 13   LYS A C   1 
ATOM   97   O  O   . LYS A 1 13  ? 10.994  -0.698  9.164   1.00 34.90 ? 13   LYS A O   1 
ATOM   98   C  CB  . LYS A 1 13  ? 13.305  0.426   10.974  1.00 39.57 ? 13   LYS A CB  1 
ATOM   99   C  CG  . LYS A 1 13  ? 14.270  1.483   11.505  1.00 54.79 ? 13   LYS A CG  1 
ATOM   100  C  CD  . LYS A 1 13  ? 14.561  1.408   13.020  1.00 65.60 ? 13   LYS A CD  1 
ATOM   101  C  CE  . LYS A 1 13  ? 15.633  0.406   13.426  1.00 68.20 ? 13   LYS A CE  1 
ATOM   102  N  NZ  . LYS A 1 13  ? 16.952  0.678   12.803  1.00 68.94 ? 13   LYS A NZ  1 
ATOM   103  N  N   . ARG A 1 14  ? 12.856  -1.859  8.598   1.00 36.76 ? 14   ARG A N   1 
ATOM   104  C  CA  . ARG A 1 14  ? 12.207  -3.130  8.325   1.00 38.34 ? 14   ARG A CA  1 
ATOM   105  C  C   . ARG A 1 14  ? 11.345  -3.542  9.522   1.00 34.09 ? 14   ARG A C   1 
ATOM   106  O  O   . ARG A 1 14  ? 11.778  -3.441  10.665  1.00 33.05 ? 14   ARG A O   1 
ATOM   107  C  CB  . ARG A 1 14  ? 13.280  -4.168  7.966   1.00 44.89 ? 14   ARG A CB  1 
ATOM   108  C  CG  . ARG A 1 14  ? 12.736  -5.549  7.618   1.00 61.66 ? 14   ARG A CG  1 
ATOM   109  C  CD  . ARG A 1 14  ? 13.528  -6.389  6.618   1.00 69.79 ? 14   ARG A CD  1 
ATOM   110  N  NE  . ARG A 1 14  ? 12.889  -7.694  6.460   1.00 68.94 ? 14   ARG A NE  1 
ATOM   111  C  CZ  . ARG A 1 14  ? 13.458  -8.766  5.917   1.00 83.37 ? 14   ARG A CZ  1 
ATOM   112  N  NH1 . ARG A 1 14  ? 14.695  -8.706  5.446   1.00 88.17 ? 14   ARG A NH1 1 
ATOM   113  N  NH2 . ARG A 1 14  ? 12.771  -9.893  5.839   1.00 82.20 ? 14   ARG A NH2 1 
ATOM   114  N  N   . GLY A 1 15  ? 10.099  -3.962  9.251   1.00 31.70 ? 15   GLY A N   1 
ATOM   115  C  CA  . GLY A 1 15  ? 9.268   -4.626  10.246  1.00 28.38 ? 15   GLY A CA  1 
ATOM   116  C  C   . GLY A 1 15  ? 8.589   -3.679  11.240  1.00 31.56 ? 15   GLY A C   1 
ATOM   117  O  O   . GLY A 1 15  ? 7.650   -4.093  11.931  1.00 31.38 ? 15   GLY A O   1 
ATOM   118  N  N   . ALA A 1 16  ? 9.057   -2.419  11.315  1.00 28.68 ? 16   ALA A N   1 
ATOM   119  C  CA  . ALA A 1 16  ? 8.414   -1.389  12.119  1.00 25.98 ? 16   ALA A CA  1 
ATOM   120  C  C   . ALA A 1 16  ? 7.090   -0.954  11.476  1.00 26.39 ? 16   ALA A C   1 
ATOM   121  O  O   . ALA A 1 16  ? 6.865   -1.174  10.294  1.00 26.61 ? 16   ALA A O   1 
ATOM   122  C  CB  . ALA A 1 16  ? 9.353   -0.231  12.331  1.00 25.01 ? 16   ALA A CB  1 
ATOM   123  N  N   . LYS A 1 17  ? 6.204   -0.370  12.286  1.00 26.69 ? 17   LYS A N   1 
ATOM   124  C  CA  . LYS A 1 17  ? 4.857   -0.018  11.876  1.00 26.74 ? 17   LYS A CA  1 
ATOM   125  C  C   . LYS A 1 17  ? 4.821   1.401   11.316  1.00 24.34 ? 17   LYS A C   1 
ATOM   126  O  O   . LYS A 1 17  ? 5.281   2.333   11.970  1.00 22.77 ? 17   LYS A O   1 
ATOM   127  C  CB  . LYS A 1 17  ? 3.901   -0.085  13.069  1.00 28.29 ? 17   LYS A CB  1 
ATOM   128  C  CG  . LYS A 1 17  ? 3.372   -1.457  13.458  1.00 32.38 ? 17   LYS A CG  1 
ATOM   129  C  CD  . LYS A 1 17  ? 2.450   -1.310  14.663  1.00 37.00 ? 17   LYS A CD  1 
ATOM   130  C  CE  . LYS A 1 17  ? 1.848   -2.608  15.157  1.00 44.77 ? 17   LYS A CE  1 
ATOM   131  N  NZ  . LYS A 1 17  ? 2.894   -3.516  15.682  1.00 46.53 ? 17   LYS A NZ  1 
ATOM   132  N  N   . TYR A 1 18  ? 4.236   1.556   10.116  1.00 22.82 ? 18   TYR A N   1 
ATOM   133  C  CA  . TYR A 1 18  ? 3.989   2.876   9.550   1.00 20.45 ? 18   TYR A CA  1 
ATOM   134  C  C   . TYR A 1 18  ? 2.535   2.991   9.096   1.00 19.36 ? 18   TYR A C   1 
ATOM   135  O  O   . TYR A 1 18  ? 1.913   2.003   8.714   1.00 21.83 ? 18   TYR A O   1 
ATOM   136  C  CB  . TYR A 1 18  ? 4.983   3.185   8.428   1.00 18.47 ? 18   TYR A CB  1 
ATOM   137  C  CG  . TYR A 1 18  ? 6.426   3.139   8.859   1.00 21.50 ? 18   TYR A CG  1 
ATOM   138  C  CD1 . TYR A 1 18  ? 7.108   1.935   8.954   1.00 23.38 ? 18   TYR A CD1 1 
ATOM   139  C  CD2 . TYR A 1 18  ? 7.109   4.299   9.185   1.00 24.57 ? 18   TYR A CD2 1 
ATOM   140  C  CE1 . TYR A 1 18  ? 8.430   1.884   9.374   1.00 27.70 ? 18   TYR A CE1 1 
ATOM   141  C  CE2 . TYR A 1 18  ? 8.425   4.272   9.615   1.00 26.72 ? 18   TYR A CE2 1 
ATOM   142  C  CZ  . TYR A 1 18  ? 9.091   3.058   9.708   1.00 29.35 ? 18   TYR A CZ  1 
ATOM   143  O  OH  . TYR A 1 18  ? 10.395  3.013   10.127  1.00 30.49 ? 18   TYR A OH  1 
ATOM   144  N  N   . PHE A 1 19  ? 1.986   4.200   9.190   1.00 18.41 ? 19   PHE A N   1 
ATOM   145  C  CA  . PHE A 1 19  ? 0.782   4.534   8.457   1.00 17.46 ? 19   PHE A CA  1 
ATOM   146  C  C   . PHE A 1 19  ? 1.232   5.023   7.086   1.00 18.63 ? 19   PHE A C   1 
ATOM   147  O  O   . PHE A 1 19  ? 2.263   5.693   6.985   1.00 21.58 ? 19   PHE A O   1 
ATOM   148  C  CB  . PHE A 1 19  ? 0.014   5.672   9.128   1.00 17.42 ? 19   PHE A CB  1 
ATOM   149  C  CG  . PHE A 1 19  ? -0.467  5.480   10.546  1.00 19.54 ? 19   PHE A CG  1 
ATOM   150  C  CD1 . PHE A 1 19  ? -1.456  4.554   10.855  1.00 19.33 ? 19   PHE A CD1 1 
ATOM   151  C  CD2 . PHE A 1 19  ? -0.017  6.318   11.570  1.00 20.04 ? 19   PHE A CD2 1 
ATOM   152  C  CE1 . PHE A 1 19  ? -1.923  4.418   12.157  1.00 17.34 ? 19   PHE A CE1 1 
ATOM   153  C  CE2 . PHE A 1 19  ? -0.477  6.174   12.875  1.00 17.75 ? 19   PHE A CE2 1 
ATOM   154  C  CZ  . PHE A 1 19  ? -1.430  5.220   13.161  1.00 17.58 ? 19   PHE A CZ  1 
ATOM   155  N  N   . ILE A 1 20  ? 0.485   4.659   6.033   1.00 17.63 ? 20   ILE A N   1 
ATOM   156  C  CA  . ILE A 1 20  ? 0.719   5.201   4.701   1.00 16.86 ? 20   ILE A CA  1 
ATOM   157  C  C   . ILE A 1 20  ? -0.304  6.316   4.471   1.00 18.14 ? 20   ILE A C   1 
ATOM   158  O  O   . ILE A 1 20  ? -1.523  6.092   4.494   1.00 16.67 ? 20   ILE A O   1 
ATOM   159  C  CB  . ILE A 1 20  ? 0.657   4.105   3.616   1.00 15.83 ? 20   ILE A CB  1 
ATOM   160  C  CG1 . ILE A 1 20  ? 1.634   2.962   3.900   1.00 15.40 ? 20   ILE A CG1 1 
ATOM   161  C  CG2 . ILE A 1 20  ? 0.882   4.702   2.239   1.00 14.69 ? 20   ILE A CG2 1 
ATOM   162  C  CD1 . ILE A 1 20  ? 1.703   1.924   2.794   1.00 15.12 ? 20   ILE A CD1 1 
ATOM   163  N  N   . GLN A 1 21  ? 0.199   7.533   4.266   1.00 19.02 ? 21   GLN A N   1 
ATOM   164  C  CA  . GLN A 1 21  ? -0.664  8.708   4.276   1.00 20.69 ? 21   GLN A CA  1 
ATOM   165  C  C   . GLN A 1 21  ? -0.530  9.459   2.956   1.00 19.58 ? 21   GLN A C   1 
ATOM   166  O  O   . GLN A 1 21  ? 0.531   9.996   2.644   1.00 17.98 ? 21   GLN A O   1 
ATOM   167  C  CB  . GLN A 1 21  ? -0.316  9.600   5.471   1.00 25.07 ? 21   GLN A CB  1 
ATOM   168  C  CG  . GLN A 1 21  ? -1.012  10.955  5.465   1.00 35.42 ? 21   GLN A CG  1 
ATOM   169  C  CD  . GLN A 1 21  ? -2.454  10.865  5.910   1.00 39.92 ? 21   GLN A CD  1 
ATOM   170  O  OE1 . GLN A 1 21  ? -3.343  11.519  5.362   1.00 35.28 ? 21   GLN A OE1 1 
ATOM   171  N  NE2 . GLN A 1 21  ? -2.693  10.031  6.912   1.00 43.19 ? 21   GLN A NE2 1 
ATOM   172  N  N   . PRO A 1 22  ? -1.606  9.548   2.144   1.00 20.81 ? 22   PRO A N   1 
ATOM   173  C  CA  . PRO A 1 22  ? -1.564  10.328  0.906   1.00 21.61 ? 22   PRO A CA  1 
ATOM   174  C  C   . PRO A 1 22  ? -1.104  11.751  1.205   1.00 22.71 ? 22   PRO A C   1 
ATOM   175  O  O   . PRO A 1 22  ? -1.479  12.309  2.226   1.00 22.44 ? 22   PRO A O   1 
ATOM   176  C  CB  . PRO A 1 22  ? -2.997  10.234  0.350   1.00 21.26 ? 22   PRO A CB  1 
ATOM   177  C  CG  . PRO A 1 22  ? -3.529  8.961   0.957   1.00 20.79 ? 22   PRO A CG  1 
ATOM   178  C  CD  . PRO A 1 22  ? -2.901  8.879   2.339   1.00 21.86 ? 22   PRO A CD  1 
ATOM   179  N  N   . ALA A 1 23  ? -0.225  12.291  0.344   1.00 27.88 ? 23   ALA A N   1 
ATOM   180  C  CA  . ALA A 1 23  ? 0.302   13.639  0.523   1.00 30.22 ? 23   ALA A CA  1 
ATOM   181  C  C   . ALA A 1 23  ? -0.643  14.657  -0.128  1.00 31.21 ? 23   ALA A C   1 
ATOM   182  O  O   . ALA A 1 23  ? -1.425  14.334  -1.032  1.00 26.59 ? 23   ALA A O   1 
ATOM   183  C  CB  . ALA A 1 23  ? 1.707   13.731  -0.029  1.00 28.67 ? 23   ALA A CB  1 
ATOM   184  N  N   . LYS A 1 24  ? -0.569  15.896  0.366   1.00 33.03 ? 24   LYS A N   1 
ATOM   185  C  CA  . LYS A 1 24  ? -1.441  16.953  -0.121  1.00 36.34 ? 24   LYS A CA  1 
ATOM   186  C  C   . LYS A 1 24  ? -2.855  16.386  -0.228  1.00 34.16 ? 24   LYS A C   1 
ATOM   187  O  O   . LYS A 1 24  ? -3.397  16.261  -1.325  1.00 37.68 ? 24   LYS A O   1 
ATOM   188  C  CB  . LYS A 1 24  ? -0.951  17.492  -1.474  1.00 39.28 ? 24   LYS A CB  1 
ATOM   189  C  CG  . LYS A 1 24  ? 0.327   18.339  -1.455  1.00 46.18 ? 24   LYS A CG  1 
ATOM   190  C  CD  . LYS A 1 24  ? 0.938   18.609  -2.844  1.00 48.79 ? 24   LYS A CD  1 
ATOM   191  C  CE  . LYS A 1 24  ? 0.033   18.228  -4.007  1.00 50.88 ? 24   LYS A CE  1 
ATOM   192  N  NZ  . LYS A 1 24  ? 0.292   19.015  -5.240  1.00 51.39 ? 24   LYS A NZ  1 
ATOM   193  N  N   . SER A 1 25  ? -3.437  16.033  0.925   1.00 30.05 ? 25   SER A N   1 
ATOM   194  C  CA  . SER A 1 25  ? -4.809  15.545  0.972   1.00 27.90 ? 25   SER A CA  1 
ATOM   195  C  C   . SER A 1 25  ? -5.467  15.938  2.290   1.00 27.46 ? 25   SER A C   1 
ATOM   196  O  O   . SER A 1 25  ? -4.777  16.155  3.283   1.00 26.28 ? 25   SER A O   1 
ATOM   197  C  CB  . SER A 1 25  ? -4.852  14.055  0.747   1.00 26.63 ? 25   SER A CB  1 
ATOM   198  O  OG  . SER A 1 25  ? -6.095  13.522  1.146   1.00 23.61 ? 25   SER A OG  1 
ATOM   199  N  N   . ASN A 1 26  ? -6.803  16.019  2.276   1.00 31.98 ? 26   ASN A N   1 
ATOM   200  C  CA  . ASN A 1 26  ? -7.586  16.318  3.468   1.00 38.33 ? 26   ASN A CA  1 
ATOM   201  C  C   . ASN A 1 26  ? -8.086  15.027  4.112   1.00 38.74 ? 26   ASN A C   1 
ATOM   202  O  O   . ASN A 1 26  ? -8.771  15.065  5.130   1.00 40.54 ? 26   ASN A O   1 
ATOM   203  C  CB  . ASN A 1 26  ? -8.826  17.170  3.170   1.00 44.33 ? 26   ASN A CB  1 
ATOM   204  C  CG  . ASN A 1 26  ? -8.494  18.631  2.966   1.00 48.30 ? 26   ASN A CG  1 
ATOM   205  O  OD1 . ASN A 1 26  ? -7.947  19.282  3.858   1.00 53.24 ? 26   ASN A OD1 1 
ATOM   206  N  ND2 . ASN A 1 26  ? -8.814  19.143  1.788   1.00 50.08 ? 26   ASN A ND2 1 
ATOM   207  N  N   . GLY A 1 27  ? -7.787  13.884  3.493   1.00 34.22 ? 27   GLY A N   1 
ATOM   208  C  CA  . GLY A 1 27  ? -8.258  12.619  4.025   1.00 28.14 ? 27   GLY A CA  1 
ATOM   209  C  C   . GLY A 1 27  ? -7.201  11.998  4.933   1.00 28.29 ? 27   GLY A C   1 
ATOM   210  O  O   . GLY A 1 27  ? -6.103  12.536  5.088   1.00 25.05 ? 27   GLY A O   1 
ATOM   211  N  N   . GLY A 1 28  ? -7.555  10.852  5.523   1.00 22.96 ? 28   GLY A N   1 
ATOM   212  C  CA  . GLY A 1 28  ? -6.647  10.133  6.393   1.00 19.80 ? 28   GLY A CA  1 
ATOM   213  C  C   . GLY A 1 28  ? -5.803  9.136   5.607   1.00 17.00 ? 28   GLY A C   1 
ATOM   214  O  O   . GLY A 1 28  ? -5.513  9.352   4.437   1.00 21.52 ? 28   GLY A O   1 
ATOM   215  N  N   . GLY A 1 29  ? -5.399  8.057   6.280   1.00 14.91 ? 29   GLY A N   1 
ATOM   216  C  CA  . GLY A 1 29  ? -4.470  7.079   5.739   1.00 14.07 ? 29   GLY A CA  1 
ATOM   217  C  C   . GLY A 1 29  ? -5.172  5.963   4.963   1.00 13.27 ? 29   GLY A C   1 
ATOM   218  O  O   . GLY A 1 29  ? -6.399  5.965   4.798   1.00 12.92 ? 29   GLY A O   1 
ATOM   219  N  N   . LEU A 1 30  ? -4.364  5.014   4.486   1.00 12.68 ? 30   LEU A N   1 
ATOM   220  C  CA  . LEU A 1 30  ? -4.834  3.887   3.697   1.00 12.32 ? 30   LEU A CA  1 
ATOM   221  C  C   . LEU A 1 30  ? -5.334  2.799   4.636   1.00 12.43 ? 30   LEU A C   1 
ATOM   222  O  O   . LEU A 1 30  ? -4.735  2.530   5.691   1.00 11.75 ? 30   LEU A O   1 
ATOM   223  C  CB  . LEU A 1 30  ? -3.692  3.375   2.802   1.00 12.32 ? 30   LEU A CB  1 
ATOM   224  C  CG  . LEU A 1 30  ? -3.213  4.376   1.738   1.00 12.53 ? 30   LEU A CG  1 
ATOM   225  C  CD1 . LEU A 1 30  ? -2.307  3.714   0.703   1.00 13.69 ? 30   LEU A CD1 1 
ATOM   226  C  CD2 . LEU A 1 30  ? -4.387  5.066   1.051   1.00 11.66 ? 30   LEU A CD2 1 
ATOM   227  N  N   . VAL A 1 31  ? -6.446  2.171   4.230   1.00 12.08 ? 31   VAL A N   1 
ATOM   228  C  CA  . VAL A 1 31  ? -7.129  1.220   5.097   1.00 10.37 ? 31   VAL A CA  1 
ATOM   229  C  C   . VAL A 1 31  ? -7.702  0.104   4.242   1.00 9.86  ? 31   VAL A C   1 
ATOM   230  O  O   . VAL A 1 31  ? -7.936  0.301   3.053   1.00 9.46  ? 31   VAL A O   1 
ATOM   231  C  CB  . VAL A 1 31  ? -8.250  1.890   5.927   1.00 9.99  ? 31   VAL A CB  1 
ATOM   232  C  CG1 . VAL A 1 31  ? -7.713  2.949   6.896   1.00 8.76  ? 31   VAL A CG1 1 
ATOM   233  C  CG2 . VAL A 1 31  ? -9.366  2.444   5.049   1.00 8.52  ? 31   VAL A CG2 1 
ATOM   234  N  N   . PRO A 1 32  ? -7.935  -1.097  4.832   1.00 9.81  ? 32   PRO A N   1 
ATOM   235  C  CA  . PRO A 1 32  ? -8.745  -2.129  4.188   1.00 9.39  ? 32   PRO A CA  1 
ATOM   236  C  C   . PRO A 1 32  ? -10.177 -1.637  4.050   1.00 9.61  ? 32   PRO A C   1 
ATOM   237  O  O   . PRO A 1 32  ? -10.715 -1.036  4.981   1.00 10.14 ? 32   PRO A O   1 
ATOM   238  C  CB  . PRO A 1 32  ? -8.724  -3.334  5.147   1.00 8.44  ? 32   PRO A CB  1 
ATOM   239  C  CG  . PRO A 1 32  ? -7.566  -3.048  6.078   1.00 9.65  ? 32   PRO A CG  1 
ATOM   240  C  CD  . PRO A 1 32  ? -7.390  -1.542  6.128   1.00 8.86  ? 32   PRO A CD  1 
ATOM   241  N  N   . ALA A 1 33  ? -10.779 -1.932  2.887   1.00 9.24  ? 33   ALA A N   1 
ATOM   242  C  CA  . ALA A 1 33  ? -12.202 -1.752  2.643   1.00 10.51 ? 33   ALA A CA  1 
ATOM   243  C  C   . ALA A 1 33  ? -12.625 -2.656  1.487   1.00 11.88 ? 33   ALA A C   1 
ATOM   244  O  O   . ALA A 1 33  ? -11.850 -2.878  0.562   1.00 12.04 ? 33   ALA A O   1 
ATOM   245  C  CB  . ALA A 1 33  ? -12.545 -0.313  2.352   1.00 9.66  ? 33   ALA A CB  1 
ATOM   246  N  N   . ALA A 1 34  ? -13.846 -3.206  1.585   1.00 12.20 ? 34   ALA A N   1 
ATOM   247  C  CA  . ALA A 1 34  ? -14.393 -4.053  0.541   1.00 12.31 ? 34   ALA A CA  1 
ATOM   248  C  C   . ALA A 1 34  ? -14.572 -3.239  -0.736  1.00 15.05 ? 34   ALA A C   1 
ATOM   249  O  O   . ALA A 1 34  ? -14.984 -2.070  -0.694  1.00 14.64 ? 34   ALA A O   1 
ATOM   250  C  CB  . ALA A 1 34  ? -15.698 -4.668  0.995   1.00 11.56 ? 34   ALA A CB  1 
ATOM   251  N  N   . ILE A 1 35  ? -14.221 -3.883  -1.858  1.00 15.99 ? 35   ILE A N   1 
ATOM   252  C  CA  . ILE A 1 35  ? -14.435 -3.343  -3.186  1.00 17.26 ? 35   ILE A CA  1 
ATOM   253  C  C   . ILE A 1 35  ? -15.533 -4.156  -3.868  1.00 20.11 ? 35   ILE A C   1 
ATOM   254  O  O   . ILE A 1 35  ? -16.021 -3.792  -4.927  1.00 22.04 ? 35   ILE A O   1 
ATOM   255  C  CB  . ILE A 1 35  ? -13.126 -3.332  -4.014  1.00 16.39 ? 35   ILE A CB  1 
ATOM   256  C  CG1 . ILE A 1 35  ? -12.391 -4.673  -3.982  1.00 15.65 ? 35   ILE A CG1 1 
ATOM   257  C  CG2 . ILE A 1 35  ? -12.203 -2.209  -3.579  1.00 16.75 ? 35   ILE A CG2 1 
ATOM   258  C  CD1 . ILE A 1 35  ? -11.201 -4.729  -4.898  1.00 16.46 ? 35   ILE A CD1 1 
ATOM   259  N  N   . ASN A 1 36  ? -15.889 -5.304  -3.300  1.00 22.57 ? 36   ASN A N   1 
ATOM   260  C  CA  . ASN A 1 36  ? -17.023 -6.027  -3.847  1.00 22.57 ? 36   ASN A CA  1 
ATOM   261  C  C   . ASN A 1 36  ? -17.990 -6.294  -2.690  1.00 21.65 ? 36   ASN A C   1 
ATOM   262  O  O   . ASN A 1 36  ? -17.603 -6.261  -1.520  1.00 22.74 ? 36   ASN A O   1 
ATOM   263  C  CB  . ASN A 1 36  ? -16.563 -7.227  -4.694  1.00 26.04 ? 36   ASN A CB  1 
ATOM   264  C  CG  . ASN A 1 36  ? -17.695 -7.891  -5.462  1.00 33.40 ? 36   ASN A CG  1 
ATOM   265  O  OD1 . ASN A 1 36  ? -18.397 -7.236  -6.233  1.00 33.86 ? 36   ASN A OD1 1 
ATOM   266  N  ND2 . ASN A 1 36  ? -17.924 -9.181  -5.231  1.00 33.33 ? 36   ASN A ND2 1 
ATOM   267  N  N   . ILE A 1 37  ? -19.260 -6.533  -3.016  1.00 20.58 ? 37   ILE A N   1 
ATOM   268  C  CA  . ILE A 1 37  ? -20.270 -6.785  -2.001  1.00 17.34 ? 37   ILE A CA  1 
ATOM   269  C  C   . ILE A 1 37  ? -20.211 -8.241  -1.539  1.00 16.54 ? 37   ILE A C   1 
ATOM   270  O  O   . ILE A 1 37  ? -20.008 -8.485  -0.365  1.00 17.00 ? 37   ILE A O   1 
ATOM   271  C  CB  . ILE A 1 37  ? -21.663 -6.354  -2.486  1.00 14.68 ? 37   ILE A CB  1 
ATOM   272  C  CG1 . ILE A 1 37  ? -21.691 -4.846  -2.710  1.00 13.94 ? 37   ILE A CG1 1 
ATOM   273  C  CG2 . ILE A 1 37  ? -22.723 -6.816  -1.490  1.00 16.12 ? 37   ILE A CG2 1 
ATOM   274  C  CD1 . ILE A 1 37  ? -22.983 -4.331  -3.302  1.00 14.66 ? 37   ILE A CD1 1 
ATOM   275  N  N   . LEU A 1 38  ? -20.388 -9.198  -2.457  1.00 16.97 ? 38   LEU A N   1 
ATOM   276  C  CA  . LEU A 1 38  ? -20.505 -10.587 -2.057  1.00 19.27 ? 38   LEU A CA  1 
ATOM   277  C  C   . LEU A 1 38  ? -19.981 -11.447 -3.194  1.00 21.54 ? 38   LEU A C   1 
ATOM   278  O  O   . LEU A 1 38  ? -20.580 -11.465 -4.258  1.00 26.49 ? 38   LEU A O   1 
ATOM   279  C  CB  . LEU A 1 38  ? -21.990 -10.866 -1.775  1.00 21.55 ? 38   LEU A CB  1 
ATOM   280  C  CG  . LEU A 1 38  ? -22.338 -11.958 -0.762  1.00 20.74 ? 38   LEU A CG  1 
ATOM   281  C  CD1 . LEU A 1 38  ? -21.663 -11.743 0.592   1.00 18.84 ? 38   LEU A CD1 1 
ATOM   282  C  CD2 . LEU A 1 38  ? -23.847 -12.043 -0.582  1.00 19.98 ? 38   LEU A CD2 1 
ATOM   283  N  N   . PRO A 1 39  ? -18.823 -12.141 -3.060  1.00 24.43 ? 39   PRO A N   1 
ATOM   284  C  CA  . PRO A 1 39  ? -18.027 -12.156 -1.827  1.00 21.30 ? 39   PRO A CA  1 
ATOM   285  C  C   . PRO A 1 39  ? -17.313 -10.822 -1.620  1.00 21.69 ? 39   PRO A C   1 
ATOM   286  O  O   . PRO A 1 39  ? -17.089 -10.080 -2.577  1.00 21.81 ? 39   PRO A O   1 
ATOM   287  C  CB  . PRO A 1 39  ? -16.987 -13.274 -2.054  1.00 21.69 ? 39   PRO A CB  1 
ATOM   288  C  CG  . PRO A 1 39  ? -16.921 -13.500 -3.558  1.00 23.73 ? 39   PRO A CG  1 
ATOM   289  C  CD  . PRO A 1 39  ? -18.190 -12.907 -4.150  1.00 25.05 ? 39   PRO A CD  1 
ATOM   290  N  N   . PHE A 1 40  ? -16.982 -10.505 -0.359  1.00 21.65 ? 40   PHE A N   1 
ATOM   291  C  CA  . PHE A 1 40  ? -16.264 -9.273  -0.069  1.00 20.27 ? 40   PHE A CA  1 
ATOM   292  C  C   . PHE A 1 40  ? -14.783 -9.577  0.175   1.00 19.18 ? 40   PHE A C   1 
ATOM   293  O  O   . PHE A 1 40  ? -13.990 -8.669  0.387   1.00 19.43 ? 40   PHE A O   1 
ATOM   294  C  CB  . PHE A 1 40  ? -16.943 -8.498  1.060   1.00 20.38 ? 40   PHE A CB  1 
ATOM   295  C  CG  . PHE A 1 40  ? -17.288 -9.347  2.261   1.00 22.98 ? 40   PHE A CG  1 
ATOM   296  C  CD1 . PHE A 1 40  ? -16.290 -9.848  3.091   1.00 22.70 ? 40   PHE A CD1 1 
ATOM   297  C  CD2 . PHE A 1 40  ? -18.607 -9.645  2.563   1.00 22.07 ? 40   PHE A CD2 1 
ATOM   298  C  CE1 . PHE A 1 40  ? -16.612 -10.633 4.187   1.00 24.54 ? 40   PHE A CE1 1 
ATOM   299  C  CE2 . PHE A 1 40  ? -18.928 -10.433 3.657   1.00 23.50 ? 40   PHE A CE2 1 
ATOM   300  C  CZ  . PHE A 1 40  ? -17.928 -10.932 4.463   1.00 24.79 ? 40   PHE A CZ  1 
ATOM   301  N  N   . CYS A 1 41  ? -14.415 -10.859 0.178   1.00 17.50 ? 41   CYS A N   1 
ATOM   302  C  CA  . CYS A 1 41  ? -13.009 -11.222 0.204   1.00 17.38 ? 41   CYS A CA  1 
ATOM   303  C  C   . CYS A 1 41  ? -12.572 -11.535 -1.220  1.00 15.00 ? 41   CYS A C   1 
ATOM   304  O  O   . CYS A 1 41  ? -13.318 -12.173 -1.947  1.00 14.02 ? 41   CYS A O   1 
ATOM   305  C  CB  . CYS A 1 41  ? -12.733 -12.419 1.103   1.00 16.92 ? 41   CYS A CB  1 
ATOM   306  S  SG  . CYS A 1 41  ? -13.275 -12.152 2.804   1.00 18.97 ? 41   CYS A SG  1 
ATOM   307  N  N   . PRO A 1 42  ? -11.369 -11.092 -1.660  1.00 14.54 ? 42   PRO A N   1 
ATOM   308  C  CA  . PRO A 1 42  ? -10.467 -10.313 -0.800  1.00 13.28 ? 42   PRO A CA  1 
ATOM   309  C  C   . PRO A 1 42  ? -10.813 -8.824  -0.716  1.00 12.07 ? 42   PRO A C   1 
ATOM   310  O  O   . PRO A 1 42  ? -11.434 -8.278  -1.614  1.00 11.56 ? 42   PRO A O   1 
ATOM   311  C  CB  . PRO A 1 42  ? -9.102  -10.531 -1.477  1.00 13.26 ? 42   PRO A CB  1 
ATOM   312  C  CG  . PRO A 1 42  ? -9.425  -10.729 -2.953  1.00 13.68 ? 42   PRO A CG  1 
ATOM   313  C  CD  . PRO A 1 42  ? -10.799 -11.370 -2.994  1.00 13.71 ? 42   PRO A CD  1 
ATOM   314  N  N   . LEU A 1 43  ? -10.379 -8.169  0.365   1.00 10.19 ? 43   LEU A N   1 
ATOM   315  C  CA  . LEU A 1 43  ? -10.600 -6.750  0.569   1.00 10.95 ? 43   LEU A CA  1 
ATOM   316  C  C   . LEU A 1 43  ? -9.721  -5.935  -0.373  1.00 12.12 ? 43   LEU A C   1 
ATOM   317  O  O   . LEU A 1 43  ? -8.634  -6.372  -0.738  1.00 13.52 ? 43   LEU A O   1 
ATOM   318  C  CB  . LEU A 1 43  ? -10.280 -6.390  2.030   1.00 10.24 ? 43   LEU A CB  1 
ATOM   319  C  CG  . LEU A 1 43  ? -11.181 -7.079  3.061   1.00 10.50 ? 43   LEU A CG  1 
ATOM   320  C  CD1 . LEU A 1 43  ? -10.576 -7.037  4.456   1.00 9.89  ? 43   LEU A CD1 1 
ATOM   321  C  CD2 . LEU A 1 43  ? -12.590 -6.479  3.038   1.00 9.59  ? 43   LEU A CD2 1 
ATOM   322  N  N   . GLY A 1 44  ? -10.164 -4.715  -0.696  1.00 11.63 ? 44   GLY A N   1 
ATOM   323  C  CA  . GLY A 1 44  ? -9.295  -3.770  -1.374  1.00 11.69 ? 44   GLY A CA  1 
ATOM   324  C  C   . GLY A 1 44  ? -8.698  -2.785  -0.382  1.00 12.51 ? 44   GLY A C   1 
ATOM   325  O  O   . GLY A 1 44  ? -8.795  -2.997  0.823   1.00 14.83 ? 44   GLY A O   1 
ATOM   326  N  N   . ILE A 1 45  ? -8.087  -1.714  -0.899  1.00 13.18 ? 45   ILE A N   1 
ATOM   327  C  CA  . ILE A 1 45  ? -7.410  -0.717  -0.087  1.00 13.59 ? 45   ILE A CA  1 
ATOM   328  C  C   . ILE A 1 45  ? -7.877  0.648   -0.562  1.00 13.21 ? 45   ILE A C   1 
ATOM   329  O  O   . ILE A 1 45  ? -8.017  0.879   -1.755  1.00 15.51 ? 45   ILE A O   1 
ATOM   330  C  CB  . ILE A 1 45  ? -5.873  -0.849  -0.164  1.00 14.56 ? 45   ILE A CB  1 
ATOM   331  C  CG1 . ILE A 1 45  ? -5.431  -2.303  0.011   1.00 14.66 ? 45   ILE A CG1 1 
ATOM   332  C  CG2 . ILE A 1 45  ? -5.190  0.066   0.850   1.00 13.42 ? 45   ILE A CG2 1 
ATOM   333  C  CD1 . ILE A 1 45  ? -3.911  -2.470  0.120   1.00 15.13 ? 45   ILE A CD1 1 
ATOM   334  N  N   . THR A 1 46  ? -8.147  1.532   0.394   1.00 12.29 ? 46   THR A N   1 
ATOM   335  C  CA  . THR A 1 46  ? -8.880  2.754   0.153   1.00 11.66 ? 46   THR A CA  1 
ATOM   336  C  C   . THR A 1 46  ? -8.208  3.838   0.993   1.00 13.40 ? 46   THR A C   1 
ATOM   337  O  O   . THR A 1 46  ? -7.660  3.544   2.064   1.00 13.01 ? 46   THR A O   1 
ATOM   338  C  CB  . THR A 1 46  ? -10.345 2.557   0.587   1.00 12.72 ? 46   THR A CB  1 
ATOM   339  O  OG1 . THR A 1 46  ? -10.859 1.427   -0.124  1.00 11.62 ? 46   THR A OG1 1 
ATOM   340  C  CG2 . THR A 1 46  ? -11.211 3.770   0.332   1.00 10.08 ? 46   THR A CG2 1 
ATOM   341  N  N   . GLN A 1 47  ? -8.266  5.097   0.523   1.00 13.99 ? 47   GLN A N   1 
ATOM   342  C  CA  . GLN A 1 47  ? -7.947  6.179   1.436   1.00 14.29 ? 47   GLN A CA  1 
ATOM   343  C  C   . GLN A 1 47  ? -9.226  6.549   2.165   1.00 13.69 ? 47   GLN A C   1 
ATOM   344  O  O   . GLN A 1 47  ? -10.225 6.859   1.524   1.00 14.35 ? 47   GLN A O   1 
ATOM   345  C  CB  . GLN A 1 47  ? -7.354  7.404   0.738   1.00 14.68 ? 47   GLN A CB  1 
ATOM   346  C  CG  . GLN A 1 47  ? -7.013  8.507   1.730   1.00 15.61 ? 47   GLN A CG  1 
ATOM   347  C  CD  . GLN A 1 47  ? -6.684  9.852   1.119   1.00 19.25 ? 47   GLN A CD  1 
ATOM   348  O  OE1 . GLN A 1 47  ? -6.871  10.086  -0.078  1.00 18.31 ? 47   GLN A OE1 1 
ATOM   349  N  NE2 . GLN A 1 47  ? -6.200  10.759  1.957   1.00 18.12 ? 47   GLN A NE2 1 
ATOM   350  N  N   . THR A 1 48  ? -9.197  6.525   3.494   1.00 13.76 ? 48   THR A N   1 
ATOM   351  C  CA  . THR A 1 48  ? -10.384 6.970   4.210   1.00 15.92 ? 48   THR A CA  1 
ATOM   352  C  C   . THR A 1 48  ? -10.571 8.458   3.940   1.00 16.12 ? 48   THR A C   1 
ATOM   353  O  O   . THR A 1 48  ? -9.586  9.175   3.834   1.00 17.85 ? 48   THR A O   1 
ATOM   354  C  CB  . THR A 1 48  ? -10.316 6.669   5.717   1.00 17.09 ? 48   THR A CB  1 
ATOM   355  O  OG1 . THR A 1 48  ? -11.484 7.241   6.322   1.00 19.87 ? 48   THR A OG1 1 
ATOM   356  C  CG2 . THR A 1 48  ? -9.090  7.224   6.412   1.00 15.06 ? 48   THR A CG2 1 
ATOM   357  N  N   . LEU A 1 49  ? -11.825 8.919   3.865   1.00 17.37 ? 49   LEU A N   1 
ATOM   358  C  CA  . LEU A 1 49  ? -12.108 10.326  3.619   1.00 17.16 ? 49   LEU A CA  1 
ATOM   359  C  C   . LEU A 1 49  ? -11.972 11.159  4.889   1.00 17.35 ? 49   LEU A C   1 
ATOM   360  O  O   . LEU A 1 49  ? -11.807 12.367  4.792   1.00 19.05 ? 49   LEU A O   1 
ATOM   361  C  CB  . LEU A 1 49  ? -13.517 10.446  3.042   1.00 17.60 ? 49   LEU A CB  1 
ATOM   362  C  CG  . LEU A 1 49  ? -13.695 9.929   1.609   1.00 21.33 ? 49   LEU A CG  1 
ATOM   363  C  CD1 . LEU A 1 49  ? -15.180 9.899   1.249   1.00 18.77 ? 49   LEU A CD1 1 
ATOM   364  C  CD2 . LEU A 1 49  ? -12.870 10.759  0.594   1.00 18.14 ? 49   LEU A CD2 1 
ATOM   365  N  N   . LEU A 1 50  ? -12.046 10.515  6.065   1.00 18.38 ? 50   LEU A N   1 
ATOM   366  C  CA  . LEU A 1 50  ? -12.145 11.196  7.353   1.00 17.07 ? 50   LEU A CA  1 
ATOM   367  C  C   . LEU A 1 50  ? -10.792 11.790  7.749   1.00 17.51 ? 50   LEU A C   1 
ATOM   368  O  O   . LEU A 1 50  ? -9.797  11.077  7.816   1.00 17.46 ? 50   LEU A O   1 
ATOM   369  C  CB  . LEU A 1 50  ? -12.680 10.233  8.423   1.00 17.98 ? 50   LEU A CB  1 
ATOM   370  C  CG  . LEU A 1 50  ? -13.995 9.496   8.103   1.00 17.88 ? 50   LEU A CG  1 
ATOM   371  C  CD1 . LEU A 1 50  ? -14.548 8.800   9.335   1.00 15.81 ? 50   LEU A CD1 1 
ATOM   372  C  CD2 . LEU A 1 50  ? -15.041 10.439  7.541   1.00 16.98 ? 50   LEU A CD2 1 
ATOM   373  N  N   . PRO A 1 51  ? -10.716 13.110  8.044   1.00 18.61 ? 51   PRO A N   1 
ATOM   374  C  CA  . PRO A 1 51  ? -9.442  13.788  8.310   1.00 20.49 ? 51   PRO A CA  1 
ATOM   375  C  C   . PRO A 1 51  ? -8.480  13.302  9.409   1.00 24.87 ? 51   PRO A C   1 
ATOM   376  O  O   . PRO A 1 51  ? -7.264  13.482  9.276   1.00 29.88 ? 51   PRO A O   1 
ATOM   377  C  CB  . PRO A 1 51  ? -9.837  15.268  8.539   1.00 18.75 ? 51   PRO A CB  1 
ATOM   378  C  CG  . PRO A 1 51  ? -11.331 15.254  8.863   1.00 17.03 ? 51   PRO A CG  1 
ATOM   379  C  CD  . PRO A 1 51  ? -11.863 14.043  8.115   1.00 18.57 ? 51   PRO A CD  1 
ATOM   380  N  N   . TYR A 1 52  ? -8.972  12.720  10.507  1.00 23.75 ? 52   TYR A N   1 
ATOM   381  C  CA  . TYR A 1 52  ? -8.025  12.437  11.586  1.00 24.47 ? 52   TYR A CA  1 
ATOM   382  C  C   . TYR A 1 52  ? -7.763  10.938  11.743  1.00 23.60 ? 52   TYR A C   1 
ATOM   383  O  O   . TYR A 1 52  ? -7.178  10.508  12.730  1.00 21.90 ? 52   TYR A O   1 
ATOM   384  C  CB  . TYR A 1 52  ? -8.488  13.052  12.908  1.00 24.37 ? 52   TYR A CB  1 
ATOM   385  C  CG  . TYR A 1 52  ? -8.862  14.507  12.797  1.00 27.56 ? 52   TYR A CG  1 
ATOM   386  C  CD1 . TYR A 1 52  ? -7.882  15.493  12.778  1.00 25.79 ? 52   TYR A CD1 1 
ATOM   387  C  CD2 . TYR A 1 52  ? -10.192 14.894  12.672  1.00 27.46 ? 52   TYR A CD2 1 
ATOM   388  C  CE1 . TYR A 1 52  ? -8.218  16.831  12.670  1.00 27.88 ? 52   TYR A CE1 1 
ATOM   389  C  CE2 . TYR A 1 52  ? -10.546 16.231  12.566  1.00 27.65 ? 52   TYR A CE2 1 
ATOM   390  C  CZ  . TYR A 1 52  ? -9.554  17.199  12.578  1.00 29.51 ? 52   TYR A CZ  1 
ATOM   391  O  OH  . TYR A 1 52  ? -9.880  18.520  12.482  1.00 32.85 ? 52   TYR A OH  1 
ATOM   392  N  N   . GLN A 1 53  ? -8.237  10.156  10.775  1.00 23.48 ? 53   GLN A N   1 
ATOM   393  C  CA  . GLN A 1 53  ? -8.065  8.716   10.791  1.00 22.10 ? 53   GLN A CA  1 
ATOM   394  C  C   . GLN A 1 53  ? -6.726  8.428   10.137  1.00 17.66 ? 53   GLN A C   1 
ATOM   395  O  O   . GLN A 1 53  ? -6.548  8.744   8.970   1.00 17.20 ? 53   GLN A O   1 
ATOM   396  C  CB  . GLN A 1 53  ? -9.264  8.051   10.113  1.00 23.20 ? 53   GLN A CB  1 
ATOM   397  C  CG  . GLN A 1 53  ? -10.611 8.543   10.651  1.00 25.16 ? 53   GLN A CG  1 
ATOM   398  C  CD  . GLN A 1 53  ? -10.762 8.513   12.159  1.00 27.00 ? 53   GLN A CD  1 
ATOM   399  O  OE1 . GLN A 1 53  ? -10.560 7.483   12.796  1.00 23.93 ? 53   GLN A OE1 1 
ATOM   400  N  NE2 . GLN A 1 53  ? -11.180 9.638   12.742  1.00 26.77 ? 53   GLN A NE2 1 
ATOM   401  N  N   . PRO A 1 54  ? -5.742  7.894   10.891  1.00 17.15 ? 54   PRO A N   1 
ATOM   402  C  CA  . PRO A 1 54  ? -4.346  7.877   10.447  1.00 15.65 ? 54   PRO A CA  1 
ATOM   403  C  C   . PRO A 1 54  ? -4.032  6.769   9.446   1.00 15.71 ? 54   PRO A C   1 
ATOM   404  O  O   . PRO A 1 54  ? -2.959  6.784   8.834   1.00 15.38 ? 54   PRO A O   1 
ATOM   405  C  CB  . PRO A 1 54  ? -3.588  7.667   11.768  1.00 16.29 ? 54   PRO A CB  1 
ATOM   406  C  CG  . PRO A 1 54  ? -4.544  6.800   12.619  1.00 15.94 ? 54   PRO A CG  1 
ATOM   407  C  CD  . PRO A 1 54  ? -5.923  7.291   12.231  1.00 17.43 ? 54   PRO A CD  1 
ATOM   408  N  N   . GLY A 1 55  ? -4.987  5.830   9.297   1.00 14.44 ? 55   GLY A N   1 
ATOM   409  C  CA  . GLY A 1 55  ? -4.834  4.613   8.515   1.00 12.38 ? 55   GLY A CA  1 
ATOM   410  C  C   . GLY A 1 55  ? -4.605  3.378   9.390   1.00 12.60 ? 55   GLY A C   1 
ATOM   411  O  O   . GLY A 1 55  ? -4.333  3.478   10.590  1.00 13.03 ? 55   GLY A O   1 
ATOM   412  N  N   . LEU A 1 56  ? -4.687  2.198   8.774   1.00 11.16 ? 56   LEU A N   1 
ATOM   413  C  CA  . LEU A 1 56  ? -4.285  0.986   9.451   1.00 10.98 ? 56   LEU A CA  1 
ATOM   414  C  C   . LEU A 1 56  ? -2.779  0.794   9.251   1.00 12.33 ? 56   LEU A C   1 
ATOM   415  O  O   . LEU A 1 56  ? -2.276  0.954   8.145   1.00 14.99 ? 56   LEU A O   1 
ATOM   416  C  CB  . LEU A 1 56  ? -5.105  -0.197  8.927   1.00 9.54  ? 56   LEU A CB  1 
ATOM   417  C  CG  . LEU A 1 56  ? -4.923  -1.492  9.723   1.00 8.96  ? 56   LEU A CG  1 
ATOM   418  C  CD1 . LEU A 1 56  ? -5.544  -1.374  11.121  1.00 7.47  ? 56   LEU A CD1 1 
ATOM   419  C  CD2 . LEU A 1 56  ? -5.494  -2.675  8.961   1.00 8.24  ? 56   LEU A CD2 1 
ATOM   420  N  N   . PRO A 1 57  ? -2.010  0.498   10.320  1.00 12.32 ? 57   PRO A N   1 
ATOM   421  C  CA  . PRO A 1 57  ? -0.561  0.329   10.208  1.00 12.74 ? 57   PRO A CA  1 
ATOM   422  C  C   . PRO A 1 57  ? -0.114  -0.770  9.252   1.00 13.63 ? 57   PRO A C   1 
ATOM   423  O  O   . PRO A 1 57  ? -0.773  -1.813  9.149   1.00 12.55 ? 57   PRO A O   1 
ATOM   424  C  CB  . PRO A 1 57  ? -0.141  -0.062  11.631  1.00 11.12 ? 57   PRO A CB  1 
ATOM   425  C  CG  . PRO A 1 57  ? -1.188  0.611   12.493  1.00 12.40 ? 57   PRO A CG  1 
ATOM   426  C  CD  . PRO A 1 57  ? -2.480  0.445   11.715  1.00 11.41 ? 57   PRO A CD  1 
ATOM   427  N  N   . VAL A 1 58  ? 1.027   -0.514  8.591   1.00 13.03 ? 58   VAL A N   1 
ATOM   428  C  CA  . VAL A 1 58  ? 1.699   -1.504  7.765   1.00 14.71 ? 58   VAL A CA  1 
ATOM   429  C  C   . VAL A 1 58  ? 3.154   -1.670  8.212   1.00 17.24 ? 58   VAL A C   1 
ATOM   430  O  O   . VAL A 1 58  ? 3.714   -0.839  8.945   1.00 17.21 ? 58   VAL A O   1 
ATOM   431  C  CB  . VAL A 1 58  ? 1.635   -1.122  6.280   1.00 14.33 ? 58   VAL A CB  1 
ATOM   432  C  CG1 . VAL A 1 58  ? 0.211   -0.852  5.831   1.00 11.88 ? 58   VAL A CG1 1 
ATOM   433  C  CG2 . VAL A 1 58  ? 2.537   0.077   6.004   1.00 14.66 ? 58   VAL A CG2 1 
ATOM   434  N  N   . SER A 1 59  ? 3.766   -2.761  7.737   1.00 18.77 ? 59   SER A N   1 
ATOM   435  C  CA  . SER A 1 59  ? 5.199   -2.939  7.863   1.00 20.54 ? 59   SER A CA  1 
ATOM   436  C  C   . SER A 1 59  ? 5.753   -3.421  6.529   1.00 21.88 ? 59   SER A C   1 
ATOM   437  O  O   . SER A 1 59  ? 5.030   -4.017  5.723   1.00 20.25 ? 59   SER A O   1 
ATOM   438  C  CB  . SER A 1 59  ? 5.554   -3.862  9.003   1.00 21.60 ? 59   SER A CB  1 
ATOM   439  O  OG  . SER A 1 59  ? 5.088   -5.174  8.741   1.00 25.25 ? 59   SER A OG  1 
ATOM   440  N  N   . PHE A 1 60  ? 7.033   -3.100  6.307   1.00 21.83 ? 60   PHE A N   1 
ATOM   441  C  CA  . PHE A 1 60  ? 7.731   -3.381  5.068   1.00 20.75 ? 60   PHE A CA  1 
ATOM   442  C  C   . PHE A 1 60  ? 8.795   -4.426  5.376   1.00 23.58 ? 60   PHE A C   1 
ATOM   443  O  O   . PHE A 1 60  ? 9.425   -4.362  6.431   1.00 27.76 ? 60   PHE A O   1 
ATOM   444  C  CB  . PHE A 1 60  ? 8.304   -2.099  4.461   1.00 17.85 ? 60   PHE A CB  1 
ATOM   445  C  CG  . PHE A 1 60  ? 7.337   -0.939  4.327   1.00 17.38 ? 60   PHE A CG  1 
ATOM   446  C  CD1 . PHE A 1 60  ? 6.351   -0.928  3.346   1.00 16.67 ? 60   PHE A CD1 1 
ATOM   447  C  CD2 . PHE A 1 60  ? 7.424   0.156   5.167   1.00 15.88 ? 60   PHE A CD2 1 
ATOM   448  C  CE1 . PHE A 1 60  ? 5.482   0.145   3.213   1.00 16.39 ? 60   PHE A CE1 1 
ATOM   449  C  CE2 . PHE A 1 60  ? 6.536   1.222   5.044   1.00 18.43 ? 60   PHE A CE2 1 
ATOM   450  C  CZ  . PHE A 1 60  ? 5.571   1.229   4.058   1.00 14.81 ? 60   PHE A CZ  1 
ATOM   451  N  N   . GLY A 1 61  ? 8.932   -5.405  4.477   1.00 22.85 ? 61   GLY A N   1 
ATOM   452  C  CA  . GLY A 1 61  ? 10.007  -6.387  4.521   1.00 25.00 ? 61   GLY A CA  1 
ATOM   453  C  C   . GLY A 1 61  ? 10.477  -6.740  3.108   1.00 26.58 ? 61   GLY A C   1 
ATOM   454  O  O   . GLY A 1 61  ? 9.663   -6.798  2.191   1.00 30.24 ? 61   GLY A O   1 
ATOM   455  N  N   . TYR A 1 62  ? 11.793  -6.938  2.941   1.00 27.74 ? 62   TYR A N   1 
ATOM   456  C  CA  . TYR A 1 62  ? 12.399  -7.279  1.662   1.00 27.79 ? 62   TYR A CA  1 
ATOM   457  C  C   . TYR A 1 62  ? 11.907  -8.639  1.181   1.00 25.70 ? 62   TYR A C   1 
ATOM   458  O  O   . TYR A 1 62  ? 11.792  -9.568  1.975   1.00 28.49 ? 62   TYR A O   1 
ATOM   459  C  CB  . TYR A 1 62  ? 13.929  -7.272  1.752   1.00 26.70 ? 62   TYR A CB  1 
ATOM   460  C  CG  . TYR A 1 62  ? 14.535  -5.893  1.824   1.00 26.68 ? 62   TYR A CG  1 
ATOM   461  C  CD1 . TYR A 1 62  ? 14.371  -4.995  0.778   1.00 27.65 ? 62   TYR A CD1 1 
ATOM   462  C  CD2 . TYR A 1 62  ? 15.246  -5.467  2.940   1.00 27.97 ? 62   TYR A CD2 1 
ATOM   463  C  CE1 . TYR A 1 62  ? 14.899  -3.711  0.833   1.00 27.37 ? 62   TYR A CE1 1 
ATOM   464  C  CE2 . TYR A 1 62  ? 15.805  -4.193  3.003   1.00 30.24 ? 62   TYR A CE2 1 
ATOM   465  C  CZ  . TYR A 1 62  ? 15.620  -3.310  1.946   1.00 28.24 ? 62   TYR A CZ  1 
ATOM   466  O  OH  . TYR A 1 62  ? 16.126  -2.043  1.977   1.00 26.73 ? 62   TYR A OH  1 
ATOM   467  N  N   . GLU A 1 63  ? 11.637  -8.729  -0.126  1.00 24.40 ? 63   GLU A N   1 
ATOM   468  C  CA  . GLU A 1 63  ? 11.358  -9.989  -0.790  1.00 25.11 ? 63   GLU A CA  1 
ATOM   469  C  C   . GLU A 1 63  ? 11.752  -9.857  -2.256  1.00 28.20 ? 63   GLU A C   1 
ATOM   470  O  O   . GLU A 1 63  ? 11.137  -9.080  -2.977  1.00 27.51 ? 63   GLU A O   1 
ATOM   471  C  CB  . GLU A 1 63  ? 9.880   -10.343 -0.672  1.00 27.71 ? 63   GLU A CB  1 
ATOM   472  C  CG  . GLU A 1 63  ? 9.485   -11.510 -1.557  1.00 31.74 ? 63   GLU A CG  1 
ATOM   473  C  CD  . GLU A 1 63  ? 10.101  -12.856 -1.202  1.00 34.00 ? 63   GLU A CD  1 
ATOM   474  O  OE1 . GLU A 1 63  ? 10.419  -13.082 -0.001  1.00 31.94 ? 63   GLU A OE1 1 
ATOM   475  O  OE2 . GLU A 1 63  ? 10.249  -13.685 -2.132  1.00 35.48 ? 63   GLU A OE2 1 
ATOM   476  N  N   . PRO A 1 64  ? 12.776  -10.600 -2.754  1.00 32.60 ? 64   PRO A N   1 
ATOM   477  C  CA  . PRO A 1 64  ? 13.449  -11.650 -1.979  1.00 28.88 ? 64   PRO A CA  1 
ATOM   478  C  C   . PRO A 1 64  ? 14.270  -11.063 -0.836  1.00 28.56 ? 64   PRO A C   1 
ATOM   479  O  O   . PRO A 1 64  ? 14.496  -9.856  -0.803  1.00 26.89 ? 64   PRO A O   1 
ATOM   480  C  CB  . PRO A 1 64  ? 14.364  -12.340 -3.003  1.00 29.24 ? 64   PRO A CB  1 
ATOM   481  C  CG  . PRO A 1 64  ? 13.841  -11.877 -4.365  1.00 32.03 ? 64   PRO A CG  1 
ATOM   482  C  CD  . PRO A 1 64  ? 13.330  -10.473 -4.115  1.00 30.15 ? 64   PRO A CD  1 
ATOM   483  N  N   . VAL A 1 65  ? 14.710  -11.933 0.089   1.00 29.39 ? 65   VAL A N   1 
ATOM   484  C  CA  . VAL A 1 65  ? 15.350  -11.497 1.317   1.00 31.86 ? 65   VAL A CA  1 
ATOM   485  C  C   . VAL A 1 65  ? 16.644  -10.750 0.990   1.00 34.52 ? 65   VAL A C   1 
ATOM   486  O  O   . VAL A 1 65  ? 17.395  -11.120 0.085   1.00 31.50 ? 65   VAL A O   1 
ATOM   487  C  CB  . VAL A 1 65  ? 15.572  -12.668 2.296   1.00 33.73 ? 65   VAL A CB  1 
ATOM   488  C  CG1 . VAL A 1 65  ? 16.256  -12.224 3.582   1.00 33.68 ? 65   VAL A CG1 1 
ATOM   489  C  CG2 . VAL A 1 65  ? 14.272  -13.387 2.603   1.00 34.91 ? 65   VAL A CG2 1 
ATOM   490  N  N   . ILE A 1 66  ? 16.851  -9.662  1.729   1.00 38.98 ? 66   ILE A N   1 
ATOM   491  C  CA  . ILE A 1 66  ? 18.101  -8.922  1.756   1.00 43.92 ? 66   ILE A CA  1 
ATOM   492  C  C   . ILE A 1 66  ? 18.554  -8.912  3.214   1.00 54.29 ? 66   ILE A C   1 
ATOM   493  O  O   . ILE A 1 66  ? 17.877  -8.343  4.076   1.00 54.01 ? 66   ILE A O   1 
ATOM   494  C  CB  . ILE A 1 66  ? 17.912  -7.495  1.198   1.00 37.54 ? 66   ILE A CB  1 
ATOM   495  C  CG1 . ILE A 1 66  ? 17.427  -7.517  -0.259  1.00 38.96 ? 66   ILE A CG1 1 
ATOM   496  C  CG2 . ILE A 1 66  ? 19.176  -6.671  1.406   1.00 35.33 ? 66   ILE A CG2 1 
ATOM   497  C  CD1 . ILE A 1 66  ? 17.590  -6.219  -1.030  1.00 36.93 ? 66   ILE A CD1 1 
ATOM   498  N  N   . VAL A 1 67  ? 19.666  -9.611  3.481   1.00 63.14 ? 67   VAL A N   1 
ATOM   499  C  CA  . VAL A 1 67  ? 20.177  -9.795  4.833   1.00 62.07 ? 67   VAL A CA  1 
ATOM   500  C  C   . VAL A 1 67  ? 21.313  -8.806  5.073   1.00 60.69 ? 67   VAL A C   1 
ATOM   501  O  O   . VAL A 1 67  ? 22.141  -8.578  4.190   1.00 59.36 ? 67   VAL A O   1 
ATOM   502  C  CB  . VAL A 1 67  ? 20.609  -11.230 5.047   1.00 53.87 ? 67   VAL A CB  1 
ATOM   503  N  N   . GLY A 1 68  ? 21.304  -8.186  6.259   1.00 62.14 ? 68   GLY A N   1 
ATOM   504  C  CA  . GLY A 1 68  ? 22.410  -7.348  6.688   1.00 66.64 ? 68   GLY A CA  1 
ATOM   505  C  C   . GLY A 1 68  ? 22.013  -5.910  7.022   1.00 71.04 ? 68   GLY A C   1 
ATOM   506  O  O   . GLY A 1 68  ? 22.737  -5.227  7.743   1.00 78.13 ? 68   GLY A O   1 
ATOM   507  N  N   . THR A 1 69  ? 20.882  -5.440  6.481   1.00 69.78 ? 69   THR A N   1 
ATOM   508  C  CA  . THR A 1 69  ? 20.480  -4.054  6.687   1.00 62.05 ? 69   THR A CA  1 
ATOM   509  C  C   . THR A 1 69  ? 19.093  -3.985  7.325   1.00 62.12 ? 69   THR A C   1 
ATOM   510  O  O   . THR A 1 69  ? 18.244  -4.855  7.119   1.00 62.15 ? 69   THR A O   1 
ATOM   511  C  CB  . THR A 1 69  ? 20.667  -3.183  5.435   1.00 62.81 ? 69   THR A CB  1 
ATOM   512  O  OG1 . THR A 1 69  ? 20.216  -1.859  5.739   1.00 56.29 ? 69   THR A OG1 1 
ATOM   513  C  CG2 . THR A 1 69  ? 19.951  -3.715  4.212   1.00 60.03 ? 69   THR A CG2 1 
ATOM   514  N  N   . ASP A 1 70  ? 18.888  -2.924  8.112   1.00 55.05 ? 70   ASP A N   1 
ATOM   515  C  CA  . ASP A 1 70  ? 17.682  -2.760  8.898   1.00 53.10 ? 70   ASP A CA  1 
ATOM   516  C  C   . ASP A 1 70  ? 16.743  -1.780  8.196   1.00 51.98 ? 70   ASP A C   1 
ATOM   517  O  O   . ASP A 1 70  ? 15.607  -1.591  8.631   1.00 46.94 ? 70   ASP A O   1 
ATOM   518  C  CB  . ASP A 1 70  ? 18.021  -2.274  10.311  1.00 57.58 ? 70   ASP A CB  1 
ATOM   519  C  CG  . ASP A 1 70  ? 18.639  -3.322  11.229  1.00 62.35 ? 70   ASP A CG  1 
ATOM   520  O  OD1 . ASP A 1 70  ? 18.340  -4.523  11.049  1.00 61.59 ? 70   ASP A OD1 1 
ATOM   521  O  OD2 . ASP A 1 70  ? 19.402  -2.920  12.139  1.00 52.23 ? 70   ASP A OD2 1 
ATOM   522  N  N   . TYR A 1 71  ? 17.221  -1.164  7.107   1.00 48.95 ? 71   TYR A N   1 
ATOM   523  C  CA  . TYR A 1 71  ? 16.523  -0.046  6.488   1.00 46.58 ? 71   TYR A CA  1 
ATOM   524  C  C   . TYR A 1 71  ? 15.928  -0.446  5.137   1.00 46.34 ? 71   TYR A C   1 
ATOM   525  O  O   . TYR A 1 71  ? 16.449  -1.316  4.438   1.00 47.91 ? 71   TYR A O   1 
ATOM   526  C  CB  . TYR A 1 71  ? 17.437  1.178   6.394   1.00 48.64 ? 71   TYR A CB  1 
ATOM   527  C  CG  . TYR A 1 71  ? 17.870  1.772   7.715   1.00 52.94 ? 71   TYR A CG  1 
ATOM   528  C  CD1 . TYR A 1 71  ? 16.943  2.318   8.591   1.00 57.71 ? 71   TYR A CD1 1 
ATOM   529  C  CD2 . TYR A 1 71  ? 19.209  1.821   8.084   1.00 52.76 ? 71   TYR A CD2 1 
ATOM   530  C  CE1 . TYR A 1 71  ? 17.322  2.879   9.802   1.00 58.58 ? 71   TYR A CE1 1 
ATOM   531  C  CE2 . TYR A 1 71  ? 19.608  2.386   9.289   1.00 55.58 ? 71   TYR A CE2 1 
ATOM   532  C  CZ  . TYR A 1 71  ? 18.660  2.918   10.152  1.00 59.23 ? 71   TYR A CZ  1 
ATOM   533  O  OH  . TYR A 1 71  ? 19.006  3.475   11.350  1.00 56.27 ? 71   TYR A OH  1 
ATOM   534  N  N   . ILE A 1 72  ? 14.806  0.201   4.789   1.00 42.79 ? 72   ILE A N   1 
ATOM   535  C  CA  . ILE A 1 72  ? 14.151  0.013   3.502   1.00 34.81 ? 72   ILE A CA  1 
ATOM   536  C  C   . ILE A 1 72  ? 14.723  1.030   2.516   1.00 32.32 ? 72   ILE A C   1 
ATOM   537  O  O   . ILE A 1 72  ? 14.801  2.213   2.837   1.00 25.89 ? 72   ILE A O   1 
ATOM   538  C  CB  . ILE A 1 72  ? 12.616  0.129   3.637   1.00 33.01 ? 72   ILE A CB  1 
ATOM   539  C  CG1 . ILE A 1 72  ? 12.053  -0.784  4.737   1.00 26.93 ? 72   ILE A CG1 1 
ATOM   540  C  CG2 . ILE A 1 72  ? 11.941  -0.088  2.290   1.00 30.22 ? 72   ILE A CG2 1 
ATOM   541  C  CD1 . ILE A 1 72  ? 12.298  -2.255  4.512   1.00 25.48 ? 72   ILE A CD1 1 
ATOM   542  N  N   . TYR A 1 73  ? 15.133  0.533   1.337   1.00 31.77 ? 73   TYR A N   1 
ATOM   543  C  CA  . TYR A 1 73  ? 15.719  1.329   0.271   1.00 32.67 ? 73   TYR A CA  1 
ATOM   544  C  C   . TYR A 1 73  ? 14.735  1.434   -0.891  1.00 30.26 ? 73   TYR A C   1 
ATOM   545  O  O   . TYR A 1 73  ? 13.851  0.601   -1.050  1.00 31.49 ? 73   TYR A O   1 
ATOM   546  C  CB  . TYR A 1 73  ? 17.042  0.711   -0.204  1.00 38.27 ? 73   TYR A CB  1 
ATOM   547  C  CG  . TYR A 1 73  ? 18.262  1.092   0.599   1.00 39.62 ? 73   TYR A CG  1 
ATOM   548  C  CD1 . TYR A 1 73  ? 18.630  0.373   1.728   1.00 39.87 ? 73   TYR A CD1 1 
ATOM   549  C  CD2 . TYR A 1 73  ? 19.054  2.174   0.237   1.00 44.18 ? 73   TYR A CD2 1 
ATOM   550  C  CE1 . TYR A 1 73  ? 19.740  0.727   2.480   1.00 43.62 ? 73   TYR A CE1 1 
ATOM   551  C  CE2 . TYR A 1 73  ? 20.174  2.541   0.973   1.00 46.80 ? 73   TYR A CE2 1 
ATOM   552  C  CZ  . TYR A 1 73  ? 20.515  1.814   2.103   1.00 47.60 ? 73   TYR A CZ  1 
ATOM   553  O  OH  . TYR A 1 73  ? 21.617  2.152   2.834   1.00 47.10 ? 73   TYR A OH  1 
ATOM   554  N  N   . THR A 1 74  ? 14.917  2.461   -1.723  1.00 29.76 ? 74   THR A N   1 
ATOM   555  C  CA  . THR A 1 74  ? 14.080  2.661   -2.895  1.00 27.73 ? 74   THR A CA  1 
ATOM   556  C  C   . THR A 1 74  ? 14.436  1.635   -3.967  1.00 28.36 ? 74   THR A C   1 
ATOM   557  O  O   . THR A 1 74  ? 15.517  1.060   -3.960  1.00 30.90 ? 74   THR A O   1 
ATOM   558  C  CB  . THR A 1 74  ? 14.255  4.088   -3.432  1.00 28.75 ? 74   THR A CB  1 
ATOM   559  O  OG1 . THR A 1 74  ? 15.614  4.253   -3.851  1.00 31.71 ? 74   THR A OG1 1 
ATOM   560  C  CG2 . THR A 1 74  ? 13.906  5.146   -2.410  1.00 24.24 ? 74   THR A CG2 1 
ATOM   561  N  N   . SER A 1 75  ? 13.505  1.387   -4.884  1.00 28.43 ? 75   SER A N   1 
ATOM   562  C  CA  . SER A 1 75  ? 13.775  0.658   -6.117  1.00 31.49 ? 75   SER A CA  1 
ATOM   563  C  C   . SER A 1 75  ? 14.101  -0.816  -5.867  1.00 32.85 ? 75   SER A C   1 
ATOM   564  O  O   . SER A 1 75  ? 14.654  -1.475  -6.748  1.00 34.43 ? 75   SER A O   1 
ATOM   565  C  CB  . SER A 1 75  ? 14.843  1.327   -6.969  1.00 29.45 ? 75   SER A CB  1 
ATOM   566  O  OG  . SER A 1 75  ? 14.677  2.737   -6.972  1.00 29.67 ? 75   SER A OG  1 
ATOM   567  N  N   . THR A 1 76  ? 13.690  -1.326  -4.697  1.00 32.77 ? 76   THR A N   1 
ATOM   568  C  CA  . THR A 1 76  ? 13.947  -2.683  -4.239  1.00 28.93 ? 76   THR A CA  1 
ATOM   569  C  C   . THR A 1 76  ? 12.625  -3.349  -3.828  1.00 29.24 ? 76   THR A C   1 
ATOM   570  O  O   . THR A 1 76  ? 11.806  -2.761  -3.114  1.00 25.93 ? 76   THR A O   1 
ATOM   571  C  CB  . THR A 1 76  ? 14.951  -2.638  -3.082  1.00 30.57 ? 76   THR A CB  1 
ATOM   572  O  OG1 . THR A 1 76  ? 15.943  -1.663  -3.416  1.00 29.09 ? 76   THR A OG1 1 
ATOM   573  C  CG2 . THR A 1 76  ? 15.575  -3.987  -2.784  1.00 30.50 ? 76   THR A CG2 1 
ATOM   574  N  N   . THR A 1 77  ? 12.419  -4.585  -4.298  1.00 25.75 ? 77   THR A N   1 
ATOM   575  C  CA  . THR A 1 77  ? 11.166  -5.291  -4.074  1.00 25.33 ? 77   THR A CA  1 
ATOM   576  C  C   . THR A 1 77  ? 10.935  -5.552  -2.573  1.00 27.30 ? 77   THR A C   1 
ATOM   577  O  O   . THR A 1 77  ? 11.833  -5.985  -1.847  1.00 30.81 ? 77   THR A O   1 
ATOM   578  C  CB  . THR A 1 77  ? 11.014  -6.504  -5.011  1.00 23.08 ? 77   THR A CB  1 
ATOM   579  O  OG1 . THR A 1 77  ? 12.120  -7.400  -4.921  1.00 24.38 ? 77   THR A OG1 1 
ATOM   580  C  CG2 . THR A 1 77  ? 10.798  -6.162  -6.469  1.00 19.50 ? 77   THR A CG2 1 
ATOM   581  N  N   . ILE A 1 78  ? 9.711   -5.258  -2.111  1.00 23.29 ? 78   ILE A N   1 
ATOM   582  C  CA  . ILE A 1 78  ? 9.271   -5.508  -0.748  1.00 20.92 ? 78   ILE A CA  1 
ATOM   583  C  C   . ILE A 1 78  ? 7.861   -6.090  -0.800  1.00 21.25 ? 78   ILE A C   1 
ATOM   584  O  O   . ILE A 1 78  ? 7.191   -6.064  -1.830  1.00 22.64 ? 78   ILE A O   1 
ATOM   585  C  CB  . ILE A 1 78  ? 9.242   -4.194  0.064   1.00 22.09 ? 78   ILE A CB  1 
ATOM   586  C  CG1 . ILE A 1 78  ? 8.444   -3.105  -0.677  1.00 17.29 ? 78   ILE A CG1 1 
ATOM   587  C  CG2 . ILE A 1 78  ? 10.648  -3.750  0.460   1.00 19.89 ? 78   ILE A CG2 1 
ATOM   588  C  CD1 . ILE A 1 78  ? 7.995   -1.944  0.169   1.00 16.19 ? 78   ILE A CD1 1 
ATOM   589  N  N   . ASN A 1 79  ? 7.426   -6.611  0.348   1.00 22.20 ? 79   ASN A N   1 
ATOM   590  C  CA  . ASN A 1 79  ? 6.033   -6.887  0.635   1.00 19.38 ? 79   ASN A CA  1 
ATOM   591  C  C   . ASN A 1 79  ? 5.532   -5.766  1.545   1.00 19.06 ? 79   ASN A C   1 
ATOM   592  O  O   . ASN A 1 79  ? 6.322   -5.168  2.272   1.00 15.41 ? 79   ASN A O   1 
ATOM   593  C  CB  . ASN A 1 79  ? 5.882   -8.237  1.344   1.00 21.51 ? 79   ASN A CB  1 
ATOM   594  C  CG  . ASN A 1 79  ? 6.183   -9.438  0.468   1.00 21.21 ? 79   ASN A CG  1 
ATOM   595  O  OD1 . ASN A 1 79  ? 6.651   -10.465 0.956   1.00 22.92 ? 79   ASN A OD1 1 
ATOM   596  N  ND2 . ASN A 1 79  ? 5.949   -9.313  -0.827  1.00 19.89 ? 79   ASN A ND2 1 
ATOM   597  N  N   . ILE A 1 80  ? 4.230   -5.464  1.464   1.00 18.15 ? 80   ILE A N   1 
ATOM   598  C  CA  . ILE A 1 80  ? 3.593   -4.533  2.372   1.00 18.10 ? 80   ILE A CA  1 
ATOM   599  C  C   . ILE A 1 80  ? 2.482   -5.316  3.055   1.00 19.68 ? 80   ILE A C   1 
ATOM   600  O  O   . ILE A 1 80  ? 1.650   -5.905  2.373   1.00 19.70 ? 80   ILE A O   1 
ATOM   601  C  CB  . ILE A 1 80  ? 3.053   -3.285  1.626   1.00 20.09 ? 80   ILE A CB  1 
ATOM   602  C  CG1 . ILE A 1 80  ? 4.089   -2.653  0.684   1.00 19.05 ? 80   ILE A CG1 1 
ATOM   603  C  CG2 . ILE A 1 80  ? 2.503   -2.268  2.614   1.00 19.52 ? 80   ILE A CG2 1 
ATOM   604  C  CD1 . ILE A 1 80  ? 3.569   -1.473  -0.094  1.00 19.41 ? 80   ILE A CD1 1 
ATOM   605  N  N   . GLU A 1 81  ? 2.491   -5.353  4.395   1.00 21.30 ? 81   GLU A N   1 
ATOM   606  C  CA  . GLU A 1 81  ? 1.409   -6.042  5.072   1.00 23.24 ? 81   GLU A CA  1 
ATOM   607  C  C   . GLU A 1 81  ? 0.776   -5.163  6.141   1.00 23.68 ? 81   GLU A C   1 
ATOM   608  O  O   . GLU A 1 81  ? 1.465   -4.483  6.896   1.00 27.48 ? 81   GLU A O   1 
ATOM   609  C  CB  . GLU A 1 81  ? 1.798   -7.425  5.591   1.00 26.45 ? 81   GLU A CB  1 
ATOM   610  C  CG  . GLU A 1 81  ? 2.969   -7.449  6.533   1.00 31.01 ? 81   GLU A CG  1 
ATOM   611  C  CD  . GLU A 1 81  ? 2.979   -8.692  7.411   1.00 32.34 ? 81   GLU A CD  1 
ATOM   612  O  OE1 . GLU A 1 81  ? 1.977   -9.401  7.459   1.00 29.72 ? 81   GLU A OE1 1 
ATOM   613  O  OE2 . GLU A 1 81  ? 3.993   -8.934  8.061   1.00 40.80 ? 81   GLU A OE2 1 
ATOM   614  N  N   . PHE A 1 82  ? -0.552  -5.196  6.177   1.00 18.23 ? 82   PHE A N   1 
ATOM   615  C  CA  . PHE A 1 82  ? -1.297  -4.572  7.252   1.00 18.19 ? 82   PHE A CA  1 
ATOM   616  C  C   . PHE A 1 82  ? -1.019  -5.294  8.570   1.00 18.98 ? 82   PHE A C   1 
ATOM   617  O  O   . PHE A 1 82  ? -0.872  -6.517  8.616   1.00 17.87 ? 82   PHE A O   1 
ATOM   618  C  CB  . PHE A 1 82  ? -2.785  -4.546  6.900   1.00 14.55 ? 82   PHE A CB  1 
ATOM   619  C  CG  . PHE A 1 82  ? -3.193  -3.393  6.030   1.00 12.38 ? 82   PHE A CG  1 
ATOM   620  C  CD1 . PHE A 1 82  ? -2.950  -2.088  6.429   1.00 10.90 ? 82   PHE A CD1 1 
ATOM   621  C  CD2 . PHE A 1 82  ? -3.827  -3.616  4.816   1.00 11.90 ? 82   PHE A CD2 1 
ATOM   622  C  CE1 . PHE A 1 82  ? -3.377  -1.029  5.645   1.00 10.67 ? 82   PHE A CE1 1 
ATOM   623  C  CE2 . PHE A 1 82  ? -4.238  -2.554  4.024   1.00 10.44 ? 82   PHE A CE2 1 
ATOM   624  C  CZ  . PHE A 1 82  ? -4.018  -1.264  4.444   1.00 10.25 ? 82   PHE A CZ  1 
ATOM   625  N  N   . ARG A 1 83  ? -0.940  -4.509  9.643   1.00 20.28 ? 83   ARG A N   1 
ATOM   626  C  CA  . ARG A 1 83  ? -0.623  -5.041  10.954  1.00 21.33 ? 83   ARG A CA  1 
ATOM   627  C  C   . ARG A 1 83  ? -1.785  -4.703  11.869  1.00 22.86 ? 83   ARG A C   1 
ATOM   628  O  O   . ARG A 1 83  ? -2.001  -3.529  12.187  1.00 20.87 ? 83   ARG A O   1 
ATOM   629  C  CB  . ARG A 1 83  ? 0.671   -4.420  11.486  1.00 24.71 ? 83   ARG A CB  1 
ATOM   630  C  CG  . ARG A 1 83  ? 1.905   -4.670  10.631  1.00 30.22 ? 83   ARG A CG  1 
ATOM   631  C  CD  . ARG A 1 83  ? 2.368   -6.114  10.555  1.00 34.36 ? 83   ARG A CD  1 
ATOM   632  N  NE  . ARG A 1 83  ? 2.731   -6.743  11.816  1.00 38.96 ? 83   ARG A NE  1 
ATOM   633  C  CZ  . ARG A 1 83  ? 3.819   -6.450  12.536  1.00 48.65 ? 83   ARG A CZ  1 
ATOM   634  N  NH1 . ARG A 1 83  ? 4.656   -5.500  12.146  1.00 46.94 ? 83   ARG A NH1 1 
ATOM   635  N  NH2 . ARG A 1 83  ? 4.063   -7.094  13.664  1.00 54.85 ? 83   ARG A NH2 1 
ATOM   636  N  N   . SER A 1 84  ? -2.530  -5.753  12.260  1.00 25.96 ? 84   SER A N   1 
ATOM   637  C  CA  . SER A 1 84  ? -3.719  -5.623  13.088  1.00 25.47 ? 84   SER A CA  1 
ATOM   638  C  C   . SER A 1 84  ? -3.993  -6.909  13.871  1.00 28.58 ? 84   SER A C   1 
ATOM   639  O  O   . SER A 1 84  ? -4.154  -7.978  13.288  1.00 26.86 ? 84   SER A O   1 
ATOM   640  C  CB  . SER A 1 84  ? -4.910  -5.255  12.260  1.00 23.14 ? 84   SER A CB  1 
ATOM   641  O  OG  . SER A 1 84  ? -5.968  -4.918  13.132  1.00 23.39 ? 84   SER A OG  1 
ATOM   642  N  N   . GLU A 1 85  ? -4.086  -6.772  15.198  1.00 33.19 ? 85   GLU A N   1 
ATOM   643  C  CA  . GLU A 1 85  ? -4.523  -7.851  16.075  1.00 36.97 ? 85   GLU A CA  1 
ATOM   644  C  C   . GLU A 1 85  ? -5.920  -8.303  15.659  1.00 31.28 ? 85   GLU A C   1 
ATOM   645  O  O   . GLU A 1 85  ? -6.147  -9.474  15.389  1.00 29.63 ? 85   GLU A O   1 
ATOM   646  C  CB  . GLU A 1 85  ? -4.530  -7.398  17.540  1.00 40.71 ? 85   GLU A CB  1 
ATOM   647  C  CG  . GLU A 1 85  ? -4.135  -8.507  18.504  1.00 48.65 ? 85   GLU A CG  1 
ATOM   648  C  CD  . GLU A 1 85  ? -2.638  -8.755  18.496  1.00 57.11 ? 85   GLU A CD  1 
ATOM   649  O  OE1 . GLU A 1 85  ? -1.956  -8.284  19.434  1.00 62.68 ? 85   GLU A OE1 1 
ATOM   650  O  OE2 . GLU A 1 85  ? -2.153  -9.384  17.536  1.00 58.58 ? 85   GLU A OE2 1 
ATOM   651  N  N   . ILE A 1 86  ? -6.842  -7.339  15.610  1.00 30.14 ? 86   ILE A N   1 
ATOM   652  C  CA  . ILE A 1 86  ? -8.220  -7.547  15.197  1.00 29.84 ? 86   ILE A CA  1 
ATOM   653  C  C   . ILE A 1 86  ? -8.258  -7.681  13.673  1.00 28.81 ? 86   ILE A C   1 
ATOM   654  O  O   . ILE A 1 86  ? -7.741  -6.822  12.960  1.00 29.22 ? 86   ILE A O   1 
ATOM   655  C  CB  . ILE A 1 86  ? -9.075  -6.361  15.702  1.00 31.30 ? 86   ILE A CB  1 
ATOM   656  C  CG1 . ILE A 1 86  ? -9.242  -6.406  17.228  1.00 34.16 ? 86   ILE A CG1 1 
ATOM   657  C  CG2 . ILE A 1 86  ? -10.420 -6.289  14.972  1.00 27.22 ? 86   ILE A CG2 1 
ATOM   658  C  CD1 . ILE A 1 86  ? -8.883  -5.118  17.943  1.00 31.90 ? 86   ILE A CD1 1 
ATOM   659  N  N   . TRP A 1 87  ? -8.858  -8.773  13.190  1.00 25.88 ? 87   TRP A N   1 
ATOM   660  C  CA  . TRP A 1 87  ? -9.091  -8.985  11.768  1.00 25.30 ? 87   TRP A CA  1 
ATOM   661  C  C   . TRP A 1 87  ? -10.274 -9.942  11.619  1.00 25.53 ? 87   TRP A C   1 
ATOM   662  O  O   . TRP A 1 87  ? -10.086 -11.161 11.591  1.00 25.13 ? 87   TRP A O   1 
ATOM   663  C  CB  . TRP A 1 87  ? -7.807  -9.503  11.101  1.00 27.80 ? 87   TRP A CB  1 
ATOM   664  C  CG  . TRP A 1 87  ? -7.746  -9.349  9.607   1.00 26.91 ? 87   TRP A CG  1 
ATOM   665  C  CD1 . TRP A 1 87  ? -8.190  -10.240 8.670   1.00 23.87 ? 87   TRP A CD1 1 
ATOM   666  C  CD2 . TRP A 1 87  ? -7.164  -8.254  8.875   1.00 23.65 ? 87   TRP A CD2 1 
ATOM   667  N  NE1 . TRP A 1 87  ? -7.966  -9.753  7.409   1.00 25.25 ? 87   TRP A NE1 1 
ATOM   668  C  CE2 . TRP A 1 87  ? -7.332  -8.540  7.503   1.00 22.82 ? 87   TRP A CE2 1 
ATOM   669  C  CE3 . TRP A 1 87  ? -6.539  -7.056  9.238   1.00 24.98 ? 87   TRP A CE3 1 
ATOM   670  C  CZ2 . TRP A 1 87  ? -6.885  -7.675  6.507   1.00 23.19 ? 87   TRP A CZ2 1 
ATOM   671  C  CZ3 . TRP A 1 87  ? -6.094  -6.200  8.251   1.00 23.14 ? 87   TRP A CZ3 1 
ATOM   672  C  CH2 . TRP A 1 87  ? -6.271  -6.505  6.902   1.00 22.06 ? 87   TRP A CH2 1 
ATOM   673  N  N   . PRO A 1 88  ? -11.529 -9.423  11.599  1.00 23.10 ? 88   PRO A N   1 
ATOM   674  C  CA  . PRO A 1 88  ? -12.730 -10.260 11.640  1.00 25.18 ? 88   PRO A CA  1 
ATOM   675  C  C   . PRO A 1 88  ? -13.221 -10.928 10.362  1.00 26.77 ? 88   PRO A C   1 
ATOM   676  O  O   . PRO A 1 88  ? -14.063 -11.819 10.439  1.00 30.30 ? 88   PRO A O   1 
ATOM   677  C  CB  . PRO A 1 88  ? -13.852 -9.281  12.019  1.00 24.08 ? 88   PRO A CB  1 
ATOM   678  C  CG  . PRO A 1 88  ? -13.363 -7.937  11.554  1.00 21.74 ? 88   PRO A CG  1 
ATOM   679  C  CD  . PRO A 1 88  ? -11.857 -7.995  11.665  1.00 22.89 ? 88   PRO A CD  1 
ATOM   680  N  N   . VAL A 1 89  ? -12.747 -10.474 9.197   1.00 27.55 ? 89   VAL A N   1 
ATOM   681  C  CA  . VAL A 1 89  ? -13.158 -11.088 7.943   1.00 24.84 ? 89   VAL A CA  1 
ATOM   682  C  C   . VAL A 1 89  ? -11.938 -11.403 7.074   1.00 25.95 ? 89   VAL A C   1 
ATOM   683  O  O   . VAL A 1 89  ? -10.879 -10.798 7.230   1.00 25.90 ? 89   VAL A O   1 
ATOM   684  C  CB  . VAL A 1 89  ? -14.193 -10.224 7.194   1.00 23.03 ? 89   VAL A CB  1 
ATOM   685  C  CG1 . VAL A 1 89  ? -15.462 -10.022 8.007   1.00 21.03 ? 89   VAL A CG1 1 
ATOM   686  C  CG2 . VAL A 1 89  ? -13.614 -8.890  6.766   1.00 23.58 ? 89   VAL A CG2 1 
ATOM   687  N  N   . CYS A 1 90  ? -12.126 -12.350 6.141   1.00 25.32 ? 90   CYS A N   1 
ATOM   688  C  CA  . CYS A 1 90  ? -11.170 -12.658 5.089   1.00 25.98 ? 90   CYS A CA  1 
ATOM   689  C  C   . CYS A 1 90  ? -9.924  -13.297 5.683   1.00 26.81 ? 90   CYS A C   1 
ATOM   690  O  O   . CYS A 1 90  ? -8.809  -12.994 5.264   1.00 27.38 ? 90   CYS A O   1 
ATOM   691  C  CB  . CYS A 1 90  ? -10.790 -11.406 4.304   1.00 22.67 ? 90   CYS A CB  1 
ATOM   692  S  SG  . CYS A 1 90  ? -12.227 -10.596 3.551   1.00 20.91 ? 90   CYS A SG  1 
ATOM   693  N  N   . ASN A 1 91  ? -10.148 -14.224 6.619   1.00 32.10 ? 91   ASN A N   1 
ATOM   694  C  CA  . ASN A 1 91  ? -9.106  -14.749 7.492   1.00 35.13 ? 91   ASN A CA  1 
ATOM   695  C  C   . ASN A 1 91  ? -8.320  -15.884 6.851   1.00 31.96 ? 91   ASN A C   1 
ATOM   696  O  O   . ASN A 1 91  ? -7.255  -16.233 7.346   1.00 33.32 ? 91   ASN A O   1 
ATOM   697  C  CB  . ASN A 1 91  ? -9.687  -15.209 8.823   1.00 35.72 ? 91   ASN A CB  1 
ATOM   698  C  CG  . ASN A 1 91  ? -9.843  -14.030 9.743   1.00 36.53 ? 91   ASN A CG  1 
ATOM   699  O  OD1 . ASN A 1 91  ? -10.967 -13.708 10.131  1.00 39.03 ? 91   ASN A OD1 1 
ATOM   700  N  ND2 . ASN A 1 91  ? -8.732  -13.356 10.021  1.00 33.50 ? 91   ASN A ND2 1 
ATOM   701  N  N   . GLU A 1 92  ? -8.883  -16.468 5.793   1.00 33.05 ? 92   GLU A N   1 
ATOM   702  C  CA  . GLU A 1 92  ? -8.244  -17.537 5.047   1.00 38.01 ? 92   GLU A CA  1 
ATOM   703  C  C   . GLU A 1 92  ? -7.154  -16.932 4.160   1.00 34.43 ? 92   GLU A C   1 
ATOM   704  O  O   . GLU A 1 92  ? -6.328  -17.671 3.634   1.00 34.31 ? 92   GLU A O   1 
ATOM   705  C  CB  . GLU A 1 92  ? -9.300  -18.366 4.304   1.00 43.50 ? 92   GLU A CB  1 
ATOM   706  C  CG  . GLU A 1 92  ? -10.113 -17.577 3.272   1.00 58.75 ? 92   GLU A CG  1 
ATOM   707  C  CD  . GLU A 1 92  ? -11.156 -16.557 3.737   1.00 62.43 ? 92   GLU A CD  1 
ATOM   708  O  OE1 . GLU A 1 92  ? -11.499 -16.541 4.949   1.00 63.67 ? 92   GLU A OE1 1 
ATOM   709  O  OE2 . GLU A 1 92  ? -11.652 -15.786 2.876   1.00 60.56 ? 92   GLU A OE2 1 
ATOM   710  N  N   . LEU A 1 93  ? -7.151  -15.585 4.058   1.00 31.01 ? 93   LEU A N   1 
ATOM   711  C  CA  . LEU A 1 93  ? -6.217  -14.795 3.259   1.00 24.75 ? 93   LEU A CA  1 
ATOM   712  C  C   . LEU A 1 93  ? -5.253  -14.059 4.187   1.00 22.83 ? 93   LEU A C   1 
ATOM   713  O  O   . LEU A 1 93  ? -5.596  -13.783 5.332   1.00 20.97 ? 93   LEU A O   1 
ATOM   714  C  CB  . LEU A 1 93  ? -7.006  -13.788 2.417   1.00 20.76 ? 93   LEU A CB  1 
ATOM   715  C  CG  . LEU A 1 93  ? -7.919  -14.406 1.353   1.00 24.76 ? 93   LEU A CG  1 
ATOM   716  C  CD1 . LEU A 1 93  ? -8.599  -13.325 0.524   1.00 21.10 ? 93   LEU A CD1 1 
ATOM   717  C  CD2 . LEU A 1 93  ? -7.156  -15.378 0.446   1.00 23.26 ? 93   LEU A CD2 1 
ATOM   718  N  N   . SER A 1 94  ? -4.065  -13.731 3.667   1.00 21.45 ? 94   SER A N   1 
ATOM   719  C  CA  . SER A 1 94  ? -3.040  -13.019 4.412   1.00 20.35 ? 94   SER A CA  1 
ATOM   720  C  C   . SER A 1 94  ? -3.351  -11.520 4.448   1.00 18.36 ? 94   SER A C   1 
ATOM   721  O  O   . SER A 1 94  ? -4.331  -11.044 3.882   1.00 16.24 ? 94   SER A O   1 
ATOM   722  C  CB  . SER A 1 94  ? -1.679  -13.254 3.817   1.00 19.23 ? 94   SER A CB  1 
ATOM   723  O  OG  . SER A 1 94  ? -1.491  -12.443 2.654   1.00 23.46 ? 94   SER A OG  1 
ATOM   724  N  N   . LYS A 1 95  ? -2.453  -10.772 5.066   1.00 18.40 ? 95   LYS A N   1 
ATOM   725  C  CA  . LYS A 1 95  ? -2.601  -9.329  5.157   1.00 20.13 ? 95   LYS A CA  1 
ATOM   726  C  C   . LYS A 1 95  ? -1.590  -8.610  4.261   1.00 19.51 ? 95   LYS A C   1 
ATOM   727  O  O   . LYS A 1 95  ? -1.432  -7.398  4.405   1.00 21.19 ? 95   LYS A O   1 
ATOM   728  C  CB  . LYS A 1 95  ? -2.479  -8.936  6.632   1.00 22.27 ? 95   LYS A CB  1 
ATOM   729  C  CG  . LYS A 1 95  ? -3.462  -9.652  7.555   1.00 23.68 ? 95   LYS A CG  1 
ATOM   730  C  CD  . LYS A 1 95  ? -3.250  -9.334  9.021   1.00 27.76 ? 95   LYS A CD  1 
ATOM   731  C  CE  . LYS A 1 95  ? -4.120  -10.155 9.961   1.00 31.80 ? 95   LYS A CE  1 
ATOM   732  N  NZ  . LYS A 1 95  ? -3.789  -9.917  11.390  1.00 27.16 ? 95   LYS A NZ  1 
ATOM   733  N  N   . LEU A 1 96  ? -0.898  -9.342  3.359   1.00 19.76 ? 96   LEU A N   1 
ATOM   734  C  CA  . LEU A 1 96  ? 0.021   -8.742  2.389   1.00 17.24 ? 96   LEU A CA  1 
ATOM   735  C  C   . LEU A 1 96  ? -0.772  -8.098  1.248   1.00 16.24 ? 96   LEU A C   1 
ATOM   736  O  O   . LEU A 1 96  ? -1.697  -8.719  0.733   1.00 17.03 ? 96   LEU A O   1 
ATOM   737  C  CB  . LEU A 1 96  ? 0.959   -9.813  1.807   1.00 18.72 ? 96   LEU A CB  1 
ATOM   738  C  CG  . LEU A 1 96  ? 1.851   -10.624 2.752   1.00 21.10 ? 96   LEU A CG  1 
ATOM   739  C  CD1 . LEU A 1 96  ? 2.611   -11.664 1.965   1.00 22.59 ? 96   LEU A CD1 1 
ATOM   740  C  CD2 . LEU A 1 96  ? 2.854   -9.760  3.486   1.00 19.30 ? 96   LEU A CD2 1 
ATOM   741  N  N   . TRP A 1 97  ? -0.363  -6.893  0.813   1.00 15.36 ? 97   TRP A N   1 
ATOM   742  C  CA  . TRP A 1 97  ? -0.908  -6.250  -0.380  1.00 15.75 ? 97   TRP A CA  1 
ATOM   743  C  C   . TRP A 1 97  ? -0.501  -7.049  -1.617  1.00 15.93 ? 97   TRP A C   1 
ATOM   744  O  O   . TRP A 1 97  ? 0.586   -7.604  -1.661  1.00 15.86 ? 97   TRP A O   1 
ATOM   745  C  CB  . TRP A 1 97  ? -0.361  -4.825  -0.549  1.00 14.87 ? 97   TRP A CB  1 
ATOM   746  C  CG  . TRP A 1 97  ? -0.697  -3.812  0.497   1.00 15.10 ? 97   TRP A CG  1 
ATOM   747  C  CD1 . TRP A 1 97  ? -1.072  -4.014  1.794   1.00 15.24 ? 97   TRP A CD1 1 
ATOM   748  C  CD2 . TRP A 1 97  ? -0.616  -2.384  0.325   1.00 14.77 ? 97   TRP A CD2 1 
ATOM   749  N  NE1 . TRP A 1 97  ? -1.261  -2.812  2.437   1.00 14.44 ? 97   TRP A NE1 1 
ATOM   750  C  CE2 . TRP A 1 97  ? -0.974  -1.798  1.557   1.00 14.77 ? 97   TRP A CE2 1 
ATOM   751  C  CE3 . TRP A 1 97  ? -0.282  -1.560  -0.755  1.00 14.04 ? 97   TRP A CE3 1 
ATOM   752  C  CZ2 . TRP A 1 97  ? -1.022  -0.417  1.727   1.00 14.52 ? 97   TRP A CZ2 1 
ATOM   753  C  CZ3 . TRP A 1 97  ? -0.318  -0.197  -0.577  1.00 14.04 ? 97   TRP A CZ3 1 
ATOM   754  C  CH2 . TRP A 1 97  ? -0.679  0.362   0.649   1.00 13.95 ? 97   TRP A CH2 1 
ATOM   755  N  N   . ALA A 1 98  ? -1.357  -7.049  -2.645  1.00 15.54 ? 98   ALA A N   1 
ATOM   756  C  CA  . ALA A 1 98  ? -1.045  -7.677  -3.916  1.00 16.93 ? 98   ALA A CA  1 
ATOM   757  C  C   . ALA A 1 98  ? -1.948  -7.093  -4.996  1.00 18.13 ? 98   ALA A C   1 
ATOM   758  O  O   . ALA A 1 98  ? -3.056  -6.633  -4.695  1.00 21.94 ? 98   ALA A O   1 
ATOM   759  C  CB  . ALA A 1 98  ? -1.244  -9.168  -3.818  1.00 15.86 ? 98   ALA A CB  1 
ATOM   760  N  N   . VAL A 1 99  ? -1.471  -7.141  -6.245  1.00 16.08 ? 99   VAL A N   1 
ATOM   761  C  CA  . VAL A 1 99  ? -2.277  -6.746  -7.385  1.00 15.40 ? 99   VAL A CA  1 
ATOM   762  C  C   . VAL A 1 99  ? -3.219  -7.897  -7.650  1.00 16.63 ? 99   VAL A C   1 
ATOM   763  O  O   . VAL A 1 99  ? -2.797  -9.051  -7.627  1.00 19.80 ? 99   VAL A O   1 
ATOM   764  C  CB  . VAL A 1 99  ? -1.418  -6.456  -8.633  1.00 14.90 ? 99   VAL A CB  1 
ATOM   765  C  CG1 . VAL A 1 99  ? -2.251  -6.128  -9.860  1.00 11.45 ? 99   VAL A CG1 1 
ATOM   766  C  CG2 . VAL A 1 99  ? -0.357  -5.401  -8.389  1.00 13.50 ? 99   VAL A CG2 1 
ATOM   767  N  N   . ASP A 1 100 ? -4.484  -7.574  -7.898  1.00 18.70 ? 100  ASP A N   1 
ATOM   768  C  CA  . ASP A 1 100 ? -5.472  -8.575  -8.264  1.00 20.12 ? 100  ASP A CA  1 
ATOM   769  C  C   . ASP A 1 100 ? -5.045  -9.170  -9.602  1.00 23.59 ? 100  ASP A C   1 
ATOM   770  O  O   . ASP A 1 100 ? -4.904  -8.420  -10.561 1.00 25.60 ? 100  ASP A O   1 
ATOM   771  C  CB  . ASP A 1 100 ? -6.847  -7.913  -8.316  1.00 22.20 ? 100  ASP A CB  1 
ATOM   772  C  CG  . ASP A 1 100 ? -7.981  -8.774  -8.845  1.00 21.43 ? 100  ASP A CG  1 
ATOM   773  O  OD1 . ASP A 1 100 ? -7.840  -9.991  -8.816  1.00 22.94 ? 100  ASP A OD1 1 
ATOM   774  O  OD2 . ASP A 1 100 ? -8.979  -8.198  -9.317  1.00 21.82 ? 100  ASP A OD2 1 
ATOM   775  N  N   . VAL A 1 101 ? -4.768  -10.490 -9.642  1.00 26.01 ? 101  VAL A N   1 
ATOM   776  C  CA  . VAL A 1 101 ? -4.447  -11.194 -10.886 1.00 24.20 ? 101  VAL A CA  1 
ATOM   777  C  C   . VAL A 1 101 ? -5.427  -12.345 -11.115 1.00 27.97 ? 101  VAL A C   1 
ATOM   778  O  O   . VAL A 1 101 ? -5.107  -13.280 -11.845 1.00 31.83 ? 101  VAL A O   1 
ATOM   779  C  CB  . VAL A 1 101 ? -2.990  -11.697 -10.956 1.00 22.31 ? 101  VAL A CB  1 
ATOM   780  C  CG1 . VAL A 1 101 ? -1.961  -10.573 -11.044 1.00 18.77 ? 101  VAL A CG1 1 
ATOM   781  C  CG2 . VAL A 1 101 ? -2.655  -12.671 -9.832  1.00 22.28 ? 101  VAL A CG2 1 
ATOM   782  N  N   . SER A 1 102 ? -6.615  -12.277 -10.493 1.00 29.24 ? 102  SER A N   1 
ATOM   783  C  CA  . SER A 1 102 ? -7.672  -13.245 -10.726 1.00 28.65 ? 102  SER A CA  1 
ATOM   784  C  C   . SER A 1 102 ? -8.213  -13.062 -12.142 1.00 29.40 ? 102  SER A C   1 
ATOM   785  O  O   . SER A 1 102 ? -7.725  -12.222 -12.888 1.00 31.30 ? 102  SER A O   1 
ATOM   786  C  CB  . SER A 1 102 ? -8.757  -13.107 -9.686  1.00 25.57 ? 102  SER A CB  1 
ATOM   787  O  OG  . SER A 1 102 ? -9.483  -11.912 -9.898  1.00 27.30 ? 102  SER A OG  1 
ATOM   788  N  N   . SER A 1 103 ? -9.225  -13.851 -12.511 1.00 35.58 ? 103  SER A N   1 
ATOM   789  C  CA  . SER A 1 103 ? -9.781  -13.812 -13.857 1.00 36.56 ? 103  SER A CA  1 
ATOM   790  C  C   . SER A 1 103 ? -10.782 -12.669 -13.991 1.00 32.25 ? 103  SER A C   1 
ATOM   791  O  O   . SER A 1 103 ? -11.134 -12.299 -15.102 1.00 30.59 ? 103  SER A O   1 
ATOM   792  C  CB  . SER A 1 103 ? -10.412 -15.136 -14.239 1.00 38.52 ? 103  SER A CB  1 
ATOM   793  O  OG  . SER A 1 103 ? -11.471 -15.441 -13.341 1.00 43.02 ? 103  SER A OG  1 
ATOM   794  N  N   . SER A 1 104 ? -11.247 -12.108 -12.865 1.00 32.17 ? 104  SER A N   1 
ATOM   795  C  CA  . SER A 1 104 ? -12.140 -10.962 -12.957 1.00 33.20 ? 104  SER A CA  1 
ATOM   796  C  C   . SER A 1 104 ? -11.383 -9.629  -12.826 1.00 32.41 ? 104  SER A C   1 
ATOM   797  O  O   . SER A 1 104 ? -12.012 -8.588  -12.650 1.00 31.38 ? 104  SER A O   1 
ATOM   798  C  CB  . SER A 1 104 ? -13.280 -11.079 -11.985 1.00 31.62 ? 104  SER A CB  1 
ATOM   799  O  OG  . SER A 1 104 ? -12.784 -11.154 -10.659 1.00 37.79 ? 104  SER A OG  1 
ATOM   800  N  N   . ALA A 1 105 ? -10.043 -9.654  -12.954 1.00 29.69 ? 105  ALA A N   1 
ATOM   801  C  CA  . ALA A 1 105 ? -9.206  -8.485  -12.707 1.00 30.34 ? 105  ALA A CA  1 
ATOM   802  C  C   . ALA A 1 105 ? -9.523  -7.369  -13.704 1.00 27.86 ? 105  ALA A C   1 
ATOM   803  O  O   . ALA A 1 105 ? -9.558  -7.616  -14.906 1.00 31.32 ? 105  ALA A O   1 
ATOM   804  C  CB  . ALA A 1 105 ? -7.743  -8.858  -12.767 1.00 27.30 ? 105  ALA A CB  1 
ATOM   805  N  N   . ALA A 1 106 ? -9.723  -6.144  -13.200 1.00 23.58 ? 106  ALA A N   1 
ATOM   806  C  CA  . ALA A 1 106 ? -9.968  -4.992  -14.060 1.00 24.50 ? 106  ALA A CA  1 
ATOM   807  C  C   . ALA A 1 106 ? -8.726  -4.663  -14.903 1.00 23.46 ? 106  ALA A C   1 
ATOM   808  O  O   . ALA A 1 106 ? -7.588  -4.939  -14.505 1.00 19.39 ? 106  ALA A O   1 
ATOM   809  C  CB  . ALA A 1 106 ? -10.473 -3.807  -13.247 1.00 19.67 ? 106  ALA A CB  1 
ATOM   810  N  N   . LYS A 1 107 ? -8.965  -4.076  -16.087 1.00 26.75 ? 107  LYS A N   1 
ATOM   811  C  CA  . LYS A 1 107 ? -7.899  -3.671  -16.990 1.00 26.52 ? 107  LYS A CA  1 
ATOM   812  C  C   . LYS A 1 107 ? -6.874  -2.844  -16.208 1.00 23.82 ? 107  LYS A C   1 
ATOM   813  O  O   . LYS A 1 107 ? -5.675  -3.031  -16.369 1.00 23.13 ? 107  LYS A O   1 
ATOM   814  C  CB  . LYS A 1 107 ? -8.478  -2.941  -18.211 1.00 31.97 ? 107  LYS A CB  1 
ATOM   815  C  CG  . LYS A 1 107 ? -7.457  -2.598  -19.298 1.00 40.32 ? 107  LYS A CG  1 
ATOM   816  C  CD  . LYS A 1 107 ? -7.725  -1.299  -20.060 1.00 48.08 ? 107  LYS A CD  1 
ATOM   817  C  CE  . LYS A 1 107 ? -6.594  -0.907  -20.996 1.00 55.90 ? 107  LYS A CE  1 
ATOM   818  N  NZ  . LYS A 1 107 ? -6.953  0.229   -21.883 1.00 56.17 ? 107  LYS A NZ  1 
ATOM   819  N  N   . GLU A 1 108 ? -7.358  -1.922  -15.360 1.00 21.19 ? 108  GLU A N   1 
ATOM   820  C  CA  . GLU A 1 108 ? -6.522  -1.291  -14.345 1.00 19.44 ? 108  GLU A CA  1 
ATOM   821  C  C   . GLU A 1 108 ? -6.782  -2.020  -13.025 1.00 17.74 ? 108  GLU A C   1 
ATOM   822  O  O   . GLU A 1 108 ? -7.733  -1.690  -12.331 1.00 19.46 ? 108  GLU A O   1 
ATOM   823  C  CB  . GLU A 1 108 ? -6.880  0.190   -14.189 1.00 17.76 ? 108  GLU A CB  1 
ATOM   824  C  CG  . GLU A 1 108 ? -6.325  1.103   -15.267 1.00 17.41 ? 108  GLU A CG  1 
ATOM   825  C  CD  . GLU A 1 108 ? -6.681  2.568   -15.049 1.00 20.10 ? 108  GLU A CD  1 
ATOM   826  O  OE1 . GLU A 1 108 ? -7.883  2.848   -14.825 1.00 20.92 ? 108  GLU A OE1 1 
ATOM   827  O  OE2 . GLU A 1 108 ? -5.758  3.438   -15.085 1.00 18.76 ? 108  GLU A OE2 1 
ATOM   828  N  N   . PRO A 1 109 ? -5.983  -3.044  -12.639 1.00 15.30 ? 109  PRO A N   1 
ATOM   829  C  CA  . PRO A 1 109 ? -6.374  -3.936  -11.548 1.00 15.30 ? 109  PRO A CA  1 
ATOM   830  C  C   . PRO A 1 109 ? -6.334  -3.338  -10.131 1.00 14.00 ? 109  PRO A C   1 
ATOM   831  O  O   . PRO A 1 109 ? -5.465  -2.530  -9.788  1.00 14.30 ? 109  PRO A O   1 
ATOM   832  C  CB  . PRO A 1 109 ? -5.391  -5.116  -11.728 1.00 13.59 ? 109  PRO A CB  1 
ATOM   833  C  CG  . PRO A 1 109 ? -4.153  -4.465  -12.281 1.00 13.37 ? 109  PRO A CG  1 
ATOM   834  C  CD  . PRO A 1 109 ? -4.677  -3.399  -13.221 1.00 13.93 ? 109  PRO A CD  1 
ATOM   835  N  N   . ALA A 1 110 ? -7.283  -3.779  -9.305  1.00 13.73 ? 110  ALA A N   1 
ATOM   836  C  CA  . ALA A 1 110 ? -7.347  -3.437  -7.889  1.00 13.77 ? 110  ALA A CA  1 
ATOM   837  C  C   . ALA A 1 110 ? -6.098  -3.907  -7.130  1.00 13.47 ? 110  ALA A C   1 
ATOM   838  O  O   . ALA A 1 110 ? -5.574  -4.999  -7.376  1.00 12.71 ? 110  ALA A O   1 
ATOM   839  C  CB  . ALA A 1 110 ? -8.603  -4.035  -7.315  1.00 13.77 ? 110  ALA A CB  1 
ATOM   840  N  N   . ILE A 1 111 ? -5.602  -3.056  -6.222  1.00 12.35 ? 111  ILE A N   1 
ATOM   841  C  CA  . ILE A 1 111 ? -4.777  -3.554  -5.135  1.00 13.13 ? 111  ILE A CA  1 
ATOM   842  C  C   . ILE A 1 111 ? -5.663  -4.216  -4.075  1.00 14.34 ? 111  ILE A C   1 
ATOM   843  O  O   . ILE A 1 111 ? -6.596  -3.621  -3.541  1.00 14.45 ? 111  ILE A O   1 
ATOM   844  C  CB  . ILE A 1 111 ? -3.864  -2.464  -4.548  1.00 12.35 ? 111  ILE A CB  1 
ATOM   845  C  CG1 . ILE A 1 111 ? -3.221  -1.619  -5.656  1.00 11.79 ? 111  ILE A CG1 1 
ATOM   846  C  CG2 . ILE A 1 111 ? -2.820  -3.119  -3.652  1.00 11.50 ? 111  ILE A CG2 1 
ATOM   847  C  CD1 . ILE A 1 111 ? -2.192  -2.358  -6.507  1.00 11.92 ? 111  ILE A CD1 1 
ATOM   848  N  N   . ILE A 1 112 ? -5.368  -5.482  -3.780  1.00 15.19 ? 112  ILE A N   1 
ATOM   849  C  CA  . ILE A 1 112 ? -6.169  -6.252  -2.844  1.00 15.19 ? 112  ILE A CA  1 
ATOM   850  C  C   . ILE A 1 112 ? -5.242  -6.648  -1.700  1.00 15.82 ? 112  ILE A C   1 
ATOM   851  O  O   . ILE A 1 112 ? -4.058  -6.319  -1.705  1.00 16.15 ? 112  ILE A O   1 
ATOM   852  C  CB  . ILE A 1 112 ? -6.758  -7.492  -3.554  1.00 17.50 ? 112  ILE A CB  1 
ATOM   853  C  CG1 . ILE A 1 112 ? -5.648  -8.342  -4.193  1.00 18.08 ? 112  ILE A CG1 1 
ATOM   854  C  CG2 . ILE A 1 112 ? -7.807  -7.088  -4.576  1.00 16.03 ? 112  ILE A CG2 1 
ATOM   855  C  CD1 . ILE A 1 112 ? -5.988  -9.800  -4.404  1.00 20.06 ? 112  ILE A CD1 1 
ATOM   856  N  N   . ILE A 1 113 ? -5.805  -7.372  -0.738  1.00 16.77 ? 113  ILE A N   1 
ATOM   857  C  CA  . ILE A 1 113 ? -5.114  -7.858  0.437   1.00 16.60 ? 113  ILE A CA  1 
ATOM   858  C  C   . ILE A 1 113 ? -5.258  -9.376  0.436   1.00 18.13 ? 113  ILE A C   1 
ATOM   859  O  O   . ILE A 1 113 ? -6.371  -9.880  0.314   1.00 17.00 ? 113  ILE A O   1 
ATOM   860  C  CB  . ILE A 1 113 ? -5.728  -7.231  1.708   1.00 14.68 ? 113  ILE A CB  1 
ATOM   861  C  CG1 . ILE A 1 113 ? -5.565  -5.708  1.730   1.00 14.44 ? 113  ILE A CG1 1 
ATOM   862  C  CG2 . ILE A 1 113 ? -5.110  -7.835  2.943   1.00 13.95 ? 113  ILE A CG2 1 
ATOM   863  C  CD1 . ILE A 1 113 ? -6.463  -5.018  2.728   1.00 13.34 ? 113  ILE A CD1 1 
ATOM   864  N  N   . GLY A 1 114 ? -4.131  -10.084 0.586   1.00 20.01 ? 114  GLY A N   1 
ATOM   865  C  CA  . GLY A 1 114 ? -4.133  -11.536 0.642   1.00 22.67 ? 114  GLY A CA  1 
ATOM   866  C  C   . GLY A 1 114 ? -3.132  -12.178 -0.308  1.00 22.97 ? 114  GLY A C   1 
ATOM   867  O  O   . GLY A 1 114 ? -3.350  -13.291 -0.769  1.00 25.33 ? 114  GLY A O   1 
ATOM   868  N  N   . GLY A 1 115 ? -2.030  -11.478 -0.584  1.00 24.10 ? 115  GLY A N   1 
ATOM   869  C  CA  . GLY A 1 115 ? -1.045  -11.975 -1.523  1.00 22.60 ? 115  GLY A CA  1 
ATOM   870  C  C   . GLY A 1 115 ? -0.122  -12.989 -0.867  1.00 24.02 ? 115  GLY A C   1 
ATOM   871  O  O   . GLY A 1 115 ? 0.046   -12.962 0.347   1.00 22.29 ? 115  GLY A O   1 
ATOM   872  N  N   . GLU A 1 116 ? 0.476   -13.869 -1.685  1.00 27.30 ? 116  GLU A N   1 
ATOM   873  C  CA  . GLU A 1 116 ? 1.485   -14.809 -1.214  1.00 29.90 ? 116  GLU A CA  1 
ATOM   874  C  C   . GLU A 1 116 ? 2.866   -14.146 -1.232  1.00 29.34 ? 116  GLU A C   1 
ATOM   875  O  O   . GLU A 1 116 ? 3.268   -13.528 -2.217  1.00 26.12 ? 116  GLU A O   1 
ATOM   876  C  CB  . GLU A 1 116 ? 1.450   -16.109 -2.025  1.00 35.43 ? 116  GLU A CB  1 
ATOM   877  C  CG  . GLU A 1 116 ? 0.054   -16.712 -2.142  1.00 48.12 ? 116  GLU A CG  1 
ATOM   878  C  CD  . GLU A 1 116 ? -0.077  -18.153 -2.647  1.00 60.29 ? 116  GLU A CD  1 
ATOM   879  O  OE1 . GLU A 1 116 ? 0.843   -18.642 -3.369  1.00 59.98 ? 116  GLU A OE1 1 
ATOM   880  O  OE2 . GLU A 1 116 ? -1.115  -18.795 -2.323  1.00 54.07 ? 116  GLU A OE2 1 
ATOM   881  N  N   . ARG A 1 117 ? 3.587   -14.290 -0.118  1.00 30.80 ? 117  ARG A N   1 
ATOM   882  C  CA  . ARG A 1 117 ? 4.889   -13.673 0.108   1.00 36.72 ? 117  ARG A CA  1 
ATOM   883  C  C   . ARG A 1 117 ? 5.746   -13.674 -1.163  1.00 35.16 ? 117  ARG A C   1 
ATOM   884  O  O   . ARG A 1 117 ? 6.376   -12.664 -1.477  1.00 32.99 ? 117  ARG A O   1 
ATOM   885  C  CB  . ARG A 1 117 ? 5.595   -14.405 1.258   1.00 43.05 ? 117  ARG A CB  1 
ATOM   886  C  CG  . ARG A 1 117 ? 6.559   -13.577 2.105   1.00 47.73 ? 117  ARG A CG  1 
ATOM   887  C  CD  . ARG A 1 117 ? 7.195   -14.474 3.163   1.00 55.95 ? 117  ARG A CD  1 
ATOM   888  N  NE  . ARG A 1 117 ? 7.689   -15.699 2.524   1.00 63.64 ? 117  ARG A NE  1 
ATOM   889  C  CZ  . ARG A 1 117 ? 8.969   -16.026 2.300   1.00 59.49 ? 117  ARG A CZ  1 
ATOM   890  N  NH1 . ARG A 1 117 ? 9.953   -15.239 2.717   1.00 55.17 ? 117  ARG A NH1 1 
ATOM   891  N  NH2 . ARG A 1 117 ? 9.247   -17.159 1.677   1.00 50.46 ? 117  ARG A NH2 1 
ATOM   892  N  N   . THR A 1 118 ? 5.788   -14.803 -1.882  1.00 32.50 ? 118  THR A N   1 
ATOM   893  C  CA  . THR A 1 118 ? 6.782   -14.969 -2.937  1.00 33.57 ? 118  THR A CA  1 
ATOM   894  C  C   . THR A 1 118 ? 6.189   -14.669 -4.317  1.00 32.40 ? 118  THR A C   1 
ATOM   895  O  O   . THR A 1 118 ? 6.945   -14.382 -5.245  1.00 35.00 ? 118  THR A O   1 
ATOM   896  C  CB  . THR A 1 118 ? 7.495   -16.337 -2.897  1.00 33.35 ? 118  THR A CB  1 
ATOM   897  O  OG1 . THR A 1 118 ? 6.513   -17.350 -3.122  1.00 28.47 ? 118  THR A OG1 1 
ATOM   898  C  CG2 . THR A 1 118 ? 8.262   -16.609 -1.617  1.00 29.27 ? 118  THR A CG2 1 
ATOM   899  N  N   . ALA A 1 119 ? 4.854   -14.732 -4.447  1.00 26.14 ? 119  ALA A N   1 
ATOM   900  C  CA  . ALA A 1 119 ? 4.217   -14.525 -5.739  1.00 25.00 ? 119  ALA A CA  1 
ATOM   901  C  C   . ALA A 1 119 ? 4.615   -13.159 -6.290  1.00 25.32 ? 119  ALA A C   1 
ATOM   902  O  O   . ALA A 1 119 ? 4.834   -12.228 -5.513  1.00 24.58 ? 119  ALA A O   1 
ATOM   903  C  CB  . ALA A 1 119 ? 2.716   -14.663 -5.629  1.00 22.17 ? 119  ALA A CB  1 
ATOM   904  N  N   . PRO A 1 120 ? 4.745   -13.010 -7.635  1.00 25.62 ? 120  PRO A N   1 
ATOM   905  C  CA  . PRO A 1 120 ? 5.156   -11.741 -8.243  1.00 24.19 ? 120  PRO A CA  1 
ATOM   906  C  C   . PRO A 1 120 ? 4.167   -10.572 -8.108  1.00 26.99 ? 120  PRO A C   1 
ATOM   907  O  O   . PRO A 1 120 ? 4.566   -9.410  -8.185  1.00 27.15 ? 120  PRO A O   1 
ATOM   908  C  CB  . PRO A 1 120 ? 5.435   -12.074 -9.730  1.00 25.74 ? 120  PRO A CB  1 
ATOM   909  C  CG  . PRO A 1 120 ? 4.859   -13.459 -9.992  1.00 24.96 ? 120  PRO A CG  1 
ATOM   910  C  CD  . PRO A 1 120 ? 4.576   -14.084 -8.634  1.00 27.09 ? 120  PRO A CD  1 
ATOM   911  N  N   . ASN A 1 121 ? 2.877   -10.879 -7.915  1.00 23.91 ? 121  ASN A N   1 
ATOM   912  C  CA  . ASN A 1 121 ? 1.863   -9.850  -7.804  1.00 21.32 ? 121  ASN A CA  1 
ATOM   913  C  C   . ASN A 1 121 ? 1.890   -9.235  -6.405  1.00 21.44 ? 121  ASN A C   1 
ATOM   914  O  O   . ASN A 1 121 ? 1.086   -8.363  -6.111  1.00 21.65 ? 121  ASN A O   1 
ATOM   915  C  CB  . ASN A 1 121 ? 0.484   -10.421 -8.105  1.00 21.66 ? 121  ASN A CB  1 
ATOM   916  C  CG  . ASN A 1 121 ? -0.013  -11.382 -7.041  1.00 22.49 ? 121  ASN A CG  1 
ATOM   917  O  OD1 . ASN A 1 121 ? 0.779   -12.076 -6.393  1.00 22.22 ? 121  ASN A OD1 1 
ATOM   918  N  ND2 . ASN A 1 121 ? -1.327  -11.442 -6.870  1.00 19.90 ? 121  ASN A ND2 1 
ATOM   919  N  N   . SER A 1 122 ? 2.831   -9.678  -5.561  1.00 22.50 ? 122  SER A N   1 
ATOM   920  C  CA  . SER A 1 122 ? 2.917   -9.237  -4.174  1.00 23.89 ? 122  SER A CA  1 
ATOM   921  C  C   . SER A 1 122 ? 4.123   -8.330  -3.959  1.00 23.44 ? 122  SER A C   1 
ATOM   922  O  O   . SER A 1 122 ? 4.437   -8.015  -2.808  1.00 22.06 ? 122  SER A O   1 
ATOM   923  C  CB  . SER A 1 122 ? 3.018   -10.412 -3.227  1.00 25.53 ? 122  SER A CB  1 
ATOM   924  O  OG  . SER A 1 122 ? 1.781   -11.105 -3.159  1.00 27.16 ? 122  SER A OG  1 
ATOM   925  N  N   . LEU A 1 123 ? 4.805   -7.962  -5.056  1.00 21.84 ? 123  LEU A N   1 
ATOM   926  C  CA  . LEU A 1 123 ? 6.081   -7.268  -4.953  1.00 22.00 ? 123  LEU A CA  1 
ATOM   927  C  C   . LEU A 1 123 ? 5.883   -5.791  -5.298  1.00 22.30 ? 123  LEU A C   1 
ATOM   928  O  O   . LEU A 1 123 ? 5.474   -5.469  -6.414  1.00 21.05 ? 123  LEU A O   1 
ATOM   929  C  CB  . LEU A 1 123 ? 7.098   -7.932  -5.895  1.00 21.23 ? 123  LEU A CB  1 
ATOM   930  C  CG  . LEU A 1 123 ? 7.402   -9.415  -5.643  1.00 20.83 ? 123  LEU A CG  1 
ATOM   931  C  CD1 . LEU A 1 123 ? 8.546   -9.911  -6.547  1.00 19.59 ? 123  LEU A CD1 1 
ATOM   932  C  CD2 . LEU A 1 123 ? 7.737   -9.648  -4.183  1.00 18.92 ? 123  LEU A CD2 1 
ATOM   933  N  N   . PHE A 1 124 ? 6.183   -4.916  -4.328  1.00 18.22 ? 124  PHE A N   1 
ATOM   934  C  CA  . PHE A 1 124 ? 6.109   -3.481  -4.525  1.00 18.54 ? 124  PHE A CA  1 
ATOM   935  C  C   . PHE A 1 124 ? 7.513   -2.869  -4.501  1.00 20.49 ? 124  PHE A C   1 
ATOM   936  O  O   . PHE A 1 124 ? 8.469   -3.481  -4.021  1.00 20.07 ? 124  PHE A O   1 
ATOM   937  C  CB  . PHE A 1 124 ? 5.179   -2.834  -3.485  1.00 17.19 ? 124  PHE A CB  1 
ATOM   938  C  CG  . PHE A 1 124 ? 3.725   -3.249  -3.562  1.00 15.06 ? 124  PHE A CG  1 
ATOM   939  C  CD1 . PHE A 1 124 ? 3.312   -4.486  -3.086  1.00 14.36 ? 124  PHE A CD1 1 
ATOM   940  C  CD2 . PHE A 1 124 ? 2.762   -2.387  -4.060  1.00 13.76 ? 124  PHE A CD2 1 
ATOM   941  C  CE1 . PHE A 1 124 ? 1.976   -4.865  -3.158  1.00 14.05 ? 124  PHE A CE1 1 
ATOM   942  C  CE2 . PHE A 1 124 ? 1.426   -2.756  -4.123  1.00 13.53 ? 124  PHE A CE2 1 
ATOM   943  C  CZ  . PHE A 1 124 ? 1.037   -4.009  -3.694  1.00 14.14 ? 124  PHE A CZ  1 
ATOM   944  N  N   . LYS A 1 125 ? 7.633   -1.656  -5.053  1.00 20.22 ? 125  LYS A N   1 
ATOM   945  C  CA  . LYS A 1 125 ? 8.811   -0.841  -4.808  1.00 21.95 ? 125  LYS A CA  1 
ATOM   946  C  C   . LYS A 1 125 ? 8.365   0.561   -4.416  1.00 19.55 ? 125  LYS A C   1 
ATOM   947  O  O   . LYS A 1 125 ? 7.364   1.061   -4.932  1.00 18.94 ? 125  LYS A O   1 
ATOM   948  C  CB  . LYS A 1 125 ? 9.696   -0.704  -6.053  1.00 21.18 ? 125  LYS A CB  1 
ATOM   949  C  CG  . LYS A 1 125 ? 10.062  -1.986  -6.778  1.00 22.48 ? 125  LYS A CG  1 
ATOM   950  C  CD  . LYS A 1 125 ? 10.987  -1.750  -7.963  1.00 25.97 ? 125  LYS A CD  1 
ATOM   951  C  CE  . LYS A 1 125 ? 11.304  -3.018  -8.740  1.00 26.58 ? 125  LYS A CE  1 
ATOM   952  N  NZ  . LYS A 1 125 ? 12.231  -2.740  -9.863  1.00 26.38 ? 125  LYS A NZ  1 
ATOM   953  N  N   . ILE A 1 126 ? 9.135   1.184   -3.521  1.00 19.13 ? 126  ILE A N   1 
ATOM   954  C  CA  . ILE A 1 126 ? 8.945   2.581   -3.155  1.00 19.82 ? 126  ILE A CA  1 
ATOM   955  C  C   . ILE A 1 126 ? 9.886   3.422   -4.028  1.00 22.64 ? 126  ILE A C   1 
ATOM   956  O  O   . ILE A 1 126 ? 11.062  3.080   -4.184  1.00 22.46 ? 126  ILE A O   1 
ATOM   957  C  CB  . ILE A 1 126 ? 9.219   2.739   -1.643  1.00 18.68 ? 126  ILE A CB  1 
ATOM   958  C  CG1 . ILE A 1 126 ? 8.444   1.691   -0.837  1.00 17.76 ? 126  ILE A CG1 1 
ATOM   959  C  CG2 . ILE A 1 126 ? 8.925   4.159   -1.172  1.00 17.12 ? 126  ILE A CG2 1 
ATOM   960  C  CD1 . ILE A 1 126 ? 8.893   1.523   0.602   1.00 18.15 ? 126  ILE A CD1 1 
ATOM   961  N  N   . GLU A 1 127 ? 9.367   4.488   -4.651  1.00 20.91 ? 127  GLU A N   1 
ATOM   962  C  CA  . GLU A 1 127 ? 10.201  5.331   -5.506  1.00 21.37 ? 127  GLU A CA  1 
ATOM   963  C  C   . GLU A 1 127 ? 10.040  6.789   -5.086  1.00 21.63 ? 127  GLU A C   1 
ATOM   964  O  O   . GLU A 1 127 ? 8.933   7.232   -4.781  1.00 22.40 ? 127  GLU A O   1 
ATOM   965  C  CB  . GLU A 1 127 ? 9.793   5.210   -6.979  1.00 22.18 ? 127  GLU A CB  1 
ATOM   966  C  CG  . GLU A 1 127 ? 9.936   3.824   -7.587  1.00 22.15 ? 127  GLU A CG  1 
ATOM   967  C  CD  . GLU A 1 127 ? 11.361  3.309   -7.760  1.00 26.22 ? 127  GLU A CD  1 
ATOM   968  O  OE1 . GLU A 1 127 ? 12.299  4.083   -7.541  1.00 27.21 ? 127  GLU A OE1 1 
ATOM   969  O  OE2 . GLU A 1 127 ? 11.530  2.128   -8.118  1.00 26.75 ? 127  GLU A OE2 1 
ATOM   970  N  N   . GLU A 1 128 ? 11.146  7.537   -5.070  1.00 24.30 ? 128  GLU A N   1 
ATOM   971  C  CA  . GLU A 1 128 ? 11.085  8.955   -4.727  1.00 27.98 ? 128  GLU A CA  1 
ATOM   972  C  C   . GLU A 1 128 ? 10.128  9.726   -5.652  1.00 24.20 ? 128  GLU A C   1 
ATOM   973  O  O   . GLU A 1 128 ? 9.988   9.413   -6.834  1.00 20.54 ? 128  GLU A O   1 
ATOM   974  C  CB  . GLU A 1 128 ? 12.490  9.566   -4.759  1.00 32.53 ? 128  GLU A CB  1 
ATOM   975  C  CG  . GLU A 1 128 ? 13.271  9.389   -3.469  1.00 39.09 ? 128  GLU A CG  1 
ATOM   976  C  CD  . GLU A 1 128 ? 14.771  9.567   -3.652  1.00 45.74 ? 128  GLU A CD  1 
ATOM   977  O  OE1 . GLU A 1 128 ? 15.159  10.335  -4.552  1.00 45.13 ? 128  GLU A OE1 1 
ATOM   978  O  OE2 . GLU A 1 128 ? 15.552  8.926   -2.912  1.00 49.34 ? 128  GLU A OE2 1 
ATOM   979  N  N   . ALA A 1 129 ? 9.464   10.743  -5.090  1.00 22.66 ? 129  ALA A N   1 
ATOM   980  C  CA  . ALA A 1 129 ? 8.716   11.719  -5.871  1.00 25.93 ? 129  ALA A CA  1 
ATOM   981  C  C   . ALA A 1 129 ? 9.096   13.098  -5.352  1.00 27.63 ? 129  ALA A C   1 
ATOM   982  O  O   . ALA A 1 129 ? 9.841   13.184  -4.380  1.00 30.55 ? 129  ALA A O   1 
ATOM   983  C  CB  . ALA A 1 129 ? 7.232   11.472  -5.748  1.00 20.33 ? 129  ALA A CB  1 
ATOM   984  N  N   . THR A 1 130 ? 8.602   14.161  -5.992  1.00 31.30 ? 130  THR A N   1 
ATOM   985  C  CA  . THR A 1 130 ? 8.900   15.510  -5.531  1.00 34.49 ? 130  THR A CA  1 
ATOM   986  C  C   . THR A 1 130 ? 8.066   15.820  -4.293  1.00 36.50 ? 130  THR A C   1 
ATOM   987  O  O   . THR A 1 130 ? 7.046   15.181  -4.019  1.00 35.88 ? 130  THR A O   1 
ATOM   988  C  CB  . THR A 1 130 ? 8.784   16.576  -6.636  1.00 38.62 ? 130  THR A CB  1 
ATOM   989  O  OG1 . THR A 1 130 ? 7.667   16.293  -7.480  1.00 41.58 ? 130  THR A OG1 1 
ATOM   990  C  CG2 . THR A 1 130 ? 10.043  16.701  -7.465  1.00 41.11 ? 130  THR A CG2 1 
ATOM   991  N  N   . GLY A 1 131 ? 8.509   16.834  -3.552  1.00 38.13 ? 131  GLY A N   1 
ATOM   992  C  CA  . GLY A 1 131 ? 7.995   17.070  -2.217  1.00 37.75 ? 131  GLY A CA  1 
ATOM   993  C  C   . GLY A 1 131 ? 8.909   16.360  -1.234  1.00 38.45 ? 131  GLY A C   1 
ATOM   994  O  O   . GLY A 1 131 ? 9.589   15.408  -1.610  1.00 42.01 ? 131  GLY A O   1 
ATOM   995  N  N   . ALA A 1 132 ? 8.947   16.860  0.001   1.00 41.50 ? 132  ALA A N   1 
ATOM   996  C  CA  . ALA A 1 132 ? 9.769   16.275  1.044   1.00 41.30 ? 132  ALA A CA  1 
ATOM   997  C  C   . ALA A 1 132 ? 9.140   14.957  1.504   1.00 40.02 ? 132  ALA A C   1 
ATOM   998  O  O   . ALA A 1 132 ? 7.928   14.877  1.712   1.00 37.12 ? 132  ALA A O   1 
ATOM   999  C  CB  . ALA A 1 132 ? 9.916   17.266  2.175   1.00 47.34 ? 132  ALA A CB  1 
ATOM   1000 N  N   . HIS A 1 133 ? 9.984   13.921  1.607   1.00 37.46 ? 133  HIS A N   1 
ATOM   1001 C  CA  . HIS A 1 133 ? 9.605   12.607  2.105   1.00 36.42 ? 133  HIS A CA  1 
ATOM   1002 C  C   . HIS A 1 133 ? 8.304   12.145  1.449   1.00 33.04 ? 133  HIS A C   1 
ATOM   1003 O  O   . HIS A 1 133 ? 7.461   11.542  2.110   1.00 34.60 ? 133  HIS A O   1 
ATOM   1004 C  CB  . HIS A 1 133 ? 9.479   12.614  3.638   1.00 40.66 ? 133  HIS A CB  1 
ATOM   1005 C  CG  . HIS A 1 133 ? 10.418  13.522  4.364   1.00 47.94 ? 133  HIS A CG  1 
ATOM   1006 N  ND1 . HIS A 1 133 ? 11.798  13.473  4.182   1.00 50.27 ? 133  HIS A ND1 1 
ATOM   1007 C  CD2 . HIS A 1 133 ? 10.188  14.476  5.297   1.00 49.16 ? 133  HIS A CD2 1 
ATOM   1008 C  CE1 . HIS A 1 133 ? 12.374  14.376  4.956   1.00 50.36 ? 133  HIS A CE1 1 
ATOM   1009 N  NE2 . HIS A 1 133 ? 11.405  14.999  5.659   1.00 50.07 ? 133  HIS A NE2 1 
ATOM   1010 N  N   . THR A 1 134 ? 8.134   12.465  0.162   1.00 26.69 ? 134  THR A N   1 
ATOM   1011 C  CA  . THR A 1 134 ? 6.997   12.009  -0.621  1.00 22.15 ? 134  THR A CA  1 
ATOM   1012 C  C   . THR A 1 134 ? 7.458   10.918  -1.585  1.00 20.93 ? 134  THR A C   1 
ATOM   1013 O  O   . THR A 1 134 ? 8.524   11.025  -2.183  1.00 19.91 ? 134  THR A O   1 
ATOM   1014 C  CB  . THR A 1 134 ? 6.356   13.178  -1.370  1.00 20.77 ? 134  THR A CB  1 
ATOM   1015 O  OG1 . THR A 1 134 ? 5.923   14.141  -0.408  1.00 20.97 ? 134  THR A OG1 1 
ATOM   1016 C  CG2 . THR A 1 134 ? 5.216   12.765  -2.273  1.00 20.05 ? 134  THR A CG2 1 
ATOM   1017 N  N   . TYR A 1 135 ? 6.650   9.870   -1.745  1.00 18.71 ? 135  TYR A N   1 
ATOM   1018 C  CA  . TYR A 1 135 ? 7.078   8.698   -2.493  1.00 19.61 ? 135  TYR A CA  1 
ATOM   1019 C  C   . TYR A 1 135 ? 5.933   8.198   -3.376  1.00 20.14 ? 135  TYR A C   1 
ATOM   1020 O  O   . TYR A 1 135 ? 4.789   8.614   -3.203  1.00 20.12 ? 135  TYR A O   1 
ATOM   1021 C  CB  . TYR A 1 135 ? 7.575   7.602   -1.540  1.00 18.46 ? 135  TYR A CB  1 
ATOM   1022 C  CG  . TYR A 1 135 ? 8.824   7.959   -0.767  1.00 19.23 ? 135  TYR A CG  1 
ATOM   1023 C  CD1 . TYR A 1 135 ? 10.088  7.673   -1.269  1.00 20.70 ? 135  TYR A CD1 1 
ATOM   1024 C  CD2 . TYR A 1 135 ? 8.747   8.578   0.468   1.00 18.20 ? 135  TYR A CD2 1 
ATOM   1025 C  CE1 . TYR A 1 135 ? 11.240  8.012   -0.577  1.00 20.36 ? 135  TYR A CE1 1 
ATOM   1026 C  CE2 . TYR A 1 135 ? 9.884   8.922   1.175   1.00 20.13 ? 135  TYR A CE2 1 
ATOM   1027 C  CZ  . TYR A 1 135 ? 11.136  8.649   0.647   1.00 20.58 ? 135  TYR A CZ  1 
ATOM   1028 O  OH  . TYR A 1 135 ? 12.256  8.990   1.345   1.00 21.06 ? 135  TYR A OH  1 
ATOM   1029 N  N   . LYS A 1 136 ? 6.255   7.329   -4.343  1.00 17.79 ? 136  LYS A N   1 
ATOM   1030 C  CA  . LYS A 1 136 ? 5.218   6.585   -5.034  1.00 18.88 ? 136  LYS A CA  1 
ATOM   1031 C  C   . LYS A 1 136 ? 5.525   5.098   -4.898  1.00 18.12 ? 136  LYS A C   1 
ATOM   1032 O  O   . LYS A 1 136 ? 6.647   4.729   -4.562  1.00 18.99 ? 136  LYS A O   1 
ATOM   1033 C  CB  . LYS A 1 136 ? 5.027   7.041   -6.484  1.00 19.56 ? 136  LYS A CB  1 
ATOM   1034 C  CG  . LYS A 1 136 ? 6.251   6.911   -7.376  1.00 24.86 ? 136  LYS A CG  1 
ATOM   1035 C  CD  . LYS A 1 136 ? 5.976   7.256   -8.818  1.00 28.10 ? 136  LYS A CD  1 
ATOM   1036 C  CE  . LYS A 1 136 ? 7.140   7.042   -9.772  1.00 29.85 ? 136  LYS A CE  1 
ATOM   1037 N  NZ  . LYS A 1 136 ? 6.662   7.115   -11.179 1.00 31.58 ? 136  LYS A NZ  1 
ATOM   1038 N  N   . LEU A 1 137 ? 4.500   4.273   -5.128  1.00 16.01 ? 137  LEU A N   1 
ATOM   1039 C  CA  . LEU A 1 137 ? 4.605   2.826   -5.061  1.00 16.19 ? 137  LEU A CA  1 
ATOM   1040 C  C   . LEU A 1 137 ? 4.382   2.251   -6.461  1.00 16.96 ? 137  LEU A C   1 
ATOM   1041 O  O   . LEU A 1 137 ? 3.531   2.750   -7.211  1.00 17.02 ? 137  LEU A O   1 
ATOM   1042 C  CB  . LEU A 1 137 ? 3.553   2.301   -4.077  1.00 14.35 ? 137  LEU A CB  1 
ATOM   1043 C  CG  . LEU A 1 137 ? 3.675   2.771   -2.629  1.00 13.85 ? 137  LEU A CG  1 
ATOM   1044 C  CD1 . LEU A 1 137 ? 2.530   2.196   -1.810  1.00 15.31 ? 137  LEU A CD1 1 
ATOM   1045 C  CD2 . LEU A 1 137 ? 5.011   2.370   -2.014  1.00 13.40 ? 137  LEU A CD2 1 
ATOM   1046 N  N   . THR A 1 138 ? 5.187   1.238   -6.816  1.00 16.04 ? 138  THR A N   1 
ATOM   1047 C  CA  . THR A 1 138 ? 5.102   0.625   -8.138  1.00 16.31 ? 138  THR A CA  1 
ATOM   1048 C  C   . THR A 1 138 ? 5.095   -0.890  -7.988  1.00 17.44 ? 138  THR A C   1 
ATOM   1049 O  O   . THR A 1 138 ? 5.633   -1.439  -7.020  1.00 16.78 ? 138  THR A O   1 
ATOM   1050 C  CB  . THR A 1 138 ? 6.253   1.021   -9.077  1.00 15.78 ? 138  THR A CB  1 
ATOM   1051 O  OG1 . THR A 1 138 ? 7.463   0.482   -8.536  1.00 15.92 ? 138  THR A OG1 1 
ATOM   1052 C  CG2 . THR A 1 138 ? 6.378   2.512   -9.304  1.00 14.83 ? 138  THR A CG2 1 
ATOM   1053 N  N   . THR A 1 139 ? 4.467   -1.532  -8.973  1.00 17.38 ? 139  THR A N   1 
ATOM   1054 C  CA  . THR A 1 139 ? 4.393   -2.975  -9.070  1.00 18.70 ? 139  THR A CA  1 
ATOM   1055 C  C   . THR A 1 139 ? 4.640   -3.310  -10.528 1.00 20.48 ? 139  THR A C   1 
ATOM   1056 O  O   . THR A 1 139 ? 4.612   -2.417  -11.393 1.00 20.15 ? 139  THR A O   1 
ATOM   1057 C  CB  . THR A 1 139 ? 3.000   -3.519  -8.695  1.00 18.56 ? 139  THR A CB  1 
ATOM   1058 O  OG1 . THR A 1 139 ? 2.132   -3.298  -9.808  1.00 19.68 ? 139  THR A OG1 1 
ATOM   1059 C  CG2 . THR A 1 139 ? 2.410   -2.853  -7.477  1.00 16.47 ? 139  THR A CG2 1 
ATOM   1060 N  N   . SER A 1 140 ? 4.815   -4.610  -10.780 1.00 20.69 ? 140  SER A N   1 
ATOM   1061 C  CA  . SER A 1 140 ? 5.045   -5.096  -12.126 1.00 21.54 ? 140  SER A CA  1 
ATOM   1062 C  C   . SER A 1 140 ? 3.754   -5.045  -12.950 1.00 21.47 ? 140  SER A C   1 
ATOM   1063 O  O   . SER A 1 140 ? 3.780   -5.408  -14.119 1.00 23.01 ? 140  SER A O   1 
ATOM   1064 C  CB  . SER A 1 140 ? 5.666   -6.476  -12.093 1.00 21.76 ? 140  SER A CB  1 
ATOM   1065 O  OG  . SER A 1 140 ? 4.682   -7.445  -11.784 1.00 21.53 ? 140  SER A OG  1 
ATOM   1066 N  N   . SER A 1 141 ? 2.639   -4.575  -12.363 1.00 21.20 ? 141  SER A N   1 
ATOM   1067 C  CA  . SER A 1 141 ? 1.418   -4.350  -13.136 1.00 23.53 ? 141  SER A CA  1 
ATOM   1068 C  C   . SER A 1 141 ? 1.166   -2.867  -13.421 1.00 23.16 ? 141  SER A C   1 
ATOM   1069 O  O   . SER A 1 141 ? 0.126   -2.523  -13.974 1.00 23.59 ? 141  SER A O   1 
ATOM   1070 C  CB  . SER A 1 141 ? 0.225   -4.951  -12.477 1.00 21.37 ? 141  SER A CB  1 
ATOM   1071 O  OG  . SER A 1 141 ? 0.327   -6.352  -12.511 1.00 26.63 ? 141  SER A OG  1 
ATOM   1072 N  N   . GLY A 1 142 ? 2.112   -2.003  -13.042 1.00 21.20 ? 142  GLY A N   1 
ATOM   1073 C  CA  . GLY A 1 142 ? 1.946   -0.566  -13.195 1.00 18.74 ? 142  GLY A CA  1 
ATOM   1074 C  C   . GLY A 1 142 ? 2.158   0.163   -11.870 1.00 18.95 ? 142  GLY A C   1 
ATOM   1075 O  O   . GLY A 1 142 ? 2.263   -0.480  -10.815 1.00 20.35 ? 142  GLY A O   1 
ATOM   1076 N  N   . THR A 1 143 ? 2.186   1.502   -11.945 1.00 16.24 ? 143  THR A N   1 
ATOM   1077 C  CA  . THR A 1 143 ? 2.245   2.382   -10.786 1.00 15.70 ? 143  THR A CA  1 
ATOM   1078 C  C   . THR A 1 143 ? 0.961   2.251   -9.958  1.00 15.87 ? 143  THR A C   1 
ATOM   1079 O  O   . THR A 1 143 ? -0.121  1.976   -10.483 1.00 15.43 ? 143  THR A O   1 
ATOM   1080 C  CB  . THR A 1 143 ? 2.590   3.816   -11.234 1.00 16.04 ? 143  THR A CB  1 
ATOM   1081 O  OG1 . THR A 1 143 ? 3.924   3.743   -11.733 1.00 17.40 ? 143  THR A OG1 1 
ATOM   1082 C  CG2 . THR A 1 143 ? 2.541   4.852   -10.135 1.00 14.54 ? 143  THR A CG2 1 
ATOM   1083 N  N   . VAL A 1 144 ? 1.099   2.448   -8.641  1.00 15.15 ? 144  VAL A N   1 
ATOM   1084 C  CA  . VAL A 1 144 ? -0.045  2.446   -7.747  1.00 15.37 ? 144  VAL A CA  1 
ATOM   1085 C  C   . VAL A 1 144 ? -0.773  3.784   -7.880  1.00 16.20 ? 144  VAL A C   1 
ATOM   1086 O  O   . VAL A 1 144 ? -0.199  4.842   -7.623  1.00 15.89 ? 144  VAL A O   1 
ATOM   1087 C  CB  . VAL A 1 144 ? 0.352   2.140   -6.282  1.00 14.48 ? 144  VAL A CB  1 
ATOM   1088 C  CG1 . VAL A 1 144 ? -0.776  2.488   -5.318  1.00 12.75 ? 144  VAL A CG1 1 
ATOM   1089 C  CG2 . VAL A 1 144 ? 0.752   0.679   -6.118  1.00 13.10 ? 144  VAL A CG2 1 
ATOM   1090 N  N   . GLY A 1 145 ? -2.052  3.722   -8.275  1.00 16.17 ? 145  GLY A N   1 
ATOM   1091 C  CA  . GLY A 1 145 ? -2.867  4.913   -8.402  1.00 15.68 ? 145  GLY A CA  1 
ATOM   1092 C  C   . GLY A 1 145 ? -4.200  4.730   -7.695  1.00 16.41 ? 145  GLY A C   1 
ATOM   1093 O  O   . GLY A 1 145 ? -4.426  3.708   -7.071  1.00 19.18 ? 145  GLY A O   1 
ATOM   1094 N  N   . THR A 1 146 ? -5.073  5.733   -7.778  1.00 15.60 ? 146  THR A N   1 
ATOM   1095 C  CA  . THR A 1 146 ? -6.408  5.596   -7.221  1.00 14.67 ? 146  THR A CA  1 
ATOM   1096 C  C   . THR A 1 146 ? -7.410  6.028   -8.291  1.00 14.41 ? 146  THR A C   1 
ATOM   1097 O  O   . THR A 1 146 ? -7.074  6.835   -9.149  1.00 13.35 ? 146  THR A O   1 
ATOM   1098 C  CB  . THR A 1 146 ? -6.582  6.413   -5.929  1.00 14.85 ? 146  THR A CB  1 
ATOM   1099 O  OG1 . THR A 1 146 ? -6.644  7.801   -6.272  1.00 15.66 ? 146  THR A OG1 1 
ATOM   1100 C  CG2 . THR A 1 146 ? -5.501  6.177   -4.897  1.00 12.09 ? 146  THR A CG2 1 
ATOM   1101 N  N   . ILE A 1 147 ? -8.597  5.414   -8.261  1.00 14.20 ? 147  ILE A N   1 
ATOM   1102 C  CA  . ILE A 1 147 ? -9.803  5.913   -8.904  1.00 14.97 ? 147  ILE A CA  1 
ATOM   1103 C  C   . ILE A 1 147 ? -10.844 6.145   -7.808  1.00 15.55 ? 147  ILE A C   1 
ATOM   1104 O  O   . ILE A 1 147 ? -10.735 5.542   -6.743  1.00 13.29 ? 147  ILE A O   1 
ATOM   1105 C  CB  . ILE A 1 147 ? -10.316 4.902   -9.949  1.00 15.51 ? 147  ILE A CB  1 
ATOM   1106 C  CG1 . ILE A 1 147 ? -10.461 3.480   -9.386  1.00 15.23 ? 147  ILE A CG1 1 
ATOM   1107 C  CG2 . ILE A 1 147 ? -9.425  4.928   -11.179 1.00 15.85 ? 147  ILE A CG2 1 
ATOM   1108 C  CD1 . ILE A 1 147 ? -11.342 2.565   -10.230 1.00 13.14 ? 147  ILE A CD1 1 
ATOM   1109 N  N   . PRO A 1 148 ? -11.840 7.055   -7.992  1.00 16.42 ? 148  PRO A N   1 
ATOM   1110 C  CA  . PRO A 1 148 ? -12.979 7.143   -7.067  1.00 15.74 ? 148  PRO A CA  1 
ATOM   1111 C  C   . PRO A 1 148 ? -13.606 5.764   -6.933  1.00 13.97 ? 148  PRO A C   1 
ATOM   1112 O  O   . PRO A 1 148 ? -13.963 5.158   -7.942  1.00 14.10 ? 148  PRO A O   1 
ATOM   1113 C  CB  . PRO A 1 148 ? -13.960 8.104   -7.781  1.00 14.18 ? 148  PRO A CB  1 
ATOM   1114 C  CG  . PRO A 1 148 ? -13.038 9.012   -8.587  1.00 14.61 ? 148  PRO A CG  1 
ATOM   1115 C  CD  . PRO A 1 148 ? -11.872 8.123   -9.012  1.00 15.16 ? 148  PRO A CD  1 
ATOM   1116 N  N   . GLY A 1 149 ? -13.716 5.276   -5.695  1.00 11.69 ? 149  GLY A N   1 
ATOM   1117 C  CA  . GLY A 1 149 ? -14.205 3.918   -5.493  1.00 11.92 ? 149  GLY A CA  1 
ATOM   1118 C  C   . GLY A 1 149 ? -15.632 3.901   -4.936  1.00 14.01 ? 149  GLY A C   1 
ATOM   1119 O  O   . GLY A 1 149 ? -16.342 4.916   -4.962  1.00 14.59 ? 149  GLY A O   1 
ATOM   1120 N  N   . PRO A 1 150 ? -16.089 2.754   -4.381  1.00 13.09 ? 150  PRO A N   1 
ATOM   1121 C  CA  . PRO A 1 150 ? -17.470 2.615   -3.925  1.00 13.17 ? 150  PRO A CA  1 
ATOM   1122 C  C   . PRO A 1 150 ? -17.829 3.235   -2.569  1.00 13.56 ? 150  PRO A C   1 
ATOM   1123 O  O   . PRO A 1 150 ? -18.991 3.235   -2.189  1.00 15.60 ? 150  PRO A O   1 
ATOM   1124 C  CB  . PRO A 1 150 ? -17.645 1.086   -3.967  1.00 13.15 ? 150  PRO A CB  1 
ATOM   1125 C  CG  . PRO A 1 150 ? -16.283 0.587   -3.541  1.00 13.32 ? 150  PRO A CG  1 
ATOM   1126 C  CD  . PRO A 1 150 ? -15.316 1.506   -4.252  1.00 12.40 ? 150  PRO A CD  1 
ATOM   1127 N  N   . TRP A 1 151 ? -16.864 3.813   -1.861  1.00 12.96 ? 151  TRP A N   1 
ATOM   1128 C  CA  . TRP A 1 151 ? -17.174 4.414   -0.578  1.00 13.77 ? 151  TRP A CA  1 
ATOM   1129 C  C   . TRP A 1 151 ? -17.177 5.932   -0.714  1.00 15.36 ? 151  TRP A C   1 
ATOM   1130 O  O   . TRP A 1 151 ? -16.203 6.589   -0.335  1.00 14.70 ? 151  TRP A O   1 
ATOM   1131 C  CB  . TRP A 1 151 ? -16.185 3.938   0.496   1.00 14.73 ? 151  TRP A CB  1 
ATOM   1132 C  CG  . TRP A 1 151 ? -16.294 2.476   0.801   1.00 16.14 ? 151  TRP A CG  1 
ATOM   1133 C  CD1 . TRP A 1 151 ? -15.520 1.469   0.292   1.00 15.91 ? 151  TRP A CD1 1 
ATOM   1134 C  CD2 . TRP A 1 151 ? -17.239 1.847   1.689   1.00 16.20 ? 151  TRP A CD2 1 
ATOM   1135 N  NE1 . TRP A 1 151 ? -15.922 0.264   0.802   1.00 16.74 ? 151  TRP A NE1 1 
ATOM   1136 C  CE2 . TRP A 1 151 ? -16.975 0.464   1.658   1.00 15.31 ? 151  TRP A CE2 1 
ATOM   1137 C  CE3 . TRP A 1 151 ? -18.278 2.316   2.498   1.00 16.13 ? 151  TRP A CE3 1 
ATOM   1138 C  CZ2 . TRP A 1 151 ? -17.720 -0.455  2.393   1.00 15.34 ? 151  TRP A CZ2 1 
ATOM   1139 C  CZ3 . TRP A 1 151 ? -18.998 1.403   3.235   1.00 15.90 ? 151  TRP A CZ3 1 
ATOM   1140 C  CH2 . TRP A 1 151 ? -18.728 0.042   3.177   1.00 15.01 ? 151  TRP A CH2 1 
ATOM   1141 N  N   . LEU A 1 152 ? -18.279 6.470   -1.265  1.00 17.16 ? 152  LEU A N   1 
ATOM   1142 C  CA  . LEU A 1 152 ? -18.482 7.893   -1.496  1.00 16.88 ? 152  LEU A CA  1 
ATOM   1143 C  C   . LEU A 1 152 ? -17.362 8.427   -2.378  1.00 17.73 ? 152  LEU A C   1 
ATOM   1144 O  O   . LEU A 1 152 ? -16.888 9.543   -2.188  1.00 19.44 ? 152  LEU A O   1 
ATOM   1145 C  CB  . LEU A 1 152 ? -18.497 8.629   -0.152  1.00 19.98 ? 152  LEU A CB  1 
ATOM   1146 C  CG  . LEU A 1 152 ? -19.548 8.160   0.862   1.00 21.95 ? 152  LEU A CG  1 
ATOM   1147 C  CD1 . LEU A 1 152 ? -19.115 8.569   2.270   1.00 22.82 ? 152  LEU A CD1 1 
ATOM   1148 C  CD2 . LEU A 1 152 ? -20.942 8.720   0.523   1.00 17.82 ? 152  LEU A CD2 1 
ATOM   1149 N  N   . GLY A 1 153 ? -16.916 7.588   -3.311  1.00 17.99 ? 153  GLY A N   1 
ATOM   1150 C  CA  . GLY A 1 153 ? -15.841 7.922   -4.224  1.00 15.74 ? 153  GLY A CA  1 
ATOM   1151 C  C   . GLY A 1 153 ? -14.483 8.077   -3.541  1.00 14.52 ? 153  GLY A C   1 
ATOM   1152 O  O   . GLY A 1 153 ? -13.592 8.690   -4.112  1.00 16.88 ? 153  GLY A O   1 
ATOM   1153 N  N   . ALA A 1 154 ? -14.319 7.548   -2.325  1.00 14.24 ? 154  ALA A N   1 
ATOM   1154 C  CA  . ALA A 1 154 ? -13.022 7.593   -1.649  1.00 14.39 ? 154  ALA A CA  1 
ATOM   1155 C  C   . ALA A 1 154 ? -11.950 6.929   -2.515  1.00 15.86 ? 154  ALA A C   1 
ATOM   1156 O  O   . ALA A 1 154 ? -12.171 5.860   -3.093  1.00 17.02 ? 154  ALA A O   1 
ATOM   1157 C  CB  . ALA A 1 154 ? -13.122 6.913   -0.307  1.00 13.61 ? 154  ALA A CB  1 
ATOM   1158 N  N   . PRO A 1 155 ? -10.743 7.526   -2.653  1.00 16.74 ? 155  PRO A N   1 
ATOM   1159 C  CA  . PRO A 1 155 ? -9.693  6.926   -3.481  1.00 14.53 ? 155  PRO A CA  1 
ATOM   1160 C  C   . PRO A 1 155 ? -9.525  5.426   -3.234  1.00 16.14 ? 155  PRO A C   1 
ATOM   1161 O  O   . PRO A 1 155 ? -9.316  4.997   -2.101  1.00 14.95 ? 155  PRO A O   1 
ATOM   1162 C  CB  . PRO A 1 155 ? -8.453  7.684   -2.999  1.00 12.99 ? 155  PRO A CB  1 
ATOM   1163 C  CG  . PRO A 1 155 ? -8.980  9.061   -2.690  1.00 14.48 ? 155  PRO A CG  1 
ATOM   1164 C  CD  . PRO A 1 155 ? -10.335 8.808   -2.046  1.00 14.50 ? 155  PRO A CD  1 
ATOM   1165 N  N   . GLN A 1 156 ? -9.572  4.640   -4.324  1.00 17.59 ? 156  GLN A N   1 
ATOM   1166 C  CA  . GLN A 1 156 ? -9.454  3.189   -4.280  1.00 15.79 ? 156  GLN A CA  1 
ATOM   1167 C  C   . GLN A 1 156 ? -8.198  2.779   -5.053  1.00 14.81 ? 156  GLN A C   1 
ATOM   1168 O  O   . GLN A 1 156 ? -8.078  3.107   -6.229  1.00 15.40 ? 156  GLN A O   1 
ATOM   1169 C  CB  . GLN A 1 156 ? -10.716 2.603   -4.913  1.00 18.12 ? 156  GLN A CB  1 
ATOM   1170 C  CG  . GLN A 1 156 ? -10.862 1.100   -4.771  1.00 21.54 ? 156  GLN A CG  1 
ATOM   1171 C  CD  . GLN A 1 156 ? -11.121 0.757   -3.324  1.00 28.49 ? 156  GLN A CD  1 
ATOM   1172 O  OE1 . GLN A 1 156 ? -11.979 1.367   -2.667  1.00 26.95 ? 156  GLN A OE1 1 
ATOM   1173 N  NE2 . GLN A 1 156 ? -10.365 -0.214  -2.810  1.00 28.92 ? 156  GLN A NE2 1 
ATOM   1174 N  N   . LEU A 1 157 ? -7.279  2.046   -4.401  1.00 13.19 ? 157  LEU A N   1 
ATOM   1175 C  CA  . LEU A 1 157 ? -5.966  1.745   -4.968  1.00 13.08 ? 157  LEU A CA  1 
ATOM   1176 C  C   . LEU A 1 157 ? -6.054  0.734   -6.126  1.00 12.67 ? 157  LEU A C   1 
ATOM   1177 O  O   . LEU A 1 157 ? -6.676  -0.329  -6.007  1.00 14.58 ? 157  LEU A O   1 
ATOM   1178 C  CB  . LEU A 1 157 ? -5.029  1.228   -3.869  1.00 11.01 ? 157  LEU A CB  1 
ATOM   1179 C  CG  . LEU A 1 157 ? -4.197  2.264   -3.120  1.00 10.78 ? 157  LEU A CG  1 
ATOM   1180 C  CD1 . LEU A 1 157 ? -5.039  3.132   -2.201  1.00 9.92  ? 157  LEU A CD1 1 
ATOM   1181 C  CD2 . LEU A 1 157 ? -3.103  1.576   -2.314  1.00 8.71  ? 157  LEU A CD2 1 
ATOM   1182 N  N   . ILE A 1 158 ? -5.381  1.069   -7.230  1.00 11.06 ? 158  ILE A N   1 
ATOM   1183 C  CA  . ILE A 1 158 ? -5.280  0.272   -8.448  1.00 11.92 ? 158  ILE A CA  1 
ATOM   1184 C  C   . ILE A 1 158 ? -3.823  0.332   -8.916  1.00 13.04 ? 158  ILE A C   1 
ATOM   1185 O  O   . ILE A 1 158 ? -3.025  1.117   -8.390  1.00 13.69 ? 158  ILE A O   1 
ATOM   1186 C  CB  . ILE A 1 158 ? -6.233  0.790   -9.550  1.00 11.76 ? 158  ILE A CB  1 
ATOM   1187 C  CG1 . ILE A 1 158 ? -5.904  2.242   -9.923  1.00 12.10 ? 158  ILE A CG1 1 
ATOM   1188 C  CG2 . ILE A 1 158 ? -7.707  0.640   -9.151  1.00 11.09 ? 158  ILE A CG2 1 
ATOM   1189 C  CD1 . ILE A 1 158 ? -6.562  2.730   -11.196 1.00 11.03 ? 158  ILE A CD1 1 
ATOM   1190 N  N   . ALA A 1 159 ? -3.468  -0.540  -9.870  1.00 13.50 ? 159  ALA A N   1 
ATOM   1191 C  CA  . ALA A 1 159 ? -2.211  -0.465  -10.608 1.00 12.94 ? 159  ALA A CA  1 
ATOM   1192 C  C   . ALA A 1 159 ? -2.529  0.069   -12.002 1.00 14.01 ? 159  ALA A C   1 
ATOM   1193 O  O   . ALA A 1 159 ? -3.492  -0.371  -12.628 1.00 12.78 ? 159  ALA A O   1 
ATOM   1194 C  CB  . ALA A 1 159 ? -1.572  -1.835  -10.671 1.00 12.82 ? 159  ALA A CB  1 
ATOM   1195 N  N   . THR A 1 160 ? -1.750  1.055   -12.462 1.00 16.51 ? 160  THR A N   1 
ATOM   1196 C  CA  . THR A 1 160 ? -2.159  1.879   -13.592 1.00 16.90 ? 160  THR A CA  1 
ATOM   1197 C  C   . THR A 1 160 ? -0.930  2.408   -14.330 1.00 18.66 ? 160  THR A C   1 
ATOM   1198 O  O   . THR A 1 160 ? 0.119   2.648   -13.730 1.00 17.24 ? 160  THR A O   1 
ATOM   1199 C  CB  . THR A 1 160 ? -3.075  3.030   -13.147 1.00 17.19 ? 160  THR A CB  1 
ATOM   1200 O  OG1 . THR A 1 160 ? -3.448  3.823   -14.275 1.00 17.05 ? 160  THR A OG1 1 
ATOM   1201 C  CG2 . THR A 1 160 ? -2.442  3.963   -12.141 1.00 16.36 ? 160  THR A CG2 1 
ATOM   1202 N  N   . ASN A 1 161 ? -1.088  2.593   -15.645 1.00 19.68 ? 161  ASN A N   1 
ATOM   1203 C  CA  . ASN A 1 161 ? -0.033  3.161   -16.464 1.00 21.24 ? 161  ASN A CA  1 
ATOM   1204 C  C   . ASN A 1 161 ? -0.307  4.645   -16.698 1.00 20.52 ? 161  ASN A C   1 
ATOM   1205 O  O   . ASN A 1 161 ? 0.503   5.307   -17.312 1.00 19.55 ? 161  ASN A O   1 
ATOM   1206 C  CB  . ASN A 1 161 ? 0.236   2.303   -17.702 1.00 24.22 ? 161  ASN A CB  1 
ATOM   1207 C  CG  . ASN A 1 161 ? 0.971   1.036   -17.315 1.00 27.13 ? 161  ASN A CG  1 
ATOM   1208 O  OD1 . ASN A 1 161 ? 1.940   1.078   -16.560 1.00 32.93 ? 161  ASN A OD1 1 
ATOM   1209 N  ND2 . ASN A 1 161 ? 0.509   -0.101  -17.799 1.00 27.94 ? 161  ASN A ND2 1 
ATOM   1210 N  N   . ASP A 1 162 ? -1.415  5.157   -16.149 1.00 19.84 ? 162  ASP A N   1 
ATOM   1211 C  CA  . ASP A 1 162 ? -1.820  6.548   -16.265 1.00 19.81 ? 162  ASP A CA  1 
ATOM   1212 C  C   . ASP A 1 162 ? -1.160  7.354   -15.148 1.00 19.19 ? 162  ASP A C   1 
ATOM   1213 O  O   . ASP A 1 162 ? -1.497  7.185   -13.983 1.00 19.90 ? 162  ASP A O   1 
ATOM   1214 C  CB  . ASP A 1 162 ? -3.355  6.668   -16.228 1.00 19.53 ? 162  ASP A CB  1 
ATOM   1215 C  CG  . ASP A 1 162 ? -3.891  8.095   -16.189 1.00 22.31 ? 162  ASP A CG  1 
ATOM   1216 O  OD1 . ASP A 1 162 ? -3.085  9.043   -16.156 1.00 22.38 ? 162  ASP A OD1 1 
ATOM   1217 O  OD2 . ASP A 1 162 ? -5.124  8.255   -16.182 1.00 25.16 ? 162  ASP A OD2 1 
ATOM   1218 N  N   . ASP A 1 163 ? -0.272  8.277   -15.524 1.00 19.56 ? 163  ASP A N   1 
ATOM   1219 C  CA  . ASP A 1 163 ? 0.498   9.076   -14.584 1.00 22.20 ? 163  ASP A CA  1 
ATOM   1220 C  C   . ASP A 1 163 ? -0.415  10.000  -13.781 1.00 19.27 ? 163  ASP A C   1 
ATOM   1221 O  O   . ASP A 1 163 ? -0.123  10.302  -12.640 1.00 19.16 ? 163  ASP A O   1 
ATOM   1222 C  CB  . ASP A 1 163 ? 1.611   9.868   -15.289 1.00 28.81 ? 163  ASP A CB  1 
ATOM   1223 C  CG  . ASP A 1 163 ? 2.940   9.131   -15.434 1.00 32.05 ? 163  ASP A CG  1 
ATOM   1224 O  OD1 . ASP A 1 163 ? 2.933   7.973   -15.896 1.00 35.07 ? 163  ASP A OD1 1 
ATOM   1225 O  OD2 . ASP A 1 163 ? 3.989   9.735   -15.106 1.00 38.80 ? 163  ASP A OD2 1 
ATOM   1226 N  N   . ALA A 1 164 ? -1.538  10.426  -14.353 1.00 18.57 ? 164  ALA A N   1 
ATOM   1227 C  CA  . ALA A 1 164 ? -2.467  11.303  -13.651 1.00 19.37 ? 164  ALA A CA  1 
ATOM   1228 C  C   . ALA A 1 164 ? -3.075  10.653  -12.394 1.00 18.32 ? 164  ALA A C   1 
ATOM   1229 O  O   . ALA A 1 164 ? -3.581  11.361  -11.528 1.00 19.94 ? 164  ALA A O   1 
ATOM   1230 C  CB  . ALA A 1 164 ? -3.552  11.782  -14.609 1.00 18.37 ? 164  ALA A CB  1 
ATOM   1231 N  N   . LYS A 1 165 ? -3.036  9.322   -12.275 1.00 16.12 ? 165  LYS A N   1 
ATOM   1232 C  CA  . LYS A 1 165 ? -3.735  8.651   -11.184 1.00 18.09 ? 165  LYS A CA  1 
ATOM   1233 C  C   . LYS A 1 165 ? -2.798  8.366   -10.015 1.00 17.36 ? 165  LYS A C   1 
ATOM   1234 O  O   . LYS A 1 165 ? -3.269  7.984   -8.952  1.00 17.05 ? 165  LYS A O   1 
ATOM   1235 C  CB  . LYS A 1 165 ? -4.408  7.360   -11.665 1.00 16.69 ? 165  LYS A CB  1 
ATOM   1236 C  CG  . LYS A 1 165 ? -5.544  7.597   -12.644 1.00 16.56 ? 165  LYS A CG  1 
ATOM   1237 C  CD  . LYS A 1 165 ? -6.247  6.338   -13.066 1.00 19.23 ? 165  LYS A CD  1 
ATOM   1238 C  CE  . LYS A 1 165 ? -7.468  6.621   -13.920 1.00 21.20 ? 165  LYS A CE  1 
ATOM   1239 N  NZ  . LYS A 1 165 ? -7.450  5.826   -15.166 1.00 21.89 ? 165  LYS A NZ  1 
ATOM   1240 N  N   . THR A 1 166 ? -1.488  8.587   -10.214 1.00 16.43 ? 166  THR A N   1 
ATOM   1241 C  CA  . THR A 1 166 ? -0.469  8.173   -9.263  1.00 16.17 ? 166  THR A CA  1 
ATOM   1242 C  C   . THR A 1 166 ? -0.811  8.649   -7.854  1.00 15.61 ? 166  THR A C   1 
ATOM   1243 O  O   . THR A 1 166 ? -1.109  9.822   -7.664  1.00 15.48 ? 166  THR A O   1 
ATOM   1244 C  CB  . THR A 1 166 ? 0.931   8.663   -9.672  1.00 15.26 ? 166  THR A CB  1 
ATOM   1245 O  OG1 . THR A 1 166 ? 1.251   7.880   -10.810 1.00 14.48 ? 166  THR A OG1 1 
ATOM   1246 C  CG2 . THR A 1 166 ? 1.986   8.421   -8.610  1.00 15.20 ? 166  THR A CG2 1 
ATOM   1247 N  N   . LEU A 1 167 ? -0.661  7.747   -6.874  1.00 15.11 ? 167  LEU A N   1 
ATOM   1248 C  CA  . LEU A 1 167 ? -0.843  8.075   -5.466  1.00 16.25 ? 167  LEU A CA  1 
ATOM   1249 C  C   . LEU A 1 167 ? 0.494   8.423   -4.801  1.00 18.03 ? 167  LEU A C   1 
ATOM   1250 O  O   . LEU A 1 167 ? 1.390   7.589   -4.653  1.00 19.81 ? 167  LEU A O   1 
ATOM   1251 C  CB  . LEU A 1 167 ? -1.533  6.903   -4.759  1.00 15.66 ? 167  LEU A CB  1 
ATOM   1252 C  CG  . LEU A 1 167 ? -1.884  7.161   -3.291  1.00 17.38 ? 167  LEU A CG  1 
ATOM   1253 C  CD1 . LEU A 1 167 ? -2.981  8.213   -3.157  1.00 16.27 ? 167  LEU A CD1 1 
ATOM   1254 C  CD2 . LEU A 1 167 ? -2.268  5.868   -2.575  1.00 17.53 ? 167  LEU A CD2 1 
ATOM   1255 N  N   . PHE A 1 168 ? 0.617   9.674   -4.371  1.00 16.89 ? 168  PHE A N   1 
ATOM   1256 C  CA  . PHE A 1 168 ? 1.810   10.114  -3.681  1.00 17.31 ? 168  PHE A CA  1 
ATOM   1257 C  C   . PHE A 1 168 ? 1.591   9.984   -2.173  1.00 17.84 ? 168  PHE A C   1 
ATOM   1258 O  O   . PHE A 1 168 ? 0.578   10.450  -1.631  1.00 19.02 ? 168  PHE A O   1 
ATOM   1259 C  CB  . PHE A 1 168 ? 2.104   11.551  -4.132  1.00 17.28 ? 168  PHE A CB  1 
ATOM   1260 C  CG  . PHE A 1 168 ? 2.429   11.668  -5.602  1.00 15.97 ? 168  PHE A CG  1 
ATOM   1261 C  CD1 . PHE A 1 168 ? 3.645   11.204  -6.093  1.00 14.99 ? 168  PHE A CD1 1 
ATOM   1262 C  CD2 . PHE A 1 168 ? 1.520   12.232  -6.488  1.00 15.16 ? 168  PHE A CD2 1 
ATOM   1263 C  CE1 . PHE A 1 168 ? 3.962   11.318  -7.436  1.00 15.74 ? 168  PHE A CE1 1 
ATOM   1264 C  CE2 . PHE A 1 168 ? 1.813   12.298  -7.845  1.00 16.03 ? 168  PHE A CE2 1 
ATOM   1265 C  CZ  . PHE A 1 168 ? 3.035   11.852  -8.312  1.00 16.22 ? 168  PHE A CZ  1 
ATOM   1266 N  N   . VAL A 1 169 ? 2.556   9.382   -1.479  1.00 15.64 ? 169  VAL A N   1 
ATOM   1267 C  CA  . VAL A 1 169 ? 2.335   9.052   -0.081  1.00 16.16 ? 169  VAL A CA  1 
ATOM   1268 C  C   . VAL A 1 169 ? 3.529   9.477   0.769   1.00 17.09 ? 169  VAL A C   1 
ATOM   1269 O  O   . VAL A 1 169 ? 4.626   9.661   0.265   1.00 16.04 ? 169  VAL A O   1 
ATOM   1270 C  CB  . VAL A 1 169 ? 2.055   7.545   0.086   1.00 15.00 ? 169  VAL A CB  1 
ATOM   1271 C  CG1 . VAL A 1 169 ? 0.910   7.068   -0.812  1.00 13.97 ? 169  VAL A CG1 1 
ATOM   1272 C  CG2 . VAL A 1 169 ? 3.309   6.715   -0.161  1.00 13.73 ? 169  VAL A CG2 1 
ATOM   1273 N  N   . LYS A 1 170 ? 3.297   9.591   2.083   1.00 18.88 ? 170  LYS A N   1 
ATOM   1274 C  CA  . LYS A 1 170 ? 4.348   9.663   3.077   1.00 18.22 ? 170  LYS A CA  1 
ATOM   1275 C  C   . LYS A 1 170 ? 4.137   8.488   4.031   1.00 20.97 ? 170  LYS A C   1 
ATOM   1276 O  O   . LYS A 1 170 ? 3.009   7.993   4.160   1.00 20.51 ? 170  LYS A O   1 
ATOM   1277 C  CB  . LYS A 1 170 ? 4.222   10.972  3.859   1.00 21.55 ? 170  LYS A CB  1 
ATOM   1278 C  CG  . LYS A 1 170 ? 4.114   12.251  3.034   1.00 23.59 ? 170  LYS A CG  1 
ATOM   1279 C  CD  . LYS A 1 170 ? 4.795   13.455  3.713   1.00 27.43 ? 170  LYS A CD  1 
ATOM   1280 C  CE  . LYS A 1 170 ? 4.066   14.774  3.512   1.00 30.60 ? 170  LYS A CE  1 
ATOM   1281 N  NZ  . LYS A 1 170 ? 5.020   15.908  3.496   1.00 31.03 ? 170  LYS A NZ  1 
ATOM   1282 N  N   . PHE A 1 171 ? 5.212   8.052   4.698   1.00 16.27 ? 171  PHE A N   1 
ATOM   1283 C  CA  . PHE A 1 171 ? 5.093   7.057   5.750   1.00 17.43 ? 171  PHE A CA  1 
ATOM   1284 C  C   . PHE A 1 171 ? 5.246   7.719   7.118   1.00 18.45 ? 171  PHE A C   1 
ATOM   1285 O  O   . PHE A 1 171 ? 6.319   8.230   7.432   1.00 15.84 ? 171  PHE A O   1 
ATOM   1286 C  CB  . PHE A 1 171 ? 6.127   5.944   5.543   1.00 15.95 ? 171  PHE A CB  1 
ATOM   1287 C  CG  . PHE A 1 171 ? 6.208   5.472   4.116   1.00 17.09 ? 171  PHE A CG  1 
ATOM   1288 C  CD1 . PHE A 1 171 ? 5.233   4.634   3.583   1.00 17.46 ? 171  PHE A CD1 1 
ATOM   1289 C  CD2 . PHE A 1 171 ? 7.232   5.912   3.280   1.00 15.78 ? 171  PHE A CD2 1 
ATOM   1290 C  CE1 . PHE A 1 171 ? 5.307   4.224   2.260   1.00 15.67 ? 171  PHE A CE1 1 
ATOM   1291 C  CE2 . PHE A 1 171 ? 7.308   5.490   1.967   1.00 13.12 ? 171  PHE A CE2 1 
ATOM   1292 C  CZ  . PHE A 1 171 ? 6.351   4.641   1.465   1.00 13.86 ? 171  PHE A CZ  1 
ATOM   1293 N  N   . VAL A 1 172 ? 4.160   7.679   7.915   1.00 21.69 ? 172  VAL A N   1 
ATOM   1294 C  CA  . VAL A 1 172 ? 4.103   8.240   9.259   1.00 22.37 ? 172  VAL A CA  1 
ATOM   1295 C  C   . VAL A 1 172 ? 4.367   7.138   10.280  1.00 25.09 ? 172  VAL A C   1 
ATOM   1296 O  O   . VAL A 1 172 ? 3.577   6.197   10.396  1.00 28.55 ? 172  VAL A O   1 
ATOM   1297 C  CB  . VAL A 1 172 ? 2.749   8.922   9.543   1.00 23.06 ? 172  VAL A CB  1 
ATOM   1298 C  CG1 . VAL A 1 172 ? 2.780   9.628   10.896  1.00 18.82 ? 172  VAL A CG1 1 
ATOM   1299 C  CG2 . VAL A 1 172 ? 2.359   9.893   8.429   1.00 22.07 ? 172  VAL A CG2 1 
ATOM   1300 N  N   . LYS A 1 173 ? 5.465   7.279   11.033  1.00 24.28 ? 173  LYS A N   1 
ATOM   1301 C  CA  . LYS A 1 173 ? 5.872   6.271   12.003  1.00 27.66 ? 173  LYS A CA  1 
ATOM   1302 C  C   . LYS A 1 173 ? 4.824   6.165   13.102  1.00 26.66 ? 173  LYS A C   1 
ATOM   1303 O  O   . LYS A 1 173 ? 4.509   7.160   13.745  1.00 28.37 ? 173  LYS A O   1 
ATOM   1304 C  CB  . LYS A 1 173 ? 7.212   6.653   12.635  1.00 29.57 ? 173  LYS A CB  1 
ATOM   1305 C  CG  . LYS A 1 173 ? 7.709   5.735   13.741  1.00 32.23 ? 173  LYS A CG  1 
ATOM   1306 C  CD  . LYS A 1 173 ? 8.959   4.969   13.379  1.00 35.99 ? 173  LYS A CD  1 
ATOM   1307 C  CE  . LYS A 1 173 ? 9.658   4.406   14.600  1.00 40.90 ? 173  LYS A CE  1 
ATOM   1308 N  NZ  . LYS A 1 173 ? 10.415  3.179   14.264  1.00 43.76 ? 173  LYS A NZ  1 
ATOM   1309 N  N   . VAL A 1 174 ? 4.304   4.949   13.311  1.00 29.87 ? 174  VAL A N   1 
ATOM   1310 C  CA  . VAL A 1 174 ? 3.332   4.678   14.361  1.00 32.48 ? 174  VAL A CA  1 
ATOM   1311 C  C   . VAL A 1 174 ? 4.008   4.872   15.721  1.00 36.47 ? 174  VAL A C   1 
ATOM   1312 O  O   . VAL A 1 174 ? 5.017   4.232   16.024  1.00 33.86 ? 174  VAL A O   1 
ATOM   1313 C  CB  . VAL A 1 174 ? 2.708   3.277   14.194  1.00 31.25 ? 174  VAL A CB  1 
ATOM   1314 C  CG1 . VAL A 1 174 ? 1.880   2.848   15.405  1.00 28.23 ? 174  VAL A CG1 1 
ATOM   1315 C  CG2 . VAL A 1 174 ? 1.875   3.197   12.923  1.00 28.93 ? 174  VAL A CG2 1 
ATOM   1316 N  N   . ASP A 1 175 ? 3.452   5.790   16.521  1.00 46.11 ? 175  ASP A N   1 
ATOM   1317 C  CA  . ASP A 1 175 ? 4.092   6.262   17.744  1.00 64.20 ? 175  ASP A CA  1 
ATOM   1318 C  C   . ASP A 1 175 ? 3.310   5.750   18.966  1.00 66.46 ? 175  ASP A C   1 
ATOM   1319 O  O   . ASP A 1 175 ? 3.602   4.609   19.393  1.00 58.43 ? 175  ASP A O   1 
ATOM   1320 C  CB  . ASP A 1 175 ? 4.266   7.790   17.714  1.00 73.84 ? 175  ASP A CB  1 
ATOM   1321 C  CG  . ASP A 1 175 ? 5.091   8.371   18.855  1.00 88.84 ? 175  ASP A CG  1 
ATOM   1322 O  OD1 . ASP A 1 175 ? 6.305   8.067   18.917  1.00 90.28 ? 175  ASP A OD1 1 
ATOM   1323 O  OD2 . ASP A 1 175 ? 4.517   9.146   19.660  1.00 90.07 ? 175  ASP A OD2 1 
HETATM 1324 MG MG  . CHL B 2 .   ? -12.070 -1.084  6.709   1.00 13.46 ? 1001 CHL A MG  1 
HETATM 1325 C  CHA . CHL B 2 .   ? -12.093 2.276   7.188   1.00 12.07 ? 1001 CHL A CHA 1 
HETATM 1326 C  CHB . CHL B 2 .   ? -14.992 -0.731  5.058   1.00 11.65 ? 1001 CHL A CHB 1 
HETATM 1327 C  CHC . CHL B 2 .   ? -12.430 -4.448  6.726   1.00 13.45 ? 1001 CHL A CHC 1 
HETATM 1328 C  CHD . CHL B 2 .   ? -9.574  -1.371  9.156   1.00 11.41 ? 1001 CHL A CHD 1 
HETATM 1329 N  NA  . CHL B 2 .   ? -13.185 0.451   6.022   1.00 12.03 ? 1001 CHL A NA  1 
HETATM 1330 C  C1A . CHL B 2 .   ? -12.987 1.676   6.189   1.00 12.51 ? 1001 CHL A C1A 1 
HETATM 1331 C  C2A . CHL B 2 .   ? -13.838 2.573   5.388   1.00 12.22 ? 1001 CHL A C2A 1 
HETATM 1332 C  C3A . CHL B 2 .   ? -14.868 1.623   4.883   1.00 12.05 ? 1001 CHL A C3A 1 
HETATM 1333 C  C4A . CHL B 2 .   ? -14.318 0.352   5.353   1.00 12.09 ? 1001 CHL A C4A 1 
HETATM 1334 C  CMA . CHL B 2 .   ? -16.201 1.889   5.534   1.00 11.47 ? 1001 CHL A CMA 1 
HETATM 1335 C  CAA . CHL B 2 .   ? -13.114 3.448   4.374   1.00 12.14 ? 1001 CHL A CAA 1 
HETATM 1336 C  CBA . CHL B 2 .   ? -13.998 4.239   3.443   1.00 12.80 ? 1001 CHL A CBA 1 
HETATM 1337 C  CGA . CHL B 2 .   ? -14.451 5.597   3.887   1.00 15.35 ? 1001 CHL A CGA 1 
HETATM 1338 O  O1A . CHL B 2 .   ? -13.773 6.525   3.734   1.00 13.48 ? 1001 CHL A O1A 1 
HETATM 1339 O  O2A . CHL B 2 .   ? -15.757 5.783   4.411   1.00 17.71 ? 1001 CHL A O2A 1 
HETATM 1340 N  NB  . CHL B 2 .   ? -13.487 -2.393  5.968   1.00 13.38 ? 1001 CHL A NB  1 
HETATM 1341 C  C1B . CHL B 2 .   ? -14.627 -2.112  5.356   1.00 12.99 ? 1001 CHL A C1B 1 
HETATM 1342 C  C2B . CHL B 2 .   ? -15.483 -3.234  4.995   1.00 12.46 ? 1001 CHL A C2B 1 
HETATM 1343 C  C3B . CHL B 2 .   ? -14.699 -4.320  5.504   1.00 12.01 ? 1001 CHL A C3B 1 
HETATM 1344 C  C4B . CHL B 2 .   ? -13.509 -3.700  6.072   1.00 13.53 ? 1001 CHL A C4B 1 
HETATM 1345 C  CMB . CHL B 2 .   ? -16.807 -3.244  4.310   1.00 12.43 ? 1001 CHL A CMB 1 
HETATM 1346 C  CAB . CHL B 2 .   ? -15.007 -5.758  5.450   1.00 12.12 ? 1001 CHL A CAB 1 
HETATM 1347 C  CBB . CHL B 2 .   ? -16.142 -6.249  5.777   1.00 9.88  ? 1001 CHL A CBB 1 
HETATM 1348 N  NC  . CHL B 2 .   ? -11.172 -2.645  7.744   1.00 12.95 ? 1001 CHL A NC  1 
HETATM 1349 C  C1C . CHL B 2 .   ? -11.433 -3.928  7.655   1.00 13.37 ? 1001 CHL A C1C 1 
HETATM 1350 C  C2C . CHL B 2 .   ? -10.612 -4.769  8.519   1.00 14.03 ? 1001 CHL A C2C 1 
HETATM 1351 C  C3C . CHL B 2 .   ? -9.770  -3.880  9.231   1.00 12.13 ? 1001 CHL A C3C 1 
HETATM 1352 C  C4C . CHL B 2 .   ? -10.217 -2.607  8.689   1.00 12.57 ? 1001 CHL A C4C 1 
HETATM 1353 C  CMC . CHL B 2 .   ? -10.587 -6.224  8.717   1.00 16.89 ? 1001 CHL A CMC 1 
HETATM 1354 O  OMC . CHL B 2 .   ? -11.259 -6.959  8.088   1.00 21.62 ? 1001 CHL A OMC 1 
HETATM 1355 C  CAC . CHL B 2 .   ? -8.745  -4.206  10.273  1.00 12.00 ? 1001 CHL A CAC 1 
HETATM 1356 C  CBC . CHL B 2 .   ? -9.370  -4.276  11.616  1.00 11.74 ? 1001 CHL A CBC 1 
HETATM 1357 N  ND  . CHL B 2 .   ? -10.984 0.128   7.942   1.00 12.13 ? 1001 CHL A ND  1 
HETATM 1358 C  C1D . CHL B 2 .   ? -10.072 -0.033  8.867   1.00 12.02 ? 1001 CHL A C1D 1 
HETATM 1359 C  C2D . CHL B 2 .   ? -9.652  1.242   9.489   1.00 11.20 ? 1001 CHL A C2D 1 
HETATM 1360 C  C3D . CHL B 2 .   ? -10.499 2.152   8.740   1.00 11.69 ? 1001 CHL A C3D 1 
HETATM 1361 C  C4D . CHL B 2 .   ? -11.194 1.444   7.917   1.00 11.53 ? 1001 CHL A C4D 1 
HETATM 1362 C  CMD . CHL B 2 .   ? -8.637  1.651   10.511  1.00 10.35 ? 1001 CHL A CMD 1 
HETATM 1363 C  CAD . CHL B 2 .   ? -10.857 3.572   8.590   1.00 12.58 ? 1001 CHL A CAD 1 
HETATM 1364 O  OBD . CHL B 2 .   ? -10.338 4.518   9.209   1.00 11.77 ? 1001 CHL A OBD 1 
HETATM 1365 C  CBD . CHL B 2 .   ? -11.899 3.692   7.560   1.00 11.68 ? 1001 CHL A CBD 1 
HETATM 1366 C  CGD . CHL B 2 .   ? -13.094 4.429   8.054   1.00 14.21 ? 1001 CHL A CGD 1 
HETATM 1367 O  O1D . CHL B 2 .   ? -13.395 5.467   7.609   1.00 16.25 ? 1001 CHL A O1D 1 
HETATM 1368 O  O2D . CHL B 2 .   ? -13.913 3.944   9.082   1.00 15.70 ? 1001 CHL A O2D 1 
HETATM 1369 C  CED . CHL B 2 .   ? -14.820 4.770   9.709   1.00 16.25 ? 1001 CHL A CED 1 
HETATM 1370 C  C1  . CHL B 2 .   ? -16.156 6.528   5.524   1.00 21.18 ? 1001 CHL A C1  1 
HETATM 1371 C  C2  . CHL B 2 .   ? -17.637 6.386   5.583   1.00 22.95 ? 1001 CHL A C2  1 
HETATM 1372 C  C3  . CHL B 2 .   ? -18.297 6.349   6.733   1.00 24.08 ? 1001 CHL A C3  1 
HETATM 1373 C  C4  . CHL B 2 .   ? -17.577 6.492   8.000   1.00 25.32 ? 1001 CHL A C4  1 
HETATM 1374 C  C5  . CHL B 2 .   ? -19.761 6.180   6.769   1.00 22.52 ? 1001 CHL A C5  1 
HETATM 1375 C  C6  . CHL B 2 .   ? -20.106 4.900   7.480   1.00 25.80 ? 1001 CHL A C6  1 
HETATM 1376 C  C7  . CHL B 2 .   ? -19.338 3.689   7.019   1.00 24.34 ? 1001 CHL A C7  1 
HETATM 1377 C  C8  . CHL B 2 .   ? -19.757 2.473   7.822   1.00 26.95 ? 1001 CHL A C8  1 
HETATM 1378 C  C9  . CHL B 2 .   ? -18.722 2.068   8.845   1.00 22.38 ? 1001 CHL A C9  1 
HETATM 1379 C  C10 . CHL B 2 .   ? -20.129 1.320   6.921   1.00 25.01 ? 1001 CHL A C10 1 
HETATM 1380 C  C11 . CHL B 2 .   ? -21.437 1.612   6.271   1.00 26.52 ? 1001 CHL A C11 1 
HETATM 1381 C  C12 . CHL B 2 .   ? -22.035 0.324   5.792   1.00 30.41 ? 1001 CHL A C12 1 
HETATM 1382 C  C13 . CHL B 2 .   ? -23.052 0.524   4.690   1.00 30.50 ? 1001 CHL A C13 1 
HETATM 1383 C  C14 . CHL B 2 .   ? -24.296 1.218   5.179   1.00 28.49 ? 1001 CHL A C14 1 
HETATM 1384 C  C15 . CHL B 2 .   ? -23.414 -0.819  4.100   1.00 31.70 ? 1001 CHL A C15 1 
HETATM 1385 C  C16 . CHL B 2 .   ? -24.120 -0.664  2.764   1.00 32.38 ? 1001 CHL A C16 1 
HETATM 1386 C  C17 . CHL B 2 .   ? -24.540 -2.000  2.175   1.00 32.78 ? 1001 CHL A C17 1 
HETATM 1387 C  C18 . CHL B 2 .   ? -24.835 -1.850  0.701   1.00 32.56 ? 1001 CHL A C18 1 
HETATM 1388 C  C19 . CHL B 2 .   ? -24.352 -3.039  -0.055  1.00 33.60 ? 1001 CHL A C19 1 
HETATM 1389 C  C20 . CHL B 2 .   ? -26.305 -1.753  0.514   1.00 37.74 ? 1001 CHL A C20 1 
HETATM 1390 O  O   . HOH C 3 .   ? 11.228  5.504   10.779  1.00 20.81 ? 1101 HOH A O   1 
HETATM 1391 O  O   . HOH C 3 .   ? -1.521  9.043   8.824   1.00 17.92 ? 1102 HOH A O   1 
HETATM 1392 O  O   . HOH C 3 .   ? -10.728 5.118   12.011  0.50 26.24 ? 1103 HOH A O   1 
HETATM 1393 O  O   . HOH C 3 .   ? 13.317  6.215   -6.637  1.00 15.40 ? 1104 HOH A O   1 
HETATM 1394 O  O   . HOH C 3 .   ? -8.237  -1.677  -3.732  1.00 12.39 ? 1105 HOH A O   1 
HETATM 1395 O  O   . HOH C 3 .   ? 7.740   9.582   4.338   1.00 15.43 ? 1106 HOH A O   1 
HETATM 1396 O  O   . HOH C 3 .   ? -14.434 5.531   -10.520 1.00 17.45 ? 1107 HOH A O   1 
HETATM 1397 O  O   . HOH C 3 .   ? -0.268  -13.754 -4.250  1.00 10.74 ? 1108 HOH A O   1 
HETATM 1398 O  O   . HOH C 3 .   ? 11.750  -0.115  -2.590  1.00 28.47 ? 1109 HOH A O   1 
HETATM 1399 O  O   . HOH C 3 .   ? -1.311  11.526  -4.840  1.00 24.50 ? 1110 HOH A O   1 
HETATM 1400 O  O   . HOH C 3 .   ? -9.178  -5.632  -10.213 1.00 20.94 ? 1111 HOH A O   1 
HETATM 1401 O  O   . HOH C 3 .   ? -11.665 6.731   15.172  1.00 13.28 ? 1112 HOH A O   1 
HETATM 1402 O  O   . HOH C 3 .   ? -9.166  8.571   -6.993  1.00 14.58 ? 1113 HOH A O   1 
HETATM 1403 O  O   . HOH C 3 .   ? 1.949   5.041   -5.746  1.00 22.82 ? 1114 HOH A O   1 
HETATM 1404 O  O   . HOH C 3 .   ? 8.505   -1.434  7.910   1.00 24.57 ? 1115 HOH A O   1 
HETATM 1405 O  O   . HOH C 3 .   ? -1.916  3.028   6.386   1.00 19.18 ? 1116 HOH A O   1 
HETATM 1406 O  O   . HOH C 3 .   ? 3.047   -7.524  -0.405  1.00 23.90 ? 1117 HOH A O   1 
HETATM 1407 O  O   . HOH C 3 .   ? -13.719 -6.582  -1.414  1.00 11.97 ? 1118 HOH A O   1 
HETATM 1408 O  O   . HOH C 3 .   ? -14.064 3.956   -2.247  1.00 17.69 ? 1119 HOH A O   1 
HETATM 1409 O  O   . HOH C 3 .   ? -8.714  -9.746  2.026   1.00 17.51 ? 1120 HOH A O   1 
HETATM 1410 O  O   . HOH C 3 .   ? 1.641   -13.445 -9.018  1.00 33.24 ? 1121 HOH A O   1 
HETATM 1411 O  O   . HOH C 3 .   ? -12.194 12.276  11.303  1.00 22.13 ? 1122 HOH A O   1 
# 
